data_7RHX
#
_entry.id   7RHX
#
_cell.length_a   1.00
_cell.length_b   1.00
_cell.length_c   1.00
_cell.angle_alpha   90.00
_cell.angle_beta   90.00
_cell.angle_gamma   90.00
#
_symmetry.space_group_name_H-M   'P 1'
#
loop_
_entity.id
_entity.type
_entity.pdbx_description
1 polymer 'Recombinase cre'
2 polymer 'DNA (42-MER)'
3 polymer 'DNA (42-MER)'
#
loop_
_entity_poly.entity_id
_entity_poly.type
_entity_poly.pdbx_seq_one_letter_code
_entity_poly.pdbx_strand_id
1 'polypeptide(L)'
;MSNLLTVHQNLPALPVDATSDEVRKNLMDMFRDRQAFSEHTWKMLLSVCRSWAAWCKLNNRKWFPAEPEDVRDYLLYLQA
RGLAVKTIQQHLGQLNMLHRRSGLPRPSDSNAVSLVMRRIRKENVDAGERAKQALAFERTDFDQVRSLMENSDRCQDIRN
LAFLGIAYNTLLRIAEIARIRVKDISRTDGGRMLIHIGRTATLVSTAGVEKALSLGVTKLVERWISVSGVADDPNNYLFC
RVRKNGVAAPSATSQLSTRALEGIFEATHRLIYGAKDDSGQRYLAWSGHSARVGAARDMARAGVSIPEIMQAGGWTNVNI
VMNYIRNLDSETGAMVRLLEDGD
;
A,B,G,H
2 'polydeoxyribonucleotide'
;(DC)(DC)(DG)(DC)(DA)(DT)(DA)(DA)(DC)(DT)(DT)(DC)(DG)(DT)(DA)(DT)(DA)(DG)(DC)(DA)
(DT)(DA)(DC)(DA)(DT)(DT)(DA)(DT)(DA)(DC)(DG)(DA)(DA)(DG)(DT)(DT)(DA)(DT)(DC)(DG)
(DC)(DC)
;
C,E
3 'polydeoxyribonucleotide'
;(DG)(DG)(DC)(DG)(DA)(DT)(DA)(DA)(DC)(DT)(DT)(DC)(DG)(DT)(DA)(DT)(DA)(DA)(DT)(DG)
(DT)(DA)(DT)(DG)(DC)(DT)(DA)(DT)(DA)(DC)(DG)(DA)(DA)(DG)(DT)(DT)(DA)(DT)(DG)(DC)
(DG)(DG)
;
D,F
#
loop_
_chem_comp.id
_chem_comp.type
_chem_comp.name
_chem_comp.formula
DA DNA linking 2'-DEOXYADENOSINE-5'-MONOPHOSPHATE 'C10 H14 N5 O6 P'
DC DNA linking 2'-DEOXYCYTIDINE-5'-MONOPHOSPHATE 'C9 H14 N3 O7 P'
DG DNA linking 2'-DEOXYGUANOSINE-5'-MONOPHOSPHATE 'C10 H14 N5 O7 P'
DT DNA linking THYMIDINE-5'-MONOPHOSPHATE 'C10 H15 N2 O8 P'
#
# COMPACT_ATOMS: atom_id res chain seq x y z
N SER A 20 -36.08 -2.16 30.23
CA SER A 20 -36.37 -2.22 28.78
C SER A 20 -36.42 -3.67 28.29
N ASP A 21 -37.62 -4.14 27.95
CA ASP A 21 -37.82 -5.53 27.59
C ASP A 21 -37.20 -5.87 26.23
N GLU A 22 -36.90 -4.85 25.42
CA GLU A 22 -36.18 -5.09 24.18
C GLU A 22 -34.78 -5.65 24.43
N VAL A 23 -34.12 -5.20 25.49
CA VAL A 23 -32.85 -5.80 25.87
C VAL A 23 -33.04 -7.25 26.31
N ARG A 24 -34.12 -7.54 27.04
CA ARG A 24 -34.43 -8.91 27.39
C ARG A 24 -34.60 -9.79 26.14
N LYS A 25 -35.33 -9.27 25.15
CA LYS A 25 -35.44 -9.96 23.86
C LYS A 25 -34.08 -10.20 23.22
N ASN A 26 -33.26 -9.15 23.11
CA ASN A 26 -31.95 -9.29 22.47
C ASN A 26 -31.05 -10.28 23.18
N LEU A 27 -31.12 -10.34 24.51
CA LEU A 27 -30.33 -11.33 25.24
C LEU A 27 -30.87 -12.75 25.04
N MET A 28 -32.18 -12.93 25.07
CA MET A 28 -32.72 -14.26 24.78
C MET A 28 -32.32 -14.72 23.39
N ASP A 29 -32.40 -13.83 22.40
CA ASP A 29 -32.00 -14.16 21.04
C ASP A 29 -30.48 -14.24 20.88
N MET A 30 -29.72 -13.82 21.89
CA MET A 30 -28.27 -14.01 21.83
C MET A 30 -27.90 -15.39 22.34
N PHE A 31 -28.29 -15.72 23.57
CA PHE A 31 -27.85 -16.99 24.13
C PHE A 31 -28.59 -18.18 23.49
N ARG A 32 -29.72 -17.93 22.82
CA ARG A 32 -30.33 -18.98 22.01
C ARG A 32 -29.36 -19.55 20.97
N ASP A 33 -28.53 -18.70 20.36
CA ASP A 33 -27.56 -19.10 19.35
C ASP A 33 -26.13 -19.11 19.90
N ARG A 34 -25.94 -19.50 21.15
CA ARG A 34 -24.65 -19.36 21.80
C ARG A 34 -23.53 -20.08 21.04
N GLN A 35 -23.85 -21.10 20.25
CA GLN A 35 -22.84 -21.78 19.45
C GLN A 35 -22.25 -20.91 18.36
N ALA A 36 -22.75 -19.69 18.16
CA ALA A 36 -22.10 -18.74 17.26
C ALA A 36 -20.69 -18.37 17.69
N PHE A 37 -20.32 -18.59 18.95
CA PHE A 37 -19.02 -18.19 19.45
C PHE A 37 -18.27 -19.37 20.04
N SER A 38 -16.94 -19.29 20.00
CA SER A 38 -16.09 -20.28 20.63
C SER A 38 -16.33 -20.31 22.14
N GLU A 39 -16.15 -21.49 22.72
CA GLU A 39 -16.18 -21.61 24.18
C GLU A 39 -15.08 -20.82 24.86
N HIS A 40 -13.95 -20.61 24.19
CA HIS A 40 -12.91 -19.73 24.71
C HIS A 40 -13.31 -18.25 24.74
N THR A 41 -14.29 -17.84 23.92
CA THR A 41 -14.84 -16.49 24.07
C THR A 41 -15.76 -16.38 25.28
N TRP A 42 -16.70 -17.32 25.40
CA TRP A 42 -17.62 -17.31 26.53
C TRP A 42 -16.87 -17.41 27.86
N LYS A 43 -15.82 -18.22 27.91
CA LYS A 43 -15.00 -18.28 29.12
C LYS A 43 -14.51 -16.90 29.54
N MET A 44 -14.14 -16.06 28.59
CA MET A 44 -13.53 -14.77 28.90
C MET A 44 -14.57 -13.71 29.25
N LEU A 45 -15.69 -13.68 28.52
CA LEU A 45 -16.71 -12.66 28.79
C LEU A 45 -17.23 -12.72 30.22
N LEU A 46 -17.45 -13.91 30.76
CA LEU A 46 -17.91 -14.03 32.14
C LEU A 46 -16.83 -13.60 33.12
N SER A 47 -15.57 -13.93 32.84
CA SER A 47 -14.50 -13.52 33.74
C SER A 47 -14.36 -12.01 33.78
N VAL A 48 -14.56 -11.33 32.67
CA VAL A 48 -14.59 -9.86 32.68
C VAL A 48 -15.76 -9.34 33.51
N CYS A 49 -16.97 -9.85 33.23
CA CYS A 49 -18.15 -9.35 33.94
C CYS A 49 -18.06 -9.53 35.46
N ARG A 50 -17.48 -10.64 35.92
CA ARG A 50 -17.29 -10.79 37.37
C ARG A 50 -16.45 -9.68 37.99
N SER A 51 -15.40 -9.23 37.29
CA SER A 51 -14.56 -8.16 37.83
C SER A 51 -15.27 -6.81 37.76
N TRP A 52 -15.94 -6.53 36.65
CA TRP A 52 -16.65 -5.26 36.53
C TRP A 52 -17.77 -5.16 37.56
N ALA A 53 -18.52 -6.24 37.76
CA ALA A 53 -19.56 -6.24 38.78
C ALA A 53 -19.00 -6.10 40.18
N ALA A 54 -17.90 -6.79 40.50
CA ALA A 54 -17.31 -6.63 41.83
C ALA A 54 -16.83 -5.21 42.10
N TRP A 55 -16.16 -4.57 41.13
CA TRP A 55 -15.74 -3.19 41.31
C TRP A 55 -16.93 -2.24 41.45
N CYS A 56 -17.97 -2.40 40.61
CA CYS A 56 -19.15 -1.56 40.75
C CYS A 56 -19.81 -1.74 42.11
N LYS A 57 -19.90 -2.99 42.59
CA LYS A 57 -20.48 -3.24 43.91
C LYS A 57 -19.68 -2.54 44.99
N LEU A 58 -18.35 -2.65 44.93
CA LEU A 58 -17.51 -2.03 45.95
C LEU A 58 -17.66 -0.51 45.95
N ASN A 59 -17.78 0.11 44.77
CA ASN A 59 -17.83 1.56 44.68
C ASN A 59 -19.25 2.12 44.51
N ASN A 60 -20.28 1.30 44.74
CA ASN A 60 -21.68 1.72 44.69
C ASN A 60 -22.08 2.33 43.34
N ARG A 61 -21.42 1.92 42.26
CA ARG A 61 -21.83 2.34 40.92
C ARG A 61 -22.92 1.42 40.39
N LYS A 62 -23.71 1.93 39.46
CA LYS A 62 -24.71 1.11 38.78
C LYS A 62 -24.03 0.36 37.65
N TRP A 63 -24.11 -0.97 37.67
CA TRP A 63 -23.15 -1.78 36.96
C TRP A 63 -23.50 -2.04 35.50
N PHE A 64 -24.78 -2.25 35.17
CA PHE A 64 -25.04 -2.74 33.82
C PHE A 64 -24.86 -1.65 32.75
N PRO A 65 -25.73 -0.64 32.63
CA PRO A 65 -25.49 0.35 31.56
C PRO A 65 -24.29 1.22 31.89
N ALA A 66 -23.18 0.98 31.20
CA ALA A 66 -21.93 1.61 31.58
C ALA A 66 -21.97 3.10 31.26
N GLU A 67 -21.42 3.90 32.18
CA GLU A 67 -21.29 5.32 32.03
C GLU A 67 -19.83 5.70 31.79
N PRO A 68 -19.53 6.53 30.79
CA PRO A 68 -18.12 6.85 30.51
C PRO A 68 -17.33 7.36 31.72
N GLU A 69 -17.97 8.07 32.63
CA GLU A 69 -17.30 8.50 33.85
C GLU A 69 -17.03 7.36 34.82
N ASP A 70 -17.72 6.23 34.69
CA ASP A 70 -17.31 5.02 35.40
C ASP A 70 -16.19 4.27 34.68
N VAL A 71 -16.33 4.10 33.36
CA VAL A 71 -15.31 3.40 32.58
C VAL A 71 -13.94 4.07 32.70
N ARG A 72 -13.90 5.40 32.75
CA ARG A 72 -12.66 6.10 33.06
C ARG A 72 -12.03 5.60 34.36
N ASP A 73 -12.79 5.63 35.45
CA ASP A 73 -12.25 5.26 36.75
C ASP A 73 -11.81 3.80 36.79
N TYR A 74 -12.61 2.92 36.17
CA TYR A 74 -12.24 1.51 36.13
C TYR A 74 -10.96 1.26 35.34
N LEU A 75 -10.81 1.90 34.18
CA LEU A 75 -9.57 1.75 33.42
C LEU A 75 -8.37 2.30 34.18
N LEU A 76 -8.54 3.41 34.89
CA LEU A 76 -7.43 3.89 35.72
C LEU A 76 -7.11 2.96 36.88
N TYR A 77 -8.12 2.31 37.46
CA TYR A 77 -7.87 1.29 38.48
C TYR A 77 -7.08 0.11 37.93
N LEU A 78 -7.45 -0.35 36.73
CA LEU A 78 -6.68 -1.43 36.10
C LEU A 78 -5.24 -1.02 35.81
N GLN A 79 -5.03 0.22 35.36
CA GLN A 79 -3.66 0.69 35.16
C GLN A 79 -2.89 0.68 36.47
N ALA A 80 -3.50 1.20 37.55
CA ALA A 80 -2.80 1.26 38.84
C ALA A 80 -2.50 -0.14 39.37
N ARG A 81 -3.32 -1.12 39.03
CA ARG A 81 -3.04 -2.51 39.39
C ARG A 81 -1.91 -3.13 38.56
N GLY A 82 -1.51 -2.50 37.46
CA GLY A 82 -0.33 -2.91 36.72
C GLY A 82 -0.53 -3.94 35.63
N LEU A 83 -1.76 -4.16 35.19
CA LEU A 83 -2.01 -5.07 34.07
C LEU A 83 -1.38 -4.54 32.80
N ALA A 84 -1.07 -5.45 31.88
CA ALA A 84 -0.50 -5.06 30.60
C ALA A 84 -1.52 -4.34 29.75
N VAL A 85 -1.01 -3.54 28.80
CA VAL A 85 -1.86 -2.73 27.93
C VAL A 85 -2.87 -3.59 27.18
N LYS A 86 -2.41 -4.71 26.63
CA LYS A 86 -3.31 -5.58 25.87
C LYS A 86 -4.34 -6.30 26.74
N THR A 87 -4.05 -6.49 28.03
CA THR A 87 -5.09 -6.93 28.96
C THR A 87 -6.18 -5.88 29.11
N ILE A 88 -5.79 -4.61 29.23
CA ILE A 88 -6.77 -3.54 29.34
C ILE A 88 -7.60 -3.43 28.06
N GLN A 89 -6.97 -3.59 26.90
CA GLN A 89 -7.74 -3.60 25.66
C GLN A 89 -8.71 -4.78 25.60
N GLN A 90 -8.32 -5.93 26.12
CA GLN A 90 -9.26 -7.05 26.23
C GLN A 90 -10.47 -6.70 27.10
N HIS A 91 -10.21 -6.10 28.25
CA HIS A 91 -11.29 -5.69 29.14
C HIS A 91 -12.25 -4.71 28.49
N LEU A 92 -11.72 -3.70 27.79
CA LEU A 92 -12.62 -2.78 27.09
C LEU A 92 -13.36 -3.45 25.93
N GLY A 93 -12.68 -4.36 25.23
CA GLY A 93 -13.32 -5.05 24.11
C GLY A 93 -14.54 -5.85 24.53
N GLN A 94 -14.46 -6.57 25.64
CA GLN A 94 -15.62 -7.36 26.04
C GLN A 94 -16.80 -6.47 26.47
N LEU A 95 -16.53 -5.31 27.06
CA LEU A 95 -17.62 -4.40 27.40
C LEU A 95 -18.28 -3.85 26.13
N ASN A 96 -17.47 -3.56 25.12
CA ASN A 96 -18.05 -3.15 23.84
C ASN A 96 -18.94 -4.25 23.27
N MET A 97 -18.46 -5.49 23.29
CA MET A 97 -19.25 -6.57 22.72
C MET A 97 -20.58 -6.72 23.44
N LEU A 98 -20.56 -6.69 24.77
CA LEU A 98 -21.80 -6.82 25.53
C LEU A 98 -22.79 -5.71 25.21
N HIS A 99 -22.32 -4.46 25.14
CA HIS A 99 -23.24 -3.37 24.81
C HIS A 99 -23.77 -3.50 23.39
N ARG A 100 -22.90 -3.75 22.42
CA ARG A 100 -23.34 -3.83 21.04
C ARG A 100 -24.38 -4.92 20.85
N ARG A 101 -24.12 -6.12 21.36
CA ARG A 101 -25.12 -7.19 21.26
C ARG A 101 -26.37 -6.90 22.08
N SER A 102 -26.28 -6.08 23.13
CA SER A 102 -27.51 -5.65 23.80
C SER A 102 -28.29 -4.58 23.03
N GLY A 103 -27.69 -3.95 22.01
CA GLY A 103 -28.36 -2.89 21.28
C GLY A 103 -28.15 -1.49 21.79
N LEU A 104 -27.30 -1.30 22.79
CA LEU A 104 -27.07 0.01 23.40
C LEU A 104 -25.87 0.70 22.76
N PRO A 105 -25.74 2.01 22.95
CA PRO A 105 -24.58 2.72 22.38
C PRO A 105 -23.25 2.18 22.90
N ARG A 106 -22.31 2.06 21.97
CA ARG A 106 -21.00 1.48 22.24
C ARG A 106 -20.14 2.38 23.14
N PRO A 107 -19.74 1.91 24.32
CA PRO A 107 -19.01 2.79 25.26
C PRO A 107 -17.72 3.39 24.71
N SER A 108 -16.98 2.65 23.89
CA SER A 108 -15.75 3.17 23.31
C SER A 108 -15.98 4.38 22.41
N ASP A 109 -17.21 4.65 22.00
CA ASP A 109 -17.48 5.81 21.16
C ASP A 109 -17.37 7.13 21.91
N SER A 110 -17.42 7.12 23.24
CA SER A 110 -17.38 8.37 23.98
C SER A 110 -16.01 9.03 23.88
N ASN A 111 -16.02 10.36 23.95
CA ASN A 111 -14.80 11.17 23.85
C ASN A 111 -13.83 10.88 24.99
N ALA A 112 -14.33 10.69 26.20
CA ALA A 112 -13.46 10.52 27.37
C ALA A 112 -12.62 9.26 27.30
N VAL A 113 -13.24 8.12 26.96
CA VAL A 113 -12.51 6.86 27.07
C VAL A 113 -11.44 6.71 25.99
N SER A 114 -11.62 7.33 24.83
CA SER A 114 -10.55 7.29 23.82
C SER A 114 -9.33 8.11 24.26
N LEU A 115 -9.57 9.27 24.86
CA LEU A 115 -8.47 10.05 25.44
C LEU A 115 -7.76 9.28 26.55
N VAL A 116 -8.53 8.62 27.41
CA VAL A 116 -7.92 7.79 28.44
C VAL A 116 -7.06 6.69 27.84
N MET A 117 -7.59 5.95 26.87
CA MET A 117 -6.81 4.86 26.28
C MET A 117 -5.54 5.36 25.61
N ARG A 118 -5.60 6.51 24.94
CA ARG A 118 -4.38 7.10 24.38
C ARG A 118 -3.36 7.41 25.46
N ARG A 119 -3.82 8.01 26.57
CA ARG A 119 -2.92 8.31 27.67
C ARG A 119 -2.30 7.04 28.25
N ILE A 120 -3.12 6.01 28.44
CA ILE A 120 -2.63 4.78 29.03
C ILE A 120 -1.52 4.18 28.18
N ARG A 121 -1.79 3.98 26.89
CA ARG A 121 -0.80 3.31 26.06
C ARG A 121 0.48 4.13 25.95
N LYS A 122 0.36 5.46 25.80
CA LYS A 122 1.58 6.26 25.70
C LYS A 122 2.38 6.27 27.00
N GLU A 123 1.71 6.24 28.15
CA GLU A 123 2.45 6.14 29.40
C GLU A 123 3.14 4.79 29.54
N ASN A 124 2.40 3.70 29.34
CA ASN A 124 3.00 2.38 29.55
C ASN A 124 4.12 2.10 28.56
N VAL A 125 4.02 2.60 27.33
CA VAL A 125 5.11 2.44 26.38
C VAL A 125 6.32 3.29 26.78
N ASP A 126 6.08 4.47 27.38
CA ASP A 126 7.22 5.24 27.89
C ASP A 126 7.85 4.62 29.13
N ALA A 127 7.08 3.88 29.93
CA ALA A 127 7.66 3.07 31.00
C ALA A 127 8.51 1.89 30.53
N GLY A 128 8.49 1.53 29.25
CA GLY A 128 9.41 0.53 28.74
C GLY A 128 8.93 -0.91 28.70
N GLU A 129 7.62 -1.15 28.74
CA GLU A 129 7.09 -2.49 28.57
C GLU A 129 7.42 -3.03 27.18
N ARG A 130 7.78 -4.33 27.12
CA ARG A 130 8.17 -4.98 25.88
C ARG A 130 7.51 -6.34 25.78
N ALA A 131 7.05 -6.67 24.57
CA ALA A 131 6.43 -7.96 24.31
C ALA A 131 7.43 -9.10 24.33
N LYS A 132 7.02 -10.22 24.89
CA LYS A 132 7.85 -11.42 25.03
C LYS A 132 7.48 -12.44 23.96
N GLN A 133 8.33 -13.46 23.83
CA GLN A 133 8.25 -14.40 22.73
C GLN A 133 8.79 -15.74 23.16
N ALA A 134 8.22 -16.81 22.61
CA ALA A 134 8.52 -18.17 23.05
C ALA A 134 9.98 -18.55 22.78
N LEU A 135 10.53 -19.35 23.68
CA LEU A 135 11.86 -19.90 23.55
C LEU A 135 11.93 -20.91 22.41
N ALA A 136 12.93 -20.78 21.54
CA ALA A 136 13.03 -21.63 20.37
C ALA A 136 13.47 -23.05 20.74
N PHE A 137 12.97 -24.01 19.98
CA PHE A 137 13.44 -25.40 19.96
C PHE A 137 13.99 -25.71 18.59
N GLU A 138 15.28 -26.05 18.51
CA GLU A 138 16.02 -25.97 17.27
C GLU A 138 16.67 -27.31 16.95
N ARG A 139 17.07 -27.46 15.68
CA ARG A 139 17.55 -28.74 15.16
C ARG A 139 18.60 -29.40 16.05
N THR A 140 19.51 -28.61 16.62
CA THR A 140 20.53 -29.18 17.50
C THR A 140 19.92 -29.77 18.77
N ASP A 141 18.80 -29.21 19.22
CA ASP A 141 18.10 -29.79 20.37
C ASP A 141 17.41 -31.09 19.99
N PHE A 142 16.77 -31.13 18.83
CA PHE A 142 16.13 -32.37 18.40
C PHE A 142 17.15 -33.49 18.26
N ASP A 143 18.30 -33.20 17.65
CA ASP A 143 19.40 -34.16 17.61
C ASP A 143 19.86 -34.59 18.99
N GLN A 144 19.93 -33.67 19.94
CA GLN A 144 20.41 -34.04 21.27
C GLN A 144 19.41 -34.92 21.99
N VAL A 145 18.16 -34.50 22.08
CA VAL A 145 17.15 -35.29 22.77
C VAL A 145 17.00 -36.66 22.13
N ARG A 146 17.10 -36.73 20.81
CA ARG A 146 17.04 -38.01 20.11
C ARG A 146 18.18 -38.91 20.54
N SER A 147 19.42 -38.45 20.37
CA SER A 147 20.56 -39.31 20.72
C SER A 147 20.62 -39.62 22.21
N LEU A 148 20.01 -38.79 23.06
CA LEU A 148 19.93 -39.07 24.49
C LEU A 148 18.83 -40.06 24.86
N MET A 149 17.78 -40.21 24.05
CA MET A 149 16.58 -40.90 24.48
C MET A 149 16.20 -42.12 23.64
N GLU A 150 16.66 -42.20 22.39
CA GLU A 150 16.11 -43.17 21.44
C GLU A 150 16.31 -44.62 21.89
N ASN A 151 17.24 -44.89 22.81
CA ASN A 151 17.49 -46.26 23.24
C ASN A 151 16.55 -46.75 24.34
N SER A 152 15.73 -45.88 24.91
CA SER A 152 14.82 -46.32 25.96
C SER A 152 13.83 -47.36 25.44
N ASP A 153 13.64 -48.43 26.23
CA ASP A 153 12.52 -49.34 26.04
C ASP A 153 11.25 -48.86 26.71
N ARG A 154 11.35 -47.92 27.64
CA ARG A 154 10.19 -47.44 28.38
C ARG A 154 9.20 -46.76 27.45
N CYS A 155 7.97 -47.29 27.44
CA CYS A 155 6.95 -46.87 26.47
C CYS A 155 6.70 -45.37 26.50
N GLN A 156 6.68 -44.77 27.69
CA GLN A 156 6.49 -43.32 27.81
C GLN A 156 7.55 -42.54 27.02
N ASP A 157 8.78 -43.05 26.98
CA ASP A 157 9.81 -42.35 26.23
C ASP A 157 9.59 -42.49 24.73
N ILE A 158 9.10 -43.63 24.26
CA ILE A 158 8.76 -43.78 22.85
C ILE A 158 7.66 -42.81 22.47
N ARG A 159 6.62 -42.74 23.29
CA ARG A 159 5.50 -41.83 23.06
C ARG A 159 5.96 -40.39 22.96
N ASN A 160 6.80 -39.94 23.90
CA ASN A 160 7.25 -38.55 23.86
C ASN A 160 8.15 -38.29 22.66
N LEU A 161 9.10 -39.19 22.39
CA LEU A 161 10.00 -38.95 21.27
C LEU A 161 9.26 -38.93 19.94
N ALA A 162 8.19 -39.72 19.80
CA ALA A 162 7.36 -39.62 18.60
C ALA A 162 6.62 -38.29 18.52
N PHE A 163 6.11 -37.81 19.66
CA PHE A 163 5.37 -36.55 19.64
C PHE A 163 6.25 -35.38 19.22
N LEU A 164 7.46 -35.29 19.79
CA LEU A 164 8.32 -34.17 19.41
C LEU A 164 8.68 -34.20 17.93
N GLY A 165 8.85 -35.40 17.37
CA GLY A 165 9.10 -35.49 15.95
C GLY A 165 7.96 -35.00 15.09
N ILE A 166 6.74 -35.41 15.40
CA ILE A 166 5.59 -34.93 14.62
C ILE A 166 5.43 -33.43 14.78
N ALA A 167 5.63 -32.91 15.98
CA ALA A 167 5.47 -31.48 16.22
C ALA A 167 6.46 -30.66 15.42
N TYR A 168 7.75 -31.01 15.48
CA TYR A 168 8.74 -30.25 14.74
C TYR A 168 8.61 -30.44 13.23
N ASN A 169 8.28 -31.64 12.76
CA ASN A 169 8.18 -31.85 11.33
C ASN A 169 6.95 -31.18 10.70
N THR A 170 5.84 -31.03 11.42
CA THR A 170 4.62 -30.57 10.75
C THR A 170 4.21 -29.13 11.08
N LEU A 171 4.79 -28.50 12.09
CA LEU A 171 4.43 -27.16 12.53
C LEU A 171 2.96 -27.02 12.93
N LEU A 172 2.25 -28.13 13.12
CA LEU A 172 0.88 -28.06 13.61
C LEU A 172 0.83 -27.48 15.01
N ARG A 173 -0.29 -26.84 15.34
CA ARG A 173 -0.56 -26.43 16.71
C ARG A 173 -0.98 -27.64 17.54
N ILE A 174 -0.69 -27.58 18.84
CA ILE A 174 -0.90 -28.74 19.70
C ILE A 174 -2.37 -29.14 19.79
N ALA A 175 -3.29 -28.18 19.68
CA ALA A 175 -4.70 -28.56 19.66
C ALA A 175 -5.09 -29.26 18.37
N GLU A 176 -4.32 -29.08 17.29
CA GLU A 176 -4.59 -29.82 16.06
C GLU A 176 -3.95 -31.21 16.11
N ILE A 177 -2.78 -31.31 16.72
CA ILE A 177 -2.12 -32.60 16.90
C ILE A 177 -2.93 -33.52 17.80
N ALA A 178 -3.60 -32.97 18.81
CA ALA A 178 -4.35 -33.83 19.71
C ALA A 178 -5.48 -34.60 19.02
N ARG A 179 -5.92 -34.18 17.83
CA ARG A 179 -7.10 -34.75 17.18
C ARG A 179 -6.81 -35.77 16.09
N ILE A 180 -5.56 -36.13 15.82
CA ILE A 180 -5.23 -37.01 14.70
C ILE A 180 -5.77 -38.41 14.98
N ARG A 181 -6.76 -38.84 14.18
CA ARG A 181 -7.21 -40.22 14.17
C ARG A 181 -6.23 -41.11 13.40
N VAL A 182 -6.10 -42.36 13.84
CA VAL A 182 -5.28 -43.31 13.10
C VAL A 182 -5.89 -43.63 11.73
N LYS A 183 -7.19 -43.40 11.56
CA LYS A 183 -7.82 -43.42 10.25
C LYS A 183 -7.18 -42.45 9.26
N ASP A 184 -6.61 -41.34 9.76
CA ASP A 184 -6.07 -40.32 8.88
C ASP A 184 -4.66 -40.58 8.38
N ILE A 185 -3.99 -41.62 8.87
CA ILE A 185 -2.65 -41.94 8.41
C ILE A 185 -2.73 -42.78 7.14
N SER A 186 -1.83 -42.50 6.20
CA SER A 186 -1.64 -43.30 5.00
C SER A 186 -0.15 -43.39 4.72
N ARG A 187 0.24 -44.31 3.84
CA ARG A 187 1.66 -44.62 3.63
C ARG A 187 1.94 -44.75 2.15
N THR A 188 2.64 -43.75 1.61
CA THR A 188 2.81 -43.62 0.17
C THR A 188 3.78 -44.67 -0.36
N ASP A 189 3.83 -44.78 -1.69
CA ASP A 189 4.66 -45.79 -2.33
C ASP A 189 6.15 -45.58 -2.05
N GLY A 190 6.58 -44.34 -1.84
CA GLY A 190 7.93 -44.09 -1.38
C GLY A 190 8.15 -44.42 0.09
N GLY A 191 7.09 -44.75 0.82
CA GLY A 191 7.20 -45.15 2.21
C GLY A 191 6.96 -44.05 3.22
N ARG A 192 6.93 -42.79 2.79
CA ARG A 192 6.65 -41.70 3.71
C ARG A 192 5.21 -41.72 4.17
N MET A 193 4.99 -41.41 5.43
CA MET A 193 3.64 -41.25 5.95
C MET A 193 3.01 -39.98 5.43
N LEU A 194 1.72 -40.03 5.13
CA LEU A 194 0.91 -38.87 4.82
C LEU A 194 -0.19 -38.71 5.86
N ILE A 195 -0.26 -37.53 6.47
CA ILE A 195 -1.26 -37.20 7.46
C ILE A 195 -2.28 -36.28 6.79
N HIS A 196 -3.53 -36.74 6.77
CA HIS A 196 -4.65 -35.94 6.27
C HIS A 196 -5.16 -35.03 7.37
N ILE A 197 -5.42 -33.77 7.01
CA ILE A 197 -5.94 -32.79 7.96
C ILE A 197 -7.45 -32.96 8.07
N GLY A 198 -7.90 -33.49 9.20
CA GLY A 198 -9.32 -33.76 9.41
C GLY A 198 -10.19 -32.52 9.43
N ARG A 199 -10.01 -31.67 10.44
CA ARG A 199 -10.70 -30.38 10.53
C ARG A 199 -9.71 -29.26 10.28
N THR A 200 -10.00 -28.44 9.27
CA THR A 200 -9.15 -27.29 8.98
C THR A 200 -9.46 -26.14 9.94
N ALA A 201 -8.45 -25.28 10.12
CA ALA A 201 -8.61 -24.11 10.97
C ALA A 201 -9.58 -23.10 10.38
N THR A 202 -9.66 -23.03 9.05
CA THR A 202 -10.35 -21.94 8.37
C THR A 202 -11.01 -22.49 7.11
N LEU A 203 -12.07 -21.81 6.67
CA LEU A 203 -12.84 -22.30 5.54
C LEU A 203 -11.99 -22.34 4.27
N VAL A 204 -11.10 -21.38 4.10
CA VAL A 204 -10.06 -21.43 3.08
C VAL A 204 -8.77 -21.88 3.78
N SER A 205 -8.40 -23.14 3.57
CA SER A 205 -7.31 -23.77 4.32
C SER A 205 -5.97 -23.35 3.71
N THR A 206 -5.48 -22.19 4.14
CA THR A 206 -4.24 -21.64 3.61
C THR A 206 -3.03 -22.55 3.86
N ALA A 207 -3.12 -23.46 4.84
CA ALA A 207 -2.05 -24.42 5.09
C ALA A 207 -2.08 -25.65 4.19
N GLY A 208 -3.08 -25.79 3.33
CA GLY A 208 -3.23 -27.02 2.55
C GLY A 208 -4.11 -28.05 3.23
N VAL A 209 -3.92 -29.30 2.79
CA VAL A 209 -4.79 -30.39 3.22
C VAL A 209 -4.03 -31.64 3.66
N GLU A 210 -2.75 -31.80 3.34
CA GLU A 210 -2.02 -33.02 3.66
C GLU A 210 -0.59 -32.67 3.97
N LYS A 211 0.02 -33.41 4.91
CA LYS A 211 1.42 -33.20 5.24
C LYS A 211 2.18 -34.51 5.29
N ALA A 212 3.40 -34.49 4.75
CA ALA A 212 4.24 -35.68 4.66
C ALA A 212 5.31 -35.65 5.74
N LEU A 213 5.51 -36.78 6.42
CA LEU A 213 6.58 -36.94 7.38
C LEU A 213 7.87 -37.41 6.71
N SER A 214 8.99 -37.00 7.28
CA SER A 214 10.29 -37.54 6.90
C SER A 214 10.34 -39.05 7.09
N LEU A 215 11.23 -39.69 6.31
CA LEU A 215 11.52 -41.11 6.50
C LEU A 215 12.03 -41.40 7.91
N GLY A 216 12.88 -40.54 8.45
CA GLY A 216 13.39 -40.76 9.80
C GLY A 216 12.32 -40.72 10.87
N VAL A 217 11.41 -39.74 10.79
CA VAL A 217 10.31 -39.66 11.75
C VAL A 217 9.34 -40.83 11.59
N THR A 218 9.09 -41.25 10.36
CA THR A 218 8.17 -42.36 10.13
C THR A 218 8.57 -43.59 10.95
N LYS A 219 9.87 -43.90 11.02
CA LYS A 219 10.31 -45.03 11.83
C LYS A 219 9.91 -44.88 13.31
N LEU A 220 9.92 -43.66 13.82
CA LEU A 220 9.51 -43.42 15.21
C LEU A 220 8.02 -43.63 15.39
N VAL A 221 7.23 -43.15 14.42
CA VAL A 221 5.79 -43.29 14.54
C VAL A 221 5.37 -44.74 14.38
N GLU A 222 6.02 -45.47 13.47
CA GLU A 222 5.75 -46.90 13.34
C GLU A 222 6.14 -47.66 14.60
N ARG A 223 7.24 -47.27 15.25
CA ARG A 223 7.59 -47.86 16.54
C ARG A 223 6.49 -47.65 17.57
N TRP A 224 5.95 -46.43 17.64
CA TRP A 224 4.86 -46.17 18.57
C TRP A 224 3.61 -46.99 18.22
N ILE A 225 3.19 -46.97 16.97
CA ILE A 225 1.96 -47.66 16.60
C ILE A 225 2.08 -49.16 16.85
N SER A 226 3.24 -49.74 16.59
CA SER A 226 3.44 -51.17 16.86
C SER A 226 3.47 -51.48 18.36
N VAL A 227 4.10 -50.63 19.18
CA VAL A 227 4.13 -50.92 20.61
C VAL A 227 2.77 -50.69 21.28
N SER A 228 2.08 -49.62 20.93
CA SER A 228 0.87 -49.25 21.66
C SER A 228 -0.35 -50.11 21.33
N GLY A 229 -0.33 -50.86 20.23
CA GLY A 229 -1.51 -51.59 19.85
C GLY A 229 -2.69 -50.74 19.44
N VAL A 230 -2.50 -49.43 19.28
CA VAL A 230 -3.59 -48.50 19.02
C VAL A 230 -4.25 -48.71 17.68
N ALA A 231 -3.62 -49.48 16.78
CA ALA A 231 -4.14 -49.74 15.44
C ALA A 231 -5.26 -50.79 15.42
N ASP A 232 -5.76 -51.22 16.56
CA ASP A 232 -6.81 -52.25 16.56
C ASP A 232 -8.15 -51.72 16.06
N ASP A 233 -8.32 -50.39 15.98
CA ASP A 233 -9.59 -49.82 15.55
C ASP A 233 -9.35 -48.44 14.93
N PRO A 234 -9.79 -48.22 13.69
CA PRO A 234 -9.56 -46.92 13.03
C PRO A 234 -10.00 -45.69 13.81
N ASN A 235 -11.03 -45.78 14.65
CA ASN A 235 -11.50 -44.61 15.39
C ASN A 235 -10.62 -44.24 16.58
N ASN A 236 -9.63 -45.03 16.93
CA ASN A 236 -8.76 -44.69 18.05
C ASN A 236 -7.97 -43.41 17.77
N TYR A 237 -7.76 -42.61 18.81
CA TYR A 237 -6.83 -41.49 18.73
C TYR A 237 -5.39 -41.97 18.82
N LEU A 238 -4.51 -41.32 18.06
CA LEU A 238 -3.14 -41.78 17.93
C LEU A 238 -2.36 -41.70 19.24
N PHE A 239 -2.65 -40.72 20.09
CA PHE A 239 -1.94 -40.53 21.35
C PHE A 239 -2.87 -40.75 22.54
N CYS A 240 -2.34 -41.33 23.61
CA CYS A 240 -3.14 -41.73 24.75
C CYS A 240 -2.29 -41.68 26.02
N ARG A 241 -2.96 -41.76 27.16
CA ARG A 241 -2.30 -41.78 28.45
C ARG A 241 -1.65 -43.13 28.73
N VAL A 242 -0.57 -43.10 29.52
CA VAL A 242 0.14 -44.29 29.97
C VAL A 242 0.11 -44.32 31.49
N ARG A 243 -0.49 -45.37 32.04
CA ARG A 243 -0.72 -45.46 33.48
C ARG A 243 0.60 -45.65 34.24
N LYS A 244 0.52 -45.48 35.55
CA LYS A 244 1.63 -45.79 36.46
C LYS A 244 2.23 -47.17 36.18
N ASN A 245 1.41 -48.13 35.80
CA ASN A 245 1.89 -49.47 35.48
C ASN A 245 2.73 -49.53 34.23
N GLY A 246 2.79 -48.47 33.43
CA GLY A 246 3.54 -48.52 32.19
C GLY A 246 2.79 -49.17 31.05
N VAL A 247 1.47 -49.07 31.03
CA VAL A 247 0.62 -49.71 30.04
C VAL A 247 -0.28 -48.66 29.41
N ALA A 248 -0.43 -48.73 28.10
CA ALA A 248 -1.26 -47.77 27.38
C ALA A 248 -2.73 -48.12 27.51
N ALA A 249 -3.58 -47.11 27.34
CA ALA A 249 -5.03 -47.26 27.44
C ALA A 249 -5.70 -46.64 26.22
N PRO A 250 -5.82 -47.39 25.13
CA PRO A 250 -6.44 -46.83 23.92
C PRO A 250 -7.86 -46.36 24.18
N SER A 251 -8.27 -45.35 23.41
CA SER A 251 -9.61 -44.79 23.53
C SER A 251 -10.06 -44.23 22.19
N ALA A 252 -11.36 -44.32 21.95
CA ALA A 252 -12.01 -43.68 20.81
C ALA A 252 -12.87 -42.49 21.18
N THR A 253 -12.88 -42.09 22.46
CA THR A 253 -13.83 -41.11 22.95
C THR A 253 -13.19 -39.99 23.78
N SER A 254 -11.88 -40.01 24.01
CA SER A 254 -11.25 -39.00 24.83
C SER A 254 -9.84 -38.72 24.34
N GLN A 255 -9.39 -37.49 24.57
CA GLN A 255 -8.11 -36.99 24.07
C GLN A 255 -7.26 -36.57 25.26
N LEU A 256 -5.94 -36.64 25.09
CA LEU A 256 -5.06 -35.95 26.03
C LEU A 256 -5.37 -34.47 26.07
N SER A 257 -5.35 -33.90 27.27
CA SER A 257 -5.48 -32.46 27.43
C SER A 257 -4.23 -31.76 26.89
N THR A 258 -4.44 -30.59 26.28
CA THR A 258 -3.30 -29.76 25.88
C THR A 258 -2.43 -29.40 27.07
N ARG A 259 -3.04 -29.27 28.24
CA ARG A 259 -2.28 -29.09 29.48
C ARG A 259 -1.32 -30.24 29.73
N ALA A 260 -1.73 -31.46 29.39
CA ALA A 260 -0.83 -32.60 29.52
C ALA A 260 0.29 -32.56 28.48
N LEU A 261 -0.02 -32.14 27.25
CA LEU A 261 1.01 -32.03 26.23
C LEU A 261 2.08 -31.00 26.58
N GLU A 262 1.71 -29.88 27.18
CA GLU A 262 2.72 -28.93 27.65
C GLU A 262 3.67 -29.57 28.67
N GLY A 263 3.19 -30.54 29.44
CA GLY A 263 4.06 -31.24 30.36
C GLY A 263 5.17 -32.01 29.68
N ILE A 264 4.96 -32.43 28.43
CA ILE A 264 6.01 -33.15 27.71
C ILE A 264 7.19 -32.22 27.43
N PHE A 265 6.92 -31.01 26.96
CA PHE A 265 7.97 -30.03 26.74
C PHE A 265 8.66 -29.65 28.04
N GLU A 266 7.87 -29.41 29.10
CA GLU A 266 8.49 -29.05 30.37
C GLU A 266 9.39 -30.17 30.89
N ALA A 267 8.89 -31.40 30.93
CA ALA A 267 9.69 -32.52 31.42
C ALA A 267 10.94 -32.74 30.58
N THR A 268 10.83 -32.59 29.25
CA THR A 268 12.02 -32.77 28.42
C THR A 268 13.07 -31.69 28.66
N HIS A 269 12.64 -30.45 28.90
CA HIS A 269 13.60 -29.41 29.24
C HIS A 269 14.25 -29.67 30.60
N ARG A 270 13.43 -29.96 31.60
CA ARG A 270 13.93 -30.32 32.93
C ARG A 270 14.89 -31.51 32.91
N LEU A 271 14.73 -32.41 31.94
CA LEU A 271 15.64 -33.55 31.85
C LEU A 271 17.07 -33.17 31.50
N ILE A 272 17.27 -32.10 30.73
CA ILE A 272 18.59 -31.73 30.25
C ILE A 272 19.21 -30.60 31.06
N TYR A 273 18.43 -29.57 31.37
CA TYR A 273 18.90 -28.43 32.14
C TYR A 273 18.54 -28.61 33.62
N GLY A 274 18.57 -27.52 34.38
CA GLY A 274 18.16 -27.55 35.77
C GLY A 274 16.66 -27.42 35.99
N ALA A 275 16.24 -26.41 36.74
CA ALA A 275 14.84 -26.10 36.92
C ALA A 275 14.63 -24.59 36.83
N LYS A 276 13.38 -24.18 36.75
CA LYS A 276 13.05 -22.76 36.64
C LYS A 276 13.60 -21.98 37.82
N ASP A 277 13.88 -20.70 37.57
CA ASP A 277 14.12 -19.72 38.61
C ASP A 277 12.82 -19.44 39.38
N ASP A 278 12.98 -18.80 40.53
CA ASP A 278 11.85 -18.28 41.29
C ASP A 278 11.34 -16.95 40.75
N SER A 279 11.83 -16.51 39.60
CA SER A 279 11.50 -15.18 39.09
C SER A 279 10.05 -15.08 38.63
N GLY A 280 9.38 -16.21 38.41
CA GLY A 280 7.98 -16.18 38.04
C GLY A 280 7.67 -15.69 36.64
N GLN A 281 8.69 -15.45 35.82
CA GLN A 281 8.47 -14.96 34.47
C GLN A 281 8.01 -16.09 33.54
N ARG A 282 7.30 -15.69 32.48
CA ARG A 282 6.94 -16.62 31.42
C ARG A 282 8.12 -16.98 30.52
N TYR A 283 7.96 -18.10 29.81
CA TYR A 283 8.89 -18.52 28.76
C TYR A 283 10.28 -18.81 29.29
N LEU A 284 10.36 -19.39 30.47
CA LEU A 284 11.61 -19.90 31.00
C LEU A 284 11.98 -21.26 30.43
N ALA A 285 11.05 -21.94 29.75
CA ALA A 285 11.30 -23.27 29.20
C ALA A 285 10.49 -23.44 27.92
N TRP A 286 10.82 -24.49 27.17
CA TRP A 286 10.12 -24.77 25.92
C TRP A 286 8.62 -24.90 26.12
N SER A 287 7.87 -24.55 25.08
CA SER A 287 6.43 -24.41 25.17
C SER A 287 5.83 -24.74 23.80
N GLY A 288 4.50 -24.77 23.75
CA GLY A 288 3.80 -25.25 22.57
C GLY A 288 4.15 -24.56 21.26
N HIS A 289 4.51 -23.28 21.31
CA HIS A 289 4.97 -22.58 20.11
C HIS A 289 6.47 -22.68 19.85
N SER A 290 7.24 -23.32 20.72
CA SER A 290 8.68 -23.38 20.53
C SER A 290 9.08 -24.03 19.20
N ALA A 291 8.29 -25.00 18.73
CA ALA A 291 8.58 -25.66 17.47
C ALA A 291 8.34 -24.77 16.26
N ARG A 292 7.21 -24.05 16.23
CA ARG A 292 6.94 -23.18 15.09
C ARG A 292 8.02 -22.10 14.94
N VAL A 293 8.44 -21.49 16.05
CA VAL A 293 9.53 -20.52 16.02
C VAL A 293 10.82 -21.16 15.55
N GLY A 294 11.18 -22.32 16.13
CA GLY A 294 12.47 -22.89 15.81
C GLY A 294 12.56 -23.35 14.36
N ALA A 295 11.50 -24.00 13.87
CA ALA A 295 11.47 -24.42 12.47
C ALA A 295 11.53 -23.22 11.53
N ALA A 296 10.77 -22.15 11.82
CA ALA A 296 10.85 -20.97 10.98
C ALA A 296 12.26 -20.39 10.93
N ARG A 297 12.92 -20.27 12.08
CA ARG A 297 14.29 -19.77 12.09
C ARG A 297 15.27 -20.67 11.34
N ASP A 298 15.11 -21.99 11.47
CA ASP A 298 15.92 -22.90 10.67
C ASP A 298 15.71 -22.72 9.18
N MET A 299 14.46 -22.60 8.74
CA MET A 299 14.20 -22.37 7.32
C MET A 299 14.78 -21.05 6.83
N ALA A 300 14.63 -19.99 7.61
CA ALA A 300 15.16 -18.69 7.21
C ALA A 300 16.69 -18.64 7.26
N ARG A 301 17.31 -19.45 8.10
CA ARG A 301 18.77 -19.53 8.10
C ARG A 301 19.30 -20.25 6.85
N ALA A 302 18.60 -21.26 6.38
CA ALA A 302 18.83 -21.77 5.04
C ALA A 302 18.29 -20.79 4.00
N GLY A 303 18.38 -21.18 2.74
CA GLY A 303 18.11 -20.34 1.60
C GLY A 303 16.66 -20.17 1.21
N VAL A 304 15.72 -20.68 2.01
CA VAL A 304 14.34 -20.80 1.56
C VAL A 304 13.75 -19.42 1.38
N SER A 305 12.95 -19.25 0.33
CA SER A 305 12.34 -17.96 0.04
C SER A 305 11.19 -17.66 0.99
N ILE A 306 10.93 -16.36 1.14
CA ILE A 306 9.90 -15.90 2.08
C ILE A 306 8.54 -16.53 1.81
N PRO A 307 8.01 -16.53 0.59
CA PRO A 307 6.70 -17.17 0.38
C PRO A 307 6.70 -18.67 0.59
N GLU A 308 7.80 -19.36 0.32
CA GLU A 308 7.84 -20.79 0.57
C GLU A 308 7.93 -21.13 2.05
N ILE A 309 8.52 -20.24 2.85
CA ILE A 309 8.36 -20.33 4.30
C ILE A 309 6.92 -20.08 4.69
N MET A 310 6.35 -18.98 4.20
CA MET A 310 5.05 -18.53 4.68
C MET A 310 3.96 -19.55 4.39
N GLN A 311 4.05 -20.23 3.25
CA GLN A 311 3.10 -21.29 2.93
C GLN A 311 3.24 -22.51 3.81
N ALA A 312 4.45 -22.81 4.30
CA ALA A 312 4.62 -24.03 5.07
C ALA A 312 3.89 -23.95 6.42
N GLY A 313 4.01 -22.83 7.12
CA GLY A 313 3.39 -22.69 8.42
C GLY A 313 1.96 -22.22 8.42
N GLY A 314 1.46 -21.75 7.29
CA GLY A 314 0.10 -21.28 7.19
C GLY A 314 -0.11 -19.85 7.63
N TRP A 315 0.95 -19.04 7.70
CA TRP A 315 0.81 -17.63 7.97
C TRP A 315 0.28 -16.92 6.73
N THR A 316 -0.23 -15.70 6.93
CA THR A 316 -0.59 -14.87 5.80
C THR A 316 -0.03 -13.45 5.89
N ASN A 317 0.02 -12.87 7.09
CA ASN A 317 0.74 -11.61 7.27
C ASN A 317 2.25 -11.82 7.33
N VAL A 318 2.97 -10.88 6.70
CA VAL A 318 4.43 -10.85 6.76
C VAL A 318 4.92 -10.61 8.19
N ASN A 319 4.17 -9.83 8.96
CA ASN A 319 4.69 -9.25 10.20
C ASN A 319 5.23 -10.30 11.17
N ILE A 320 4.45 -11.34 11.47
CA ILE A 320 4.91 -12.32 12.46
C ILE A 320 6.10 -13.12 11.97
N VAL A 321 6.13 -13.44 10.68
CA VAL A 321 7.30 -14.10 10.10
C VAL A 321 8.54 -13.22 10.23
N MET A 322 8.38 -11.91 10.04
CA MET A 322 9.52 -11.03 10.29
C MET A 322 9.88 -11.03 11.77
N ASN A 323 8.89 -10.92 12.64
CA ASN A 323 9.13 -10.82 14.08
C ASN A 323 9.88 -12.01 14.64
N TYR A 324 9.80 -13.18 13.99
CA TYR A 324 10.60 -14.31 14.45
C TYR A 324 12.02 -14.32 13.93
N ILE A 325 12.34 -13.60 12.87
CA ILE A 325 13.65 -13.68 12.22
C ILE A 325 14.46 -12.38 12.32
N ARG A 326 13.91 -11.34 12.95
CA ARG A 326 14.54 -10.02 12.89
C ARG A 326 15.99 -10.03 13.36
N ASN A 327 16.33 -10.86 14.35
CA ASN A 327 17.69 -10.84 14.87
C ASN A 327 18.67 -11.75 14.12
N LEU A 328 18.23 -12.46 13.09
CA LEU A 328 19.15 -13.20 12.25
C LEU A 328 19.99 -12.23 11.41
N ASP A 329 21.27 -12.57 11.26
CA ASP A 329 22.25 -11.76 10.53
C ASP A 329 22.06 -11.79 9.01
N SER A 330 20.97 -12.37 8.51
CA SER A 330 20.55 -12.15 7.13
C SER A 330 19.80 -10.84 6.94
N GLU A 331 19.24 -10.27 8.01
CA GLU A 331 18.23 -9.23 7.93
C GLU A 331 18.80 -7.83 8.24
N THR A 332 20.12 -7.65 8.08
CA THR A 332 20.76 -6.41 8.49
C THR A 332 20.45 -5.24 7.55
N GLY A 333 20.02 -5.52 6.33
CA GLY A 333 19.51 -4.49 5.44
C GLY A 333 20.55 -3.65 4.72
N ALA A 334 20.01 -2.71 3.92
CA ALA A 334 20.78 -2.04 2.88
C ALA A 334 21.92 -1.18 3.41
N MET A 335 21.71 -0.50 4.55
CA MET A 335 22.77 0.36 5.06
C MET A 335 23.99 -0.41 5.54
N VAL A 336 23.79 -1.52 6.24
CA VAL A 336 24.94 -2.35 6.61
C VAL A 336 25.68 -2.84 5.37
N ARG A 337 24.93 -3.21 4.34
CA ARG A 337 25.55 -3.64 3.08
C ARG A 337 26.37 -2.53 2.43
N LEU A 338 25.89 -1.30 2.46
CA LEU A 338 26.69 -0.19 1.92
C LEU A 338 27.90 0.09 2.78
N LEU A 339 27.73 0.15 4.10
CA LEU A 339 28.83 0.53 4.98
C LEU A 339 29.96 -0.49 4.94
N GLU A 340 29.64 -1.79 4.97
CA GLU A 340 30.69 -2.79 5.11
C GLU A 340 31.49 -2.99 3.83
N ASP A 341 31.05 -2.44 2.70
CA ASP A 341 31.88 -2.43 1.50
C ASP A 341 31.51 -1.26 0.60
N SER B 20 -44.45 4.89 1.09
CA SER B 20 -44.43 3.59 0.38
C SER B 20 -43.97 3.77 -1.06
N ASP B 21 -44.79 4.44 -1.86
CA ASP B 21 -44.62 4.42 -3.31
C ASP B 21 -43.30 5.04 -3.76
N GLU B 22 -42.61 5.78 -2.89
CA GLU B 22 -41.27 6.25 -3.23
C GLU B 22 -40.32 5.07 -3.47
N VAL B 23 -40.59 3.94 -2.84
CA VAL B 23 -39.86 2.71 -3.17
C VAL B 23 -40.00 2.39 -4.65
N ARG B 24 -41.20 2.62 -5.21
CA ARG B 24 -41.40 2.38 -6.63
C ARG B 24 -40.53 3.29 -7.48
N LYS B 25 -40.37 4.55 -7.07
CA LYS B 25 -39.47 5.46 -7.79
C LYS B 25 -38.01 5.01 -7.69
N ASN B 26 -37.58 4.62 -6.49
CA ASN B 26 -36.20 4.15 -6.31
C ASN B 26 -35.91 2.93 -7.17
N LEU B 27 -36.81 1.94 -7.15
CA LEU B 27 -36.62 0.76 -7.99
C LEU B 27 -36.70 1.08 -9.47
N MET B 28 -37.57 2.00 -9.87
CA MET B 28 -37.62 2.40 -11.27
C MET B 28 -36.31 3.04 -11.71
N ASP B 29 -35.73 3.91 -10.88
CA ASP B 29 -34.41 4.45 -11.19
C ASP B 29 -33.35 3.36 -11.30
N MET B 30 -33.33 2.43 -10.36
CA MET B 30 -32.37 1.32 -10.41
C MET B 30 -32.50 0.48 -11.67
N PHE B 31 -33.74 0.24 -12.12
CA PHE B 31 -33.96 -0.52 -13.35
C PHE B 31 -33.62 0.28 -14.61
N ARG B 32 -33.97 1.56 -14.64
CA ARG B 32 -33.72 2.40 -15.81
C ARG B 32 -32.24 2.48 -16.15
N ASP B 33 -31.37 2.58 -15.14
CA ASP B 33 -29.93 2.69 -15.35
C ASP B 33 -29.21 1.36 -15.22
N ARG B 34 -29.93 0.24 -15.24
CA ARG B 34 -29.37 -1.05 -14.85
C ARG B 34 -28.11 -1.43 -15.61
N GLN B 35 -27.90 -0.88 -16.80
CA GLN B 35 -26.66 -1.13 -17.54
C GLN B 35 -25.41 -0.67 -16.80
N ALA B 36 -25.55 0.05 -15.68
CA ALA B 36 -24.40 0.28 -14.82
C ALA B 36 -23.86 -1.00 -14.19
N PHE B 37 -24.70 -2.02 -14.02
CA PHE B 37 -24.28 -3.27 -13.40
C PHE B 37 -23.98 -4.35 -14.44
N SER B 38 -23.07 -5.24 -14.09
CA SER B 38 -22.81 -6.41 -14.93
C SER B 38 -24.06 -7.27 -15.04
N GLU B 39 -24.26 -7.85 -16.22
CA GLU B 39 -25.41 -8.72 -16.46
C GLU B 39 -25.41 -9.96 -15.57
N HIS B 40 -24.24 -10.44 -15.16
CA HIS B 40 -24.18 -11.54 -14.21
C HIS B 40 -24.82 -11.18 -12.87
N THR B 41 -24.68 -9.92 -12.45
CA THR B 41 -25.30 -9.47 -11.22
C THR B 41 -26.82 -9.43 -11.29
N TRP B 42 -27.39 -9.17 -12.46
CA TRP B 42 -28.84 -9.25 -12.58
C TRP B 42 -29.30 -10.69 -12.74
N LYS B 43 -28.58 -11.47 -13.53
CA LYS B 43 -28.94 -12.87 -13.74
C LYS B 43 -29.02 -13.62 -12.41
N MET B 44 -28.06 -13.40 -11.52
CA MET B 44 -28.11 -14.13 -10.25
C MET B 44 -29.21 -13.61 -9.34
N LEU B 45 -29.43 -12.29 -9.35
CA LEU B 45 -30.49 -11.69 -8.54
C LEU B 45 -31.86 -12.27 -8.87
N LEU B 46 -32.16 -12.44 -10.15
CA LEU B 46 -33.49 -12.96 -10.49
C LEU B 46 -33.67 -14.40 -10.04
N SER B 47 -32.64 -15.23 -10.14
CA SER B 47 -32.73 -16.61 -9.65
C SER B 47 -32.93 -16.65 -8.13
N VAL B 48 -32.23 -15.79 -7.39
CA VAL B 48 -32.47 -15.73 -5.96
C VAL B 48 -33.90 -15.30 -5.65
N CYS B 49 -34.41 -14.30 -6.37
CA CYS B 49 -35.79 -13.89 -6.13
C CYS B 49 -36.79 -15.00 -6.44
N ARG B 50 -36.57 -15.77 -7.52
CA ARG B 50 -37.43 -16.91 -7.78
C ARG B 50 -37.42 -17.93 -6.63
N SER B 51 -36.24 -18.19 -6.06
CA SER B 51 -36.16 -19.12 -4.94
C SER B 51 -36.90 -18.60 -3.72
N TRP B 52 -36.62 -17.35 -3.33
CA TRP B 52 -37.27 -16.79 -2.15
C TRP B 52 -38.78 -16.70 -2.30
N ALA B 53 -39.25 -16.26 -3.46
CA ALA B 53 -40.69 -16.16 -3.67
C ALA B 53 -41.35 -17.54 -3.67
N ALA B 54 -40.73 -18.53 -4.30
CA ALA B 54 -41.31 -19.87 -4.27
C ALA B 54 -41.43 -20.41 -2.84
N TRP B 55 -40.39 -20.24 -2.03
CA TRP B 55 -40.48 -20.70 -0.65
C TRP B 55 -41.54 -19.95 0.14
N CYS B 56 -41.60 -18.61 0.01
CA CYS B 56 -42.62 -17.86 0.71
C CYS B 56 -44.03 -18.27 0.29
N LYS B 57 -44.23 -18.57 -0.99
CA LYS B 57 -45.53 -19.04 -1.45
C LYS B 57 -45.87 -20.42 -0.88
N LEU B 58 -44.89 -21.32 -0.83
CA LEU B 58 -45.14 -22.65 -0.27
C LEU B 58 -45.59 -22.56 1.20
N ASN B 59 -45.04 -21.64 1.98
CA ASN B 59 -45.36 -21.55 3.41
C ASN B 59 -46.33 -20.43 3.75
N ASN B 60 -46.97 -19.80 2.77
CA ASN B 60 -48.00 -18.80 3.00
C ASN B 60 -47.51 -17.63 3.85
N ARG B 61 -46.51 -16.93 3.33
CA ARG B 61 -45.95 -15.75 3.97
C ARG B 61 -45.86 -14.63 2.95
N LYS B 62 -45.89 -13.38 3.43
CA LYS B 62 -45.64 -12.25 2.55
C LYS B 62 -44.15 -12.15 2.22
N TRP B 63 -43.84 -11.89 0.96
CA TRP B 63 -42.53 -12.20 0.40
C TRP B 63 -41.59 -11.01 0.34
N PHE B 64 -42.05 -9.80 0.02
CA PHE B 64 -41.07 -8.76 -0.25
C PHE B 64 -40.38 -8.25 1.03
N PRO B 65 -41.08 -7.58 1.98
CA PRO B 65 -40.35 -7.09 3.15
C PRO B 65 -39.90 -8.24 4.04
N ALA B 66 -38.59 -8.45 4.11
CA ALA B 66 -38.01 -9.63 4.74
C ALA B 66 -38.05 -9.49 6.26
N GLU B 67 -39.06 -10.09 6.89
CA GLU B 67 -39.10 -10.12 8.33
C GLU B 67 -38.00 -11.03 8.87
N PRO B 68 -37.17 -10.57 9.82
CA PRO B 68 -35.94 -11.31 10.14
C PRO B 68 -36.12 -12.78 10.53
N GLU B 69 -37.21 -13.13 11.22
CA GLU B 69 -37.40 -14.52 11.58
C GLU B 69 -37.80 -15.38 10.37
N ASP B 70 -38.36 -14.77 9.34
CA ASP B 70 -38.65 -15.55 8.14
C ASP B 70 -37.34 -15.93 7.44
N VAL B 71 -36.44 -14.98 7.28
CA VAL B 71 -35.16 -15.31 6.67
C VAL B 71 -34.35 -16.24 7.56
N ARG B 72 -34.58 -16.22 8.87
CA ARG B 72 -33.98 -17.23 9.74
C ARG B 72 -34.48 -18.64 9.42
N ASP B 73 -35.79 -18.78 9.27
CA ASP B 73 -36.35 -20.07 8.86
C ASP B 73 -35.84 -20.51 7.50
N TYR B 74 -35.79 -19.59 6.54
CA TYR B 74 -35.31 -19.91 5.21
C TYR B 74 -33.85 -20.36 5.20
N LEU B 75 -32.99 -19.69 5.96
CA LEU B 75 -31.59 -20.14 6.04
C LEU B 75 -31.47 -21.52 6.69
N LEU B 76 -32.25 -21.79 7.73
CA LEU B 76 -32.23 -23.14 8.31
C LEU B 76 -32.79 -24.19 7.36
N TYR B 77 -33.77 -23.83 6.54
CA TYR B 77 -34.24 -24.74 5.50
C TYR B 77 -33.16 -25.04 4.47
N LEU B 78 -32.43 -24.02 4.03
CA LEU B 78 -31.35 -24.24 3.07
C LEU B 78 -30.24 -25.12 3.63
N GLN B 79 -29.89 -24.95 4.91
CA GLN B 79 -28.81 -25.79 5.46
C GLN B 79 -29.15 -27.28 5.38
N ALA B 80 -30.41 -27.65 5.59
CA ALA B 80 -30.82 -29.05 5.51
C ALA B 80 -30.77 -29.64 4.12
N ARG B 81 -30.68 -28.83 3.07
CA ARG B 81 -30.40 -29.36 1.73
C ARG B 81 -28.93 -29.66 1.48
N GLY B 82 -28.03 -29.24 2.37
CA GLY B 82 -26.62 -29.56 2.22
C GLY B 82 -25.85 -28.71 1.25
N LEU B 83 -26.36 -27.53 0.91
CA LEU B 83 -25.65 -26.60 0.04
C LEU B 83 -24.37 -26.12 0.70
N ALA B 84 -23.42 -25.68 -0.12
CA ALA B 84 -22.17 -25.14 0.41
C ALA B 84 -22.41 -23.82 1.14
N VAL B 85 -21.44 -23.48 1.99
CA VAL B 85 -21.47 -22.22 2.74
C VAL B 85 -21.49 -21.00 1.82
N LYS B 86 -20.66 -21.02 0.77
CA LYS B 86 -20.66 -19.92 -0.20
C LYS B 86 -22.03 -19.71 -0.85
N THR B 87 -22.76 -20.78 -1.12
CA THR B 87 -24.10 -20.64 -1.69
C THR B 87 -25.03 -19.90 -0.74
N ILE B 88 -24.98 -20.23 0.54
CA ILE B 88 -25.86 -19.55 1.50
C ILE B 88 -25.44 -18.09 1.69
N GLN B 89 -24.14 -17.82 1.70
CA GLN B 89 -23.72 -16.42 1.74
C GLN B 89 -24.26 -15.64 0.54
N GLN B 90 -24.20 -16.23 -0.66
CA GLN B 90 -24.73 -15.54 -1.84
C GLN B 90 -26.23 -15.28 -1.71
N HIS B 91 -26.96 -16.28 -1.21
CA HIS B 91 -28.41 -16.13 -1.02
C HIS B 91 -28.76 -15.03 -0.03
N LEU B 92 -27.95 -14.84 1.01
CA LEU B 92 -28.21 -13.68 1.88
C LEU B 92 -27.77 -12.37 1.23
N GLY B 93 -26.60 -12.38 0.58
CA GLY B 93 -26.05 -11.15 0.03
C GLY B 93 -26.96 -10.48 -0.98
N GLN B 94 -27.65 -11.28 -1.81
CA GLN B 94 -28.56 -10.64 -2.77
C GLN B 94 -29.79 -10.03 -2.09
N LEU B 95 -30.32 -10.65 -1.03
CA LEU B 95 -31.45 -10.04 -0.35
C LEU B 95 -31.06 -8.76 0.38
N ASN B 96 -29.82 -8.73 0.89
CA ASN B 96 -29.32 -7.48 1.45
C ASN B 96 -29.23 -6.39 0.39
N MET B 97 -28.62 -6.70 -0.75
CA MET B 97 -28.46 -5.66 -1.78
C MET B 97 -29.82 -5.17 -2.28
N LEU B 98 -30.77 -6.08 -2.49
CA LEU B 98 -32.13 -5.69 -2.87
C LEU B 98 -32.82 -4.78 -1.85
N HIS B 99 -32.60 -5.00 -0.56
CA HIS B 99 -33.17 -4.07 0.42
C HIS B 99 -32.40 -2.75 0.46
N ARG B 100 -31.07 -2.80 0.46
CA ARG B 100 -30.28 -1.57 0.55
C ARG B 100 -30.62 -0.61 -0.60
N ARG B 101 -30.51 -1.08 -1.84
CA ARG B 101 -30.78 -0.19 -2.96
C ARG B 101 -32.23 0.28 -3.01
N SER B 102 -33.16 -0.45 -2.41
CA SER B 102 -34.53 0.03 -2.31
C SER B 102 -34.70 1.15 -1.31
N GLY B 103 -33.81 1.27 -0.33
CA GLY B 103 -33.94 2.32 0.68
C GLY B 103 -34.67 1.90 1.94
N LEU B 104 -34.40 0.68 2.41
CA LEU B 104 -35.03 0.11 3.60
C LEU B 104 -33.95 -0.47 4.49
N PRO B 105 -34.25 -0.67 5.78
CA PRO B 105 -33.26 -1.31 6.66
C PRO B 105 -32.92 -2.71 6.19
N ARG B 106 -31.64 -3.06 6.24
CA ARG B 106 -31.21 -4.38 5.83
C ARG B 106 -31.75 -5.45 6.76
N PRO B 107 -32.15 -6.61 6.24
CA PRO B 107 -32.49 -7.75 7.12
C PRO B 107 -31.31 -8.25 7.94
N SER B 108 -30.09 -8.18 7.40
CA SER B 108 -28.89 -8.57 8.13
C SER B 108 -28.55 -7.65 9.30
N ASP B 109 -29.25 -6.54 9.48
CA ASP B 109 -28.97 -5.68 10.63
C ASP B 109 -29.46 -6.29 11.93
N SER B 110 -30.38 -7.25 11.88
CA SER B 110 -30.81 -7.94 13.07
C SER B 110 -29.74 -8.90 13.57
N ASN B 111 -29.63 -9.03 14.89
CA ASN B 111 -28.79 -10.04 15.50
C ASN B 111 -29.27 -11.47 15.21
N ALA B 112 -30.59 -11.64 15.09
CA ALA B 112 -31.16 -12.96 14.84
C ALA B 112 -30.68 -13.57 13.52
N VAL B 113 -30.36 -12.75 12.52
CA VAL B 113 -29.88 -13.28 11.25
C VAL B 113 -28.37 -13.46 11.25
N SER B 114 -27.62 -12.43 11.65
CA SER B 114 -26.17 -12.52 11.55
C SER B 114 -25.61 -13.58 12.51
N LEU B 115 -26.25 -13.80 13.66
CA LEU B 115 -25.79 -14.89 14.52
C LEU B 115 -26.08 -16.25 13.91
N VAL B 116 -27.20 -16.41 13.21
CA VAL B 116 -27.49 -17.70 12.61
C VAL B 116 -26.53 -17.99 11.45
N MET B 117 -26.18 -16.96 10.67
CA MET B 117 -25.13 -17.15 9.67
C MET B 117 -23.80 -17.55 10.30
N ARG B 118 -23.42 -16.89 11.40
CA ARG B 118 -22.16 -17.21 12.05
C ARG B 118 -22.16 -18.64 12.61
N ARG B 119 -23.31 -19.07 13.13
CA ARG B 119 -23.50 -20.45 13.56
C ARG B 119 -23.36 -21.45 12.42
N ILE B 120 -24.07 -21.22 11.32
CA ILE B 120 -23.99 -22.16 10.19
C ILE B 120 -22.55 -22.27 9.69
N ARG B 121 -21.86 -21.13 9.56
CA ARG B 121 -20.47 -21.17 9.13
C ARG B 121 -19.61 -21.98 10.08
N LYS B 122 -19.71 -21.72 11.39
CA LYS B 122 -18.81 -22.40 12.31
C LYS B 122 -19.14 -23.88 12.46
N GLU B 123 -20.42 -24.25 12.35
CA GLU B 123 -20.81 -25.66 12.46
C GLU B 123 -20.36 -26.46 11.23
N ASN B 124 -20.59 -25.96 10.02
CA ASN B 124 -20.23 -26.73 8.83
C ASN B 124 -18.74 -27.00 8.73
N VAL B 125 -17.89 -26.10 9.22
CA VAL B 125 -16.45 -26.34 9.21
C VAL B 125 -16.04 -27.49 10.13
N ASP B 126 -16.80 -27.75 11.19
CA ASP B 126 -16.53 -28.92 12.02
C ASP B 126 -16.84 -30.23 11.32
N ALA B 127 -17.73 -30.23 10.33
CA ALA B 127 -17.86 -31.39 9.46
C ALA B 127 -16.76 -31.50 8.42
N GLY B 128 -15.79 -30.59 8.40
CA GLY B 128 -14.65 -30.71 7.51
C GLY B 128 -14.80 -30.14 6.12
N GLU B 129 -15.87 -29.40 5.85
CA GLU B 129 -16.01 -28.73 4.56
C GLU B 129 -14.88 -27.73 4.35
N ARG B 130 -14.40 -27.65 3.10
CA ARG B 130 -13.38 -26.70 2.72
C ARG B 130 -13.58 -26.33 1.25
N ALA B 131 -13.10 -25.14 0.88
CA ALA B 131 -13.14 -24.70 -0.51
C ALA B 131 -12.16 -25.49 -1.37
N LYS B 132 -12.59 -25.84 -2.58
CA LYS B 132 -11.78 -26.58 -3.54
C LYS B 132 -10.94 -25.62 -4.38
N GLN B 133 -10.15 -26.18 -5.29
CA GLN B 133 -9.37 -25.37 -6.24
C GLN B 133 -9.19 -26.17 -7.52
N ALA B 134 -9.08 -25.44 -8.63
CA ALA B 134 -8.94 -26.07 -9.94
C ALA B 134 -7.63 -26.84 -10.08
N LEU B 135 -7.65 -27.81 -11.00
CA LEU B 135 -6.48 -28.63 -11.33
C LEU B 135 -5.45 -27.81 -12.10
N ALA B 136 -4.20 -27.85 -11.64
CA ALA B 136 -3.15 -27.02 -12.23
C ALA B 136 -2.77 -27.51 -13.62
N PHE B 137 -2.27 -26.58 -14.43
CA PHE B 137 -1.70 -26.84 -15.76
C PHE B 137 -0.31 -26.22 -15.83
N GLU B 138 0.73 -27.01 -15.61
CA GLU B 138 2.08 -26.50 -15.42
C GLU B 138 2.92 -26.64 -16.69
N ARG B 139 4.08 -25.99 -16.65
CA ARG B 139 5.06 -25.92 -17.73
C ARG B 139 5.33 -27.23 -18.46
N THR B 140 5.47 -28.34 -17.73
CA THR B 140 5.75 -29.62 -18.39
C THR B 140 4.58 -30.09 -19.25
N ASP B 141 3.35 -29.78 -18.85
CA ASP B 141 2.21 -30.12 -19.69
C ASP B 141 2.21 -29.29 -20.97
N PHE B 142 2.55 -28.02 -20.87
CA PHE B 142 2.64 -27.16 -22.05
C PHE B 142 3.70 -27.66 -23.01
N ASP B 143 4.89 -28.01 -22.51
CA ASP B 143 5.92 -28.56 -23.38
C ASP B 143 5.49 -29.88 -24.01
N GLN B 144 4.79 -30.74 -23.26
CA GLN B 144 4.29 -31.99 -23.83
C GLN B 144 3.28 -31.75 -24.96
N VAL B 145 2.34 -30.83 -24.75
CA VAL B 145 1.35 -30.52 -25.78
C VAL B 145 2.02 -29.92 -27.02
N ARG B 146 2.98 -29.01 -26.83
CA ARG B 146 3.69 -28.47 -27.99
C ARG B 146 4.44 -29.56 -28.75
N SER B 147 5.09 -30.47 -28.03
CA SER B 147 5.78 -31.59 -28.67
C SER B 147 4.80 -32.45 -29.46
N LEU B 148 3.58 -32.62 -28.96
CA LEU B 148 2.63 -33.47 -29.67
C LEU B 148 2.06 -32.74 -30.89
N MET B 149 1.48 -31.56 -30.70
CA MET B 149 0.65 -30.91 -31.70
C MET B 149 1.41 -30.05 -32.71
N GLU B 150 2.69 -29.74 -32.48
CA GLU B 150 3.36 -28.74 -33.30
C GLU B 150 3.22 -28.99 -34.81
N ASN B 151 3.18 -30.25 -35.23
CA ASN B 151 3.19 -30.58 -36.66
C ASN B 151 1.81 -30.70 -37.30
N SER B 152 0.72 -30.51 -36.56
CA SER B 152 -0.60 -30.62 -37.16
C SER B 152 -0.83 -29.53 -38.22
N ASP B 153 -1.43 -29.94 -39.34
CA ASP B 153 -1.84 -29.01 -40.39
C ASP B 153 -3.27 -28.50 -40.22
N ARG B 154 -4.08 -29.15 -39.42
CA ARG B 154 -5.44 -28.65 -39.13
C ARG B 154 -5.37 -27.28 -38.50
N CYS B 155 -6.04 -26.31 -39.12
CA CYS B 155 -6.12 -24.98 -38.55
C CYS B 155 -6.78 -24.97 -37.17
N GLN B 156 -7.65 -25.94 -36.91
CA GLN B 156 -8.20 -26.11 -35.56
C GLN B 156 -7.11 -26.32 -34.52
N ASP B 157 -6.12 -27.15 -34.83
CA ASP B 157 -5.01 -27.35 -33.91
C ASP B 157 -4.14 -26.09 -33.79
N ILE B 158 -3.94 -25.38 -34.89
CA ILE B 158 -3.16 -24.14 -34.82
C ILE B 158 -3.85 -23.14 -33.91
N ARG B 159 -5.16 -22.99 -34.06
CA ARG B 159 -5.94 -22.12 -33.18
C ARG B 159 -5.79 -22.55 -31.72
N ASN B 160 -6.04 -23.82 -31.42
CA ASN B 160 -6.01 -24.26 -30.03
C ASN B 160 -4.64 -24.07 -29.40
N LEU B 161 -3.58 -24.38 -30.13
CA LEU B 161 -2.24 -24.20 -29.59
C LEU B 161 -1.87 -22.73 -29.40
N ALA B 162 -2.35 -21.84 -30.26
CA ALA B 162 -2.15 -20.41 -30.02
C ALA B 162 -2.91 -19.94 -28.79
N PHE B 163 -4.16 -20.38 -28.65
CA PHE B 163 -4.95 -19.99 -27.48
C PHE B 163 -4.29 -20.44 -26.18
N LEU B 164 -3.88 -21.71 -26.12
CA LEU B 164 -3.22 -22.18 -24.90
C LEU B 164 -1.93 -21.42 -24.62
N GLY B 165 -1.14 -21.13 -25.66
CA GLY B 165 0.08 -20.37 -25.44
C GLY B 165 -0.16 -18.98 -24.88
N ILE B 166 -1.15 -18.27 -25.41
CA ILE B 166 -1.51 -16.97 -24.85
C ILE B 166 -2.00 -17.11 -23.42
N ALA B 167 -2.92 -18.04 -23.17
CA ALA B 167 -3.50 -18.14 -21.84
C ALA B 167 -2.44 -18.44 -20.79
N TYR B 168 -1.51 -19.33 -21.10
CA TYR B 168 -0.43 -19.61 -20.16
C TYR B 168 0.51 -18.42 -19.99
N ASN B 169 0.81 -17.70 -21.08
CA ASN B 169 1.77 -16.60 -20.94
C ASN B 169 1.20 -15.43 -20.15
N THR B 170 -0.04 -15.03 -20.43
CA THR B 170 -0.51 -13.70 -20.05
C THR B 170 -1.36 -13.69 -18.78
N LEU B 171 -1.78 -14.86 -18.27
CA LEU B 171 -2.58 -14.98 -17.06
C LEU B 171 -3.93 -14.27 -17.12
N LEU B 172 -4.38 -13.87 -18.31
CA LEU B 172 -5.68 -13.24 -18.44
C LEU B 172 -6.81 -14.22 -18.17
N ARG B 173 -7.95 -13.69 -17.75
CA ARG B 173 -9.19 -14.45 -17.76
C ARG B 173 -9.63 -14.72 -19.20
N ILE B 174 -10.23 -15.88 -19.41
CA ILE B 174 -10.66 -16.26 -20.76
C ILE B 174 -11.73 -15.30 -21.30
N ALA B 175 -12.49 -14.66 -20.41
CA ALA B 175 -13.44 -13.64 -20.85
C ALA B 175 -12.75 -12.44 -21.47
N GLU B 176 -11.50 -12.17 -21.09
CA GLU B 176 -10.76 -11.09 -21.72
C GLU B 176 -10.04 -11.53 -22.99
N ILE B 177 -9.55 -12.77 -23.03
CA ILE B 177 -8.98 -13.32 -24.25
C ILE B 177 -10.02 -13.37 -25.36
N ALA B 178 -11.28 -13.63 -25.02
CA ALA B 178 -12.34 -13.58 -26.03
C ALA B 178 -12.58 -12.19 -26.60
N ARG B 179 -12.00 -11.14 -26.01
CA ARG B 179 -12.36 -9.77 -26.33
C ARG B 179 -11.34 -9.03 -27.20
N ILE B 180 -10.20 -9.64 -27.50
CA ILE B 180 -9.11 -8.94 -28.18
C ILE B 180 -9.50 -8.61 -29.61
N ARG B 181 -9.43 -7.31 -29.95
CA ARG B 181 -9.53 -6.88 -31.34
C ARG B 181 -8.17 -6.95 -32.02
N VAL B 182 -8.18 -7.12 -33.34
CA VAL B 182 -6.94 -7.05 -34.13
C VAL B 182 -6.26 -5.69 -34.02
N LYS B 183 -7.04 -4.63 -33.75
CA LYS B 183 -6.46 -3.32 -33.44
C LYS B 183 -5.53 -3.37 -32.23
N ASP B 184 -5.75 -4.28 -31.29
CA ASP B 184 -5.05 -4.26 -30.00
C ASP B 184 -3.63 -4.79 -30.08
N ILE B 185 -3.15 -5.24 -31.22
CA ILE B 185 -1.91 -5.99 -31.32
C ILE B 185 -0.85 -5.08 -31.93
N SER B 186 0.33 -5.05 -31.29
CA SER B 186 1.43 -4.19 -31.73
C SER B 186 2.73 -4.97 -31.55
N ARG B 187 3.81 -4.46 -32.15
CA ARG B 187 5.11 -5.08 -31.97
C ARG B 187 6.13 -4.07 -31.45
N THR B 188 7.07 -4.58 -30.64
CA THR B 188 8.26 -3.85 -30.27
C THR B 188 9.29 -3.91 -31.41
N ASP B 189 10.31 -3.06 -31.31
CA ASP B 189 11.40 -3.12 -32.27
C ASP B 189 12.19 -4.43 -32.16
N GLY B 190 12.07 -5.15 -31.05
CA GLY B 190 12.64 -6.48 -30.97
C GLY B 190 11.80 -7.58 -31.57
N GLY B 191 10.58 -7.27 -32.00
CA GLY B 191 9.72 -8.23 -32.65
C GLY B 191 8.84 -9.03 -31.73
N ARG B 192 8.81 -8.70 -30.44
CA ARG B 192 7.83 -9.26 -29.53
C ARG B 192 6.46 -8.62 -29.81
N MET B 193 5.40 -9.29 -29.38
CA MET B 193 4.05 -8.77 -29.54
C MET B 193 3.51 -8.23 -28.23
N LEU B 194 2.84 -7.08 -28.31
CA LEU B 194 2.17 -6.44 -27.19
C LEU B 194 0.66 -6.44 -27.40
N ILE B 195 -0.07 -6.84 -26.36
CA ILE B 195 -1.53 -6.86 -26.35
C ILE B 195 -2.00 -5.79 -25.38
N HIS B 196 -2.83 -4.85 -25.87
CA HIS B 196 -3.47 -3.85 -25.04
C HIS B 196 -4.76 -4.41 -24.45
N ILE B 197 -4.89 -4.40 -23.11
CA ILE B 197 -5.99 -5.10 -22.46
C ILE B 197 -7.21 -4.21 -22.33
N GLY B 198 -7.03 -2.97 -21.91
CA GLY B 198 -8.18 -2.10 -21.65
C GLY B 198 -8.95 -2.48 -20.40
N ARG B 199 -10.25 -2.69 -20.55
CA ARG B 199 -11.09 -3.06 -19.42
C ARG B 199 -10.68 -4.41 -18.84
N THR B 200 -10.90 -4.55 -17.53
CA THR B 200 -10.72 -5.80 -16.81
C THR B 200 -11.86 -5.94 -15.81
N ALA B 201 -11.83 -7.04 -15.05
CA ALA B 201 -12.85 -7.26 -14.03
C ALA B 201 -12.81 -6.22 -12.91
N THR B 202 -11.72 -5.47 -12.77
CA THR B 202 -11.59 -4.56 -11.64
C THR B 202 -11.11 -3.17 -12.08
N LEU B 203 -10.27 -3.12 -13.11
CA LEU B 203 -9.76 -1.87 -13.64
C LEU B 203 -10.47 -1.52 -14.95
N VAL B 204 -10.98 -0.29 -15.02
CA VAL B 204 -11.76 0.17 -16.16
C VAL B 204 -11.36 1.61 -16.47
N SER B 205 -10.58 1.78 -17.54
CA SER B 205 -10.09 3.09 -17.92
C SER B 205 -9.62 3.04 -19.36
N THR B 206 -9.51 4.23 -19.98
CA THR B 206 -9.10 4.32 -21.37
C THR B 206 -7.59 4.26 -21.55
N ALA B 207 -6.82 4.56 -20.51
CA ALA B 207 -5.49 3.99 -20.37
C ALA B 207 -5.58 2.71 -19.56
N GLY B 208 -4.64 1.79 -19.79
CA GLY B 208 -4.74 0.53 -19.12
C GLY B 208 -3.53 -0.35 -19.32
N VAL B 209 -3.69 -1.62 -18.94
CA VAL B 209 -2.62 -2.59 -18.92
C VAL B 209 -2.22 -3.00 -20.32
N GLU B 210 -0.92 -3.23 -20.51
CA GLU B 210 -0.39 -3.73 -21.77
C GLU B 210 0.60 -4.83 -21.43
N LYS B 211 0.47 -5.97 -22.12
CA LYS B 211 1.15 -7.19 -21.74
C LYS B 211 1.88 -7.78 -22.94
N ALA B 212 3.02 -8.42 -22.69
CA ALA B 212 3.93 -8.78 -23.78
C ALA B 212 4.22 -10.28 -23.79
N LEU B 213 4.19 -10.85 -24.98
CA LEU B 213 4.42 -12.26 -25.23
C LEU B 213 5.91 -12.55 -25.44
N SER B 214 6.28 -13.81 -25.19
CA SER B 214 7.60 -14.28 -25.57
C SER B 214 7.64 -14.61 -27.07
N LEU B 215 8.85 -14.71 -27.60
CA LEU B 215 9.03 -14.92 -29.05
C LEU B 215 8.29 -16.16 -29.54
N GLY B 216 8.46 -17.28 -28.84
CA GLY B 216 7.81 -18.51 -29.28
C GLY B 216 6.31 -18.37 -29.43
N VAL B 217 5.65 -17.74 -28.46
CA VAL B 217 4.21 -17.59 -28.58
C VAL B 217 3.85 -16.63 -29.72
N THR B 218 4.69 -15.62 -29.98
CA THR B 218 4.43 -14.78 -31.14
C THR B 218 4.47 -15.56 -32.44
N LYS B 219 5.34 -16.58 -32.52
CA LYS B 219 5.38 -17.36 -33.75
C LYS B 219 4.10 -18.18 -33.95
N LEU B 220 3.53 -18.71 -32.87
CA LEU B 220 2.23 -19.38 -32.95
C LEU B 220 1.11 -18.43 -33.34
N VAL B 221 1.11 -17.22 -32.78
CA VAL B 221 0.06 -16.27 -33.08
C VAL B 221 0.16 -15.82 -34.53
N GLU B 222 1.36 -15.48 -35.00
CA GLU B 222 1.51 -15.08 -36.39
C GLU B 222 1.17 -16.20 -37.35
N ARG B 223 1.48 -17.45 -37.00
CA ARG B 223 1.03 -18.59 -37.79
C ARG B 223 -0.50 -18.63 -37.92
N TRP B 224 -1.20 -18.45 -36.80
CA TRP B 224 -2.66 -18.44 -36.85
C TRP B 224 -3.20 -17.28 -37.67
N ILE B 225 -2.64 -16.09 -37.49
CA ILE B 225 -3.08 -14.93 -38.27
C ILE B 225 -2.89 -15.18 -39.76
N SER B 226 -1.73 -15.68 -40.14
CA SER B 226 -1.45 -15.93 -41.55
C SER B 226 -2.40 -16.97 -42.14
N VAL B 227 -2.68 -18.04 -41.41
CA VAL B 227 -3.57 -19.07 -41.94
C VAL B 227 -5.01 -18.57 -42.02
N SER B 228 -5.51 -17.93 -40.97
CA SER B 228 -6.94 -17.60 -40.94
C SER B 228 -7.31 -16.38 -41.78
N GLY B 229 -6.37 -15.46 -42.02
CA GLY B 229 -6.67 -14.27 -42.78
C GLY B 229 -7.49 -13.22 -42.05
N VAL B 230 -7.77 -13.44 -40.77
CA VAL B 230 -8.63 -12.54 -39.99
C VAL B 230 -8.09 -11.12 -40.01
N ALA B 231 -6.78 -10.94 -40.19
CA ALA B 231 -6.13 -9.66 -39.97
C ALA B 231 -6.24 -8.70 -41.12
N ASP B 232 -6.81 -9.12 -42.26
CA ASP B 232 -6.92 -8.20 -43.40
C ASP B 232 -7.95 -7.11 -43.18
N ASP B 233 -8.86 -7.27 -42.21
CA ASP B 233 -9.75 -6.20 -41.78
C ASP B 233 -9.53 -5.90 -40.30
N PRO B 234 -9.13 -4.68 -39.92
CA PRO B 234 -8.65 -4.47 -38.55
C PRO B 234 -9.68 -4.70 -37.45
N ASN B 235 -10.98 -4.60 -37.74
CA ASN B 235 -12.01 -4.68 -36.71
C ASN B 235 -12.51 -6.09 -36.41
N ASN B 236 -12.02 -7.10 -37.12
CA ASN B 236 -12.36 -8.47 -36.76
C ASN B 236 -11.83 -8.81 -35.38
N TYR B 237 -12.48 -9.77 -34.72
CA TYR B 237 -11.90 -10.41 -33.55
C TYR B 237 -10.80 -11.38 -33.93
N LEU B 238 -9.86 -11.59 -33.01
CA LEU B 238 -8.71 -12.44 -33.27
C LEU B 238 -9.08 -13.92 -33.34
N PHE B 239 -10.10 -14.35 -32.60
CA PHE B 239 -10.49 -15.75 -32.56
C PHE B 239 -11.92 -15.94 -33.05
N CYS B 240 -12.16 -17.06 -33.73
CA CYS B 240 -13.42 -17.29 -34.41
C CYS B 240 -13.64 -18.79 -34.54
N ARG B 241 -14.87 -19.17 -34.88
CA ARG B 241 -15.21 -20.56 -35.13
C ARG B 241 -14.63 -21.05 -36.46
N VAL B 242 -14.41 -22.35 -36.55
CA VAL B 242 -14.03 -23.02 -37.79
C VAL B 242 -15.04 -24.12 -38.07
N ARG B 243 -15.53 -24.18 -39.30
CA ARG B 243 -16.60 -25.09 -39.68
C ARG B 243 -16.09 -26.53 -39.76
N LYS B 244 -17.05 -27.45 -39.85
CA LYS B 244 -16.76 -28.87 -40.03
C LYS B 244 -15.78 -29.12 -41.17
N ASN B 245 -15.86 -28.33 -42.23
CA ASN B 245 -14.94 -28.48 -43.36
C ASN B 245 -13.52 -28.04 -43.05
N GLY B 246 -13.28 -27.35 -41.94
CA GLY B 246 -11.95 -26.87 -41.65
C GLY B 246 -11.63 -25.52 -42.26
N VAL B 247 -12.60 -24.60 -42.24
CA VAL B 247 -12.44 -23.27 -42.81
C VAL B 247 -12.91 -22.26 -41.77
N ALA B 248 -12.16 -21.18 -41.62
CA ALA B 248 -12.48 -20.16 -40.64
C ALA B 248 -13.56 -19.20 -41.16
N ALA B 249 -14.22 -18.54 -40.22
CA ALA B 249 -15.29 -17.59 -40.52
C ALA B 249 -15.07 -16.30 -39.73
N PRO B 250 -14.29 -15.37 -40.27
CA PRO B 250 -14.05 -14.11 -39.56
C PRO B 250 -15.33 -13.34 -39.30
N SER B 251 -15.32 -12.56 -38.21
CA SER B 251 -16.47 -11.75 -37.85
C SER B 251 -16.00 -10.53 -37.07
N ALA B 252 -16.75 -9.44 -37.20
CA ALA B 252 -16.58 -8.25 -36.38
C ALA B 252 -17.71 -8.03 -35.40
N THR B 253 -18.71 -8.89 -35.38
CA THR B 253 -19.94 -8.67 -34.62
C THR B 253 -20.28 -9.81 -33.67
N SER B 254 -19.49 -10.88 -33.65
CA SER B 254 -19.73 -12.02 -32.77
C SER B 254 -18.40 -12.63 -32.37
N GLN B 255 -18.40 -13.30 -31.21
CA GLN B 255 -17.18 -13.82 -30.64
C GLN B 255 -17.48 -15.16 -29.97
N LEU B 256 -16.44 -15.98 -29.86
CA LEU B 256 -16.57 -17.28 -29.22
C LEU B 256 -17.11 -17.17 -27.79
N SER B 257 -18.04 -18.05 -27.47
CA SER B 257 -18.49 -18.21 -26.09
C SER B 257 -17.33 -18.72 -25.23
N THR B 258 -17.35 -18.34 -23.96
CA THR B 258 -16.43 -18.93 -22.98
C THR B 258 -16.63 -20.43 -22.84
N ARG B 259 -17.87 -20.91 -22.97
CA ARG B 259 -18.14 -22.34 -23.00
C ARG B 259 -17.30 -23.08 -24.03
N ALA B 260 -17.17 -22.50 -25.22
CA ALA B 260 -16.32 -23.09 -26.24
C ALA B 260 -14.86 -23.11 -25.82
N LEU B 261 -14.37 -22.04 -25.21
CA LEU B 261 -12.98 -22.05 -24.77
C LEU B 261 -12.73 -23.08 -23.67
N GLU B 262 -13.69 -23.28 -22.76
CA GLU B 262 -13.57 -24.37 -21.80
C GLU B 262 -13.52 -25.72 -22.49
N GLY B 263 -14.26 -25.86 -23.60
CA GLY B 263 -14.20 -27.12 -24.33
C GLY B 263 -12.82 -27.43 -24.87
N ILE B 264 -12.02 -26.40 -25.14
CA ILE B 264 -10.67 -26.63 -25.66
C ILE B 264 -9.78 -27.27 -24.61
N PHE B 265 -9.83 -26.77 -23.37
CA PHE B 265 -9.10 -27.39 -22.29
C PHE B 265 -9.55 -28.83 -22.05
N GLU B 266 -10.86 -29.04 -21.99
CA GLU B 266 -11.35 -30.38 -21.69
C GLU B 266 -10.97 -31.39 -22.79
N ALA B 267 -11.11 -30.99 -24.06
CA ALA B 267 -10.67 -31.84 -25.15
C ALA B 267 -9.16 -32.10 -25.13
N THR B 268 -8.36 -31.09 -24.83
CA THR B 268 -6.91 -31.32 -24.77
C THR B 268 -6.52 -32.25 -23.64
N HIS B 269 -7.21 -32.17 -22.50
CA HIS B 269 -6.97 -33.14 -21.43
C HIS B 269 -7.33 -34.55 -21.88
N ARG B 270 -8.51 -34.71 -22.47
CA ARG B 270 -8.94 -36.03 -22.94
C ARG B 270 -8.02 -36.59 -24.02
N LEU B 271 -7.37 -35.72 -24.79
CA LEU B 271 -6.38 -36.20 -25.75
C LEU B 271 -5.22 -36.94 -25.09
N ILE B 272 -4.71 -36.43 -23.97
CA ILE B 272 -3.56 -37.07 -23.34
C ILE B 272 -3.99 -38.20 -22.41
N TYR B 273 -4.94 -37.95 -21.51
CA TYR B 273 -5.29 -38.91 -20.48
C TYR B 273 -6.49 -39.78 -20.85
N GLY B 274 -6.98 -39.65 -22.08
CA GLY B 274 -7.90 -40.63 -22.65
C GLY B 274 -9.37 -40.53 -22.30
N ALA B 275 -9.70 -40.47 -21.02
CA ALA B 275 -11.10 -40.47 -20.63
C ALA B 275 -11.26 -39.83 -19.27
N LYS B 276 -12.45 -39.29 -19.02
CA LYS B 276 -12.81 -38.71 -17.74
C LYS B 276 -13.39 -39.75 -16.81
N ASP B 277 -13.13 -39.58 -15.51
CA ASP B 277 -13.66 -40.49 -14.51
C ASP B 277 -15.17 -40.31 -14.38
N ASP B 278 -15.84 -41.37 -13.94
CA ASP B 278 -17.29 -41.38 -13.82
C ASP B 278 -17.77 -40.85 -12.47
N SER B 279 -16.86 -40.48 -11.58
CA SER B 279 -17.22 -40.19 -10.19
C SER B 279 -18.13 -38.97 -10.05
N GLY B 280 -18.14 -38.07 -11.03
CA GLY B 280 -19.03 -36.93 -10.98
C GLY B 280 -18.55 -35.79 -10.11
N GLN B 281 -17.32 -35.84 -9.62
CA GLN B 281 -16.75 -34.72 -8.90
C GLN B 281 -16.41 -33.57 -9.84
N ARG B 282 -16.33 -32.37 -9.26
CA ARG B 282 -15.86 -31.19 -9.95
C ARG B 282 -14.33 -31.13 -9.99
N TYR B 283 -13.81 -30.47 -11.02
CA TYR B 283 -12.36 -30.29 -11.19
C TYR B 283 -11.63 -31.61 -11.43
N LEU B 284 -12.29 -32.56 -12.10
CA LEU B 284 -11.63 -33.79 -12.52
C LEU B 284 -10.69 -33.57 -13.70
N ALA B 285 -10.77 -32.44 -14.39
CA ALA B 285 -9.95 -32.17 -15.56
C ALA B 285 -9.69 -30.68 -15.66
N TRP B 286 -8.75 -30.31 -16.53
CA TRP B 286 -8.40 -28.91 -16.69
C TRP B 286 -9.61 -28.06 -17.09
N SER B 287 -9.59 -26.81 -16.62
CA SER B 287 -10.65 -25.85 -16.87
C SER B 287 -10.00 -24.47 -17.02
N GLY B 288 -10.82 -23.47 -17.34
CA GLY B 288 -10.28 -22.17 -17.73
C GLY B 288 -9.38 -21.52 -16.70
N HIS B 289 -9.57 -21.80 -15.42
CA HIS B 289 -8.71 -21.23 -14.40
C HIS B 289 -7.38 -21.96 -14.25
N SER B 290 -7.24 -23.13 -14.88
CA SER B 290 -6.09 -23.99 -14.61
C SER B 290 -4.77 -23.32 -14.93
N ALA B 291 -4.73 -22.48 -15.95
CA ALA B 291 -3.46 -21.86 -16.32
C ALA B 291 -3.02 -20.79 -15.33
N ARG B 292 -3.97 -19.98 -14.83
CA ARG B 292 -3.61 -18.99 -13.82
C ARG B 292 -2.94 -19.62 -12.62
N VAL B 293 -3.52 -20.69 -12.09
CA VAL B 293 -2.92 -21.36 -10.94
C VAL B 293 -1.53 -21.88 -11.28
N GLY B 294 -1.40 -22.53 -12.44
CA GLY B 294 -0.12 -23.15 -12.78
C GLY B 294 1.03 -22.16 -12.89
N ALA B 295 0.83 -21.08 -13.62
CA ALA B 295 1.91 -20.12 -13.73
C ALA B 295 2.28 -19.54 -12.37
N ALA B 296 1.29 -19.28 -11.53
CA ALA B 296 1.61 -18.75 -10.21
C ALA B 296 2.48 -19.72 -9.43
N ARG B 297 2.14 -21.01 -9.46
CA ARG B 297 2.98 -21.98 -8.77
C ARG B 297 4.38 -22.02 -9.37
N ASP B 298 4.49 -21.97 -10.69
CA ASP B 298 5.82 -21.97 -11.31
C ASP B 298 6.61 -20.74 -10.88
N MET B 299 5.97 -19.59 -10.76
CA MET B 299 6.68 -18.42 -10.25
C MET B 299 7.12 -18.61 -8.80
N ALA B 300 6.25 -19.19 -7.95
CA ALA B 300 6.61 -19.35 -6.55
C ALA B 300 7.79 -20.29 -6.37
N ARG B 301 7.79 -21.43 -7.06
CA ARG B 301 8.95 -22.30 -7.02
C ARG B 301 10.20 -21.62 -7.58
N ALA B 302 10.05 -20.74 -8.57
CA ALA B 302 11.22 -20.08 -9.14
C ALA B 302 11.85 -19.03 -8.23
N GLY B 303 11.18 -18.63 -7.15
CA GLY B 303 11.76 -17.66 -6.24
C GLY B 303 11.65 -16.23 -6.69
N VAL B 304 10.71 -15.92 -7.58
CA VAL B 304 10.44 -14.53 -7.96
C VAL B 304 9.94 -13.77 -6.74
N SER B 305 10.33 -12.50 -6.64
CA SER B 305 9.99 -11.69 -5.48
C SER B 305 8.53 -11.27 -5.53
N ILE B 306 7.98 -11.00 -4.34
CA ILE B 306 6.55 -10.65 -4.23
C ILE B 306 6.18 -9.45 -5.10
N PRO B 307 6.97 -8.38 -5.16
CA PRO B 307 6.57 -7.25 -6.02
C PRO B 307 6.45 -7.59 -7.50
N GLU B 308 7.30 -8.48 -8.00
CA GLU B 308 7.17 -8.89 -9.39
C GLU B 308 5.98 -9.81 -9.62
N ILE B 309 5.72 -10.73 -8.68
CA ILE B 309 4.52 -11.57 -8.81
C ILE B 309 3.27 -10.70 -8.80
N MET B 310 3.21 -9.73 -7.90
CA MET B 310 2.11 -8.78 -7.86
C MET B 310 1.97 -8.02 -9.18
N GLN B 311 3.07 -7.54 -9.75
CA GLN B 311 2.98 -6.82 -11.01
C GLN B 311 2.55 -7.72 -12.17
N ALA B 312 3.08 -8.95 -12.22
CA ALA B 312 2.75 -9.85 -13.32
C ALA B 312 1.28 -10.26 -13.27
N GLY B 313 0.78 -10.65 -12.11
CA GLY B 313 -0.62 -10.97 -11.99
C GLY B 313 -1.53 -9.76 -12.06
N GLY B 314 -1.02 -8.60 -11.63
CA GLY B 314 -1.81 -7.39 -11.59
C GLY B 314 -2.63 -7.23 -10.34
N TRP B 315 -2.41 -8.07 -9.33
CA TRP B 315 -3.19 -8.04 -8.10
C TRP B 315 -2.82 -6.83 -7.25
N THR B 316 -3.80 -6.35 -6.48
CA THR B 316 -3.58 -5.16 -5.66
C THR B 316 -2.95 -5.49 -4.30
N ASN B 317 -3.29 -6.63 -3.70
CA ASN B 317 -2.94 -6.89 -2.31
C ASN B 317 -2.28 -8.25 -2.15
N VAL B 318 -1.24 -8.29 -1.30
CA VAL B 318 -0.35 -9.44 -1.17
C VAL B 318 -1.09 -10.70 -0.74
N ASN B 319 -2.19 -10.56 0.00
CA ASN B 319 -2.96 -11.73 0.41
C ASN B 319 -3.36 -12.62 -0.75
N ILE B 320 -3.59 -12.05 -1.94
CA ILE B 320 -4.00 -12.87 -3.07
C ILE B 320 -2.91 -13.85 -3.46
N VAL B 321 -1.64 -13.47 -3.28
CA VAL B 321 -0.57 -14.43 -3.55
C VAL B 321 -0.76 -15.68 -2.70
N MET B 322 -1.02 -15.49 -1.40
CA MET B 322 -1.24 -16.64 -0.54
C MET B 322 -2.52 -17.38 -0.90
N ASN B 323 -3.49 -16.68 -1.47
CA ASN B 323 -4.69 -17.35 -1.96
C ASN B 323 -4.43 -18.26 -3.15
N TYR B 324 -3.36 -18.05 -3.91
CA TYR B 324 -3.05 -18.95 -5.03
C TYR B 324 -2.22 -20.18 -4.64
N ILE B 325 -1.15 -20.01 -3.89
CA ILE B 325 -0.23 -21.11 -3.57
C ILE B 325 -0.74 -21.98 -2.42
N ARG B 326 -2.05 -21.96 -2.17
CA ARG B 326 -2.63 -22.80 -1.13
C ARG B 326 -2.14 -24.24 -1.20
N ASN B 327 -2.22 -24.85 -2.38
CA ASN B 327 -1.85 -26.25 -2.57
C ASN B 327 -0.50 -26.35 -3.27
N LEU B 328 0.43 -27.04 -2.63
CA LEU B 328 1.73 -27.40 -3.20
C LEU B 328 2.08 -28.79 -2.70
N ASP B 329 2.97 -29.46 -3.43
CA ASP B 329 3.34 -30.84 -3.10
C ASP B 329 4.19 -30.85 -1.84
N SER B 330 3.56 -31.19 -0.72
CA SER B 330 4.26 -31.34 0.55
C SER B 330 5.36 -32.38 0.49
N GLU B 331 5.20 -33.43 -0.33
CA GLU B 331 6.19 -34.49 -0.41
C GLU B 331 7.48 -34.05 -1.11
N THR B 332 7.48 -32.86 -1.72
CA THR B 332 8.68 -32.25 -2.27
C THR B 332 9.00 -30.93 -1.59
N GLY B 333 8.27 -30.59 -0.53
CA GLY B 333 8.37 -29.29 0.08
C GLY B 333 9.63 -29.09 0.89
N ALA B 334 9.84 -27.81 1.25
CA ALA B 334 11.09 -27.37 1.85
C ALA B 334 11.45 -28.14 3.12
N MET B 335 10.47 -28.48 3.95
CA MET B 335 10.78 -29.12 5.22
C MET B 335 11.33 -30.54 5.02
N VAL B 336 10.68 -31.34 4.17
CA VAL B 336 11.22 -32.66 3.86
C VAL B 336 12.60 -32.55 3.21
N ARG B 337 12.72 -31.64 2.25
CA ARG B 337 13.98 -31.40 1.55
C ARG B 337 15.11 -30.97 2.48
N LEU B 338 14.77 -30.30 3.58
CA LEU B 338 15.76 -29.84 4.55
C LEU B 338 16.10 -30.91 5.58
N LEU B 339 15.08 -31.50 6.22
CA LEU B 339 15.35 -32.52 7.23
C LEU B 339 16.03 -33.73 6.62
N GLU B 340 15.67 -34.10 5.39
CA GLU B 340 16.17 -35.30 4.76
C GLU B 340 17.43 -35.02 3.92
N ASP B 341 18.14 -33.95 4.22
CA ASP B 341 19.24 -33.47 3.38
C ASP B 341 18.81 -33.35 1.93
N SER G 20 -31.89 34.32 -2.64
CA SER G 20 -31.65 34.39 -1.17
C SER G 20 -30.41 35.24 -0.88
N ASP G 21 -30.47 36.01 0.21
CA ASP G 21 -29.36 36.91 0.53
C ASP G 21 -28.08 36.14 0.83
N GLU G 22 -28.19 34.95 1.41
CA GLU G 22 -27.00 34.14 1.69
C GLU G 22 -26.22 33.85 0.41
N VAL G 23 -26.93 33.54 -0.68
CA VAL G 23 -26.28 33.31 -1.96
C VAL G 23 -25.61 34.59 -2.46
N ARG G 24 -26.32 35.71 -2.41
CA ARG G 24 -25.75 36.97 -2.87
C ARG G 24 -24.46 37.31 -2.12
N LYS G 25 -24.47 37.17 -0.80
CA LYS G 25 -23.26 37.41 -0.02
C LYS G 25 -22.15 36.44 -0.34
N ASN G 26 -22.46 35.15 -0.48
CA ASN G 26 -21.42 34.18 -0.81
C ASN G 26 -20.80 34.46 -2.17
N LEU G 27 -21.62 34.79 -3.17
CA LEU G 27 -21.09 35.19 -4.47
C LEU G 27 -20.23 36.45 -4.38
N MET G 28 -20.68 37.44 -3.61
CA MET G 28 -19.88 38.65 -3.46
C MET G 28 -18.53 38.37 -2.82
N ASP G 29 -18.50 37.52 -1.79
CA ASP G 29 -17.23 37.08 -1.22
C ASP G 29 -16.36 36.33 -2.23
N MET G 30 -16.97 35.50 -3.07
CA MET G 30 -16.21 34.79 -4.11
C MET G 30 -15.61 35.74 -5.13
N PHE G 31 -16.29 36.85 -5.43
CA PHE G 31 -15.72 37.85 -6.34
C PHE G 31 -14.71 38.77 -5.66
N ARG G 32 -14.84 38.99 -4.35
CA ARG G 32 -13.90 39.85 -3.64
C ARG G 32 -12.46 39.32 -3.68
N ASP G 33 -12.29 38.00 -3.62
CA ASP G 33 -10.97 37.38 -3.51
C ASP G 33 -10.54 36.67 -4.78
N ARG G 34 -10.94 37.18 -5.95
CA ARG G 34 -10.87 36.42 -7.19
C ARG G 34 -9.49 35.86 -7.51
N GLN G 35 -8.42 36.45 -6.98
CA GLN G 35 -7.09 35.89 -7.25
C GLN G 35 -6.83 34.57 -6.56
N ALA G 36 -7.79 34.05 -5.78
CA ALA G 36 -7.62 32.72 -5.22
C ALA G 36 -7.53 31.63 -6.27
N PHE G 37 -7.94 31.90 -7.52
CA PHE G 37 -7.90 30.90 -8.58
C PHE G 37 -7.13 31.42 -9.79
N SER G 38 -6.52 30.50 -10.51
CA SER G 38 -5.86 30.83 -11.77
C SER G 38 -6.87 31.30 -12.82
N GLU G 39 -6.41 32.17 -13.71
CA GLU G 39 -7.22 32.60 -14.84
C GLU G 39 -7.70 31.45 -15.72
N HIS G 40 -6.91 30.37 -15.80
CA HIS G 40 -7.33 29.19 -16.53
C HIS G 40 -8.50 28.46 -15.90
N THR G 41 -8.71 28.62 -14.59
CA THR G 41 -9.92 28.09 -13.98
C THR G 41 -11.16 28.94 -14.29
N TRP G 42 -11.01 30.27 -14.26
CA TRP G 42 -12.10 31.15 -14.60
C TRP G 42 -12.55 30.98 -16.04
N LYS G 43 -11.61 30.91 -16.98
CA LYS G 43 -11.96 30.71 -18.38
C LYS G 43 -12.87 29.49 -18.57
N MET G 44 -12.46 28.35 -18.01
CA MET G 44 -13.27 27.14 -18.15
C MET G 44 -14.61 27.26 -17.43
N LEU G 45 -14.63 27.87 -16.25
CA LEU G 45 -15.91 28.01 -15.55
C LEU G 45 -16.91 28.83 -16.36
N LEU G 46 -16.42 29.85 -17.06
CA LEU G 46 -17.31 30.63 -17.91
C LEU G 46 -17.77 29.87 -19.14
N SER G 47 -16.87 29.15 -19.81
CA SER G 47 -17.31 28.36 -20.96
C SER G 47 -18.36 27.30 -20.57
N VAL G 48 -18.15 26.64 -19.43
CA VAL G 48 -19.13 25.67 -18.97
C VAL G 48 -20.47 26.32 -18.65
N CYS G 49 -20.44 27.49 -18.00
CA CYS G 49 -21.71 28.14 -17.68
C CYS G 49 -22.45 28.61 -18.94
N ARG G 50 -21.73 29.14 -19.93
CA ARG G 50 -22.39 29.46 -21.19
C ARG G 50 -23.07 28.24 -21.82
N SER G 51 -22.37 27.11 -21.86
CA SER G 51 -22.95 25.90 -22.44
C SER G 51 -24.21 25.46 -21.68
N TRP G 52 -24.11 25.40 -20.35
CA TRP G 52 -25.24 24.97 -19.53
C TRP G 52 -26.43 25.91 -19.66
N ALA G 53 -26.19 27.21 -19.59
CA ALA G 53 -27.29 28.16 -19.68
C ALA G 53 -27.94 28.14 -21.06
N ALA G 54 -27.15 28.01 -22.13
CA ALA G 54 -27.75 27.88 -23.46
C ALA G 54 -28.64 26.66 -23.57
N TRP G 55 -28.17 25.50 -23.09
CA TRP G 55 -29.01 24.30 -23.13
C TRP G 55 -30.28 24.46 -22.31
N CYS G 56 -30.17 25.05 -21.11
CA CYS G 56 -31.37 25.28 -20.30
C CYS G 56 -32.34 26.25 -20.96
N LYS G 57 -31.83 27.25 -21.66
CA LYS G 57 -32.71 28.16 -22.40
C LYS G 57 -33.44 27.44 -23.51
N LEU G 58 -32.71 26.65 -24.29
CA LEU G 58 -33.33 25.92 -25.40
C LEU G 58 -34.40 24.95 -24.90
N ASN G 59 -34.12 24.23 -23.81
CA ASN G 59 -35.09 23.27 -23.27
C ASN G 59 -36.06 23.89 -22.27
N ASN G 60 -35.98 25.21 -22.04
CA ASN G 60 -36.89 25.94 -21.17
C ASN G 60 -36.98 25.33 -19.75
N ARG G 61 -35.85 25.40 -19.06
CA ARG G 61 -35.77 25.00 -17.65
C ARG G 61 -35.00 26.09 -16.89
N LYS G 62 -35.25 26.17 -15.59
CA LYS G 62 -34.48 27.08 -14.75
C LYS G 62 -33.08 26.53 -14.53
N TRP G 63 -32.07 27.38 -14.72
CA TRP G 63 -30.71 26.92 -14.94
C TRP G 63 -29.81 26.96 -13.72
N PHE G 64 -30.00 27.90 -12.79
CA PHE G 64 -29.00 28.01 -11.72
C PHE G 64 -29.18 26.95 -10.63
N PRO G 65 -30.34 26.85 -9.98
CA PRO G 65 -30.45 25.78 -8.96
C PRO G 65 -30.64 24.40 -9.60
N ALA G 66 -29.52 23.87 -10.09
CA ALA G 66 -29.57 22.69 -10.94
C ALA G 66 -30.13 21.49 -10.18
N GLU G 67 -30.83 20.63 -10.92
CA GLU G 67 -31.53 19.49 -10.36
C GLU G 67 -31.02 18.19 -10.97
N PRO G 68 -30.99 17.09 -10.21
CA PRO G 68 -30.40 15.84 -10.72
C PRO G 68 -30.96 15.36 -12.05
N GLU G 69 -32.27 15.49 -12.28
CA GLU G 69 -32.84 15.06 -13.56
C GLU G 69 -32.32 15.89 -14.73
N ASP G 70 -32.10 17.18 -14.51
CA ASP G 70 -31.57 18.04 -15.57
C ASP G 70 -30.10 17.75 -15.83
N VAL G 71 -29.31 17.56 -14.78
CA VAL G 71 -27.92 17.18 -14.98
C VAL G 71 -27.82 15.82 -15.69
N ARG G 72 -28.68 14.88 -15.34
CA ARG G 72 -28.73 13.60 -16.04
C ARG G 72 -29.02 13.76 -17.52
N ASP G 73 -30.08 14.51 -17.86
CA ASP G 73 -30.42 14.72 -19.26
C ASP G 73 -29.30 15.44 -20.00
N TYR G 74 -28.69 16.44 -19.39
CA TYR G 74 -27.59 17.14 -20.02
C TYR G 74 -26.40 16.22 -20.27
N LEU G 75 -26.05 15.39 -19.29
CA LEU G 75 -24.94 14.45 -19.48
C LEU G 75 -25.21 13.47 -20.63
N LEU G 76 -26.45 13.01 -20.75
CA LEU G 76 -26.77 12.13 -21.88
C LEU G 76 -26.79 12.89 -23.20
N TYR G 77 -27.12 14.19 -23.19
CA TYR G 77 -26.97 14.98 -24.40
C TYR G 77 -25.51 15.15 -24.80
N LEU G 78 -24.63 15.39 -23.83
CA LEU G 78 -23.20 15.51 -24.13
C LEU G 78 -22.62 14.22 -24.69
N GLN G 79 -23.09 13.07 -24.20
CA GLN G 79 -22.59 11.80 -24.75
C GLN G 79 -22.92 11.64 -26.23
N ALA G 80 -24.08 12.13 -26.67
CA ALA G 80 -24.45 12.01 -28.09
C ALA G 80 -23.61 12.88 -29.02
N ARG G 81 -22.95 13.92 -28.51
CA ARG G 81 -21.95 14.62 -29.30
C ARG G 81 -20.63 13.86 -29.42
N GLY G 82 -20.46 12.78 -28.66
CA GLY G 82 -19.25 11.99 -28.73
C GLY G 82 -18.05 12.57 -28.01
N LEU G 83 -18.27 13.49 -27.06
CA LEU G 83 -17.16 14.02 -26.27
C LEU G 83 -16.55 12.90 -25.42
N ALA G 84 -15.25 13.04 -25.15
CA ALA G 84 -14.57 12.05 -24.32
C ALA G 84 -15.12 12.07 -22.90
N VAL G 85 -14.96 10.93 -22.20
CA VAL G 85 -15.44 10.78 -20.83
C VAL G 85 -14.77 11.77 -19.88
N LYS G 86 -13.51 12.12 -20.13
CA LYS G 86 -12.84 13.10 -19.28
C LYS G 86 -13.35 14.52 -19.52
N THR G 87 -13.79 14.84 -20.73
CA THR G 87 -14.50 16.10 -20.97
C THR G 87 -15.81 16.14 -20.21
N ILE G 88 -16.56 15.04 -20.21
CA ILE G 88 -17.83 15.02 -19.48
C ILE G 88 -17.57 15.20 -17.98
N GLN G 89 -16.55 14.52 -17.45
CA GLN G 89 -16.24 14.71 -16.04
C GLN G 89 -15.80 16.13 -15.74
N GLN G 90 -15.12 16.79 -16.67
CA GLN G 90 -14.78 18.21 -16.49
C GLN G 90 -16.03 19.08 -16.40
N HIS G 91 -17.01 18.81 -17.27
CA HIS G 91 -18.27 19.55 -17.22
C HIS G 91 -19.00 19.36 -15.90
N LEU G 92 -19.03 18.14 -15.39
CA LEU G 92 -19.66 17.92 -14.08
C LEU G 92 -18.86 18.59 -12.96
N GLY G 93 -17.53 18.54 -13.06
CA GLY G 93 -16.68 19.12 -12.03
C GLY G 93 -16.92 20.60 -11.83
N GLN G 94 -16.92 21.37 -12.92
CA GLN G 94 -17.09 22.81 -12.73
C GLN G 94 -18.45 23.17 -12.15
N LEU G 95 -19.51 22.44 -12.51
CA LEU G 95 -20.81 22.73 -11.89
C LEU G 95 -20.80 22.39 -10.40
N ASN G 96 -20.03 21.37 -10.01
CA ASN G 96 -19.94 21.08 -8.59
C ASN G 96 -19.15 22.14 -7.84
N MET G 97 -18.09 22.67 -8.45
CA MET G 97 -17.40 23.81 -7.83
C MET G 97 -18.32 25.00 -7.64
N LEU G 98 -19.06 25.38 -8.68
CA LEU G 98 -19.99 26.51 -8.56
C LEU G 98 -21.02 26.29 -7.46
N HIS G 99 -21.58 25.08 -7.36
CA HIS G 99 -22.52 24.81 -6.27
C HIS G 99 -21.84 24.88 -4.90
N ARG G 100 -20.68 24.25 -4.75
CA ARG G 100 -20.01 24.24 -3.46
C ARG G 100 -19.71 25.66 -2.98
N ARG G 101 -19.07 26.47 -3.82
CA ARG G 101 -18.73 27.83 -3.42
C ARG G 101 -19.94 28.73 -3.31
N SER G 102 -21.06 28.41 -3.96
CA SER G 102 -22.30 29.12 -3.66
C SER G 102 -22.91 28.72 -2.32
N GLY G 103 -22.54 27.57 -1.77
CA GLY G 103 -23.05 27.12 -0.49
C GLY G 103 -24.26 26.23 -0.55
N LEU G 104 -24.60 25.70 -1.71
CA LEU G 104 -25.72 24.78 -1.91
C LEU G 104 -25.24 23.35 -1.81
N PRO G 105 -26.16 22.39 -1.62
CA PRO G 105 -25.83 21.00 -1.94
C PRO G 105 -25.54 20.85 -3.43
N ARG G 106 -24.79 19.81 -3.76
CA ARG G 106 -24.20 19.70 -5.09
C ARG G 106 -24.65 18.45 -5.83
N PRO G 107 -24.76 18.54 -7.16
CA PRO G 107 -25.32 17.40 -7.94
C PRO G 107 -24.56 16.09 -7.80
N SER G 108 -23.23 16.13 -7.62
CA SER G 108 -22.46 14.90 -7.56
C SER G 108 -22.83 14.04 -6.35
N ASP G 109 -23.39 14.63 -5.30
CA ASP G 109 -23.81 13.86 -4.14
C ASP G 109 -25.11 13.08 -4.40
N SER G 110 -25.84 13.41 -5.46
CA SER G 110 -27.11 12.76 -5.71
C SER G 110 -26.91 11.33 -6.21
N ASN G 111 -27.98 10.54 -6.09
CA ASN G 111 -27.97 9.14 -6.52
C ASN G 111 -27.84 8.99 -8.03
N ALA G 112 -28.82 9.49 -8.78
CA ALA G 112 -28.92 9.20 -10.21
C ALA G 112 -27.68 9.61 -10.99
N VAL G 113 -27.09 10.76 -10.66
CA VAL G 113 -25.87 11.19 -11.34
C VAL G 113 -24.74 10.18 -11.15
N SER G 114 -24.67 9.53 -9.99
CA SER G 114 -23.63 8.55 -9.77
C SER G 114 -23.84 7.29 -10.61
N LEU G 115 -25.10 6.91 -10.87
CA LEU G 115 -25.36 5.77 -11.73
C LEU G 115 -25.05 6.09 -13.19
N VAL G 116 -25.52 7.24 -13.67
CA VAL G 116 -25.28 7.56 -15.08
C VAL G 116 -23.79 7.79 -15.36
N MET G 117 -23.01 8.26 -14.38
CA MET G 117 -21.58 8.38 -14.64
C MET G 117 -20.91 7.02 -14.83
N ARG G 118 -21.36 6.01 -14.07
CA ARG G 118 -20.93 4.64 -14.34
C ARG G 118 -21.35 4.17 -15.72
N ARG G 119 -22.62 4.39 -16.06
CA ARG G 119 -23.12 3.92 -17.35
C ARG G 119 -22.32 4.51 -18.50
N ILE G 120 -22.11 5.82 -18.48
CA ILE G 120 -21.34 6.49 -19.52
C ILE G 120 -19.91 5.97 -19.59
N ARG G 121 -19.25 5.87 -18.42
CA ARG G 121 -17.87 5.39 -18.42
C ARG G 121 -17.76 3.99 -19.02
N LYS G 122 -18.58 3.05 -18.53
CA LYS G 122 -18.44 1.67 -18.95
C LYS G 122 -18.82 1.47 -20.42
N GLU G 123 -19.95 2.05 -20.84
CA GLU G 123 -20.33 1.96 -22.24
C GLU G 123 -19.27 2.55 -23.16
N ASN G 124 -18.74 3.73 -22.82
CA ASN G 124 -17.81 4.39 -23.72
C ASN G 124 -16.44 3.72 -23.72
N VAL G 125 -16.05 3.09 -22.62
CA VAL G 125 -14.83 2.27 -22.63
C VAL G 125 -15.02 1.02 -23.49
N ASP G 126 -16.16 0.35 -23.37
CA ASP G 126 -16.41 -0.82 -24.22
C ASP G 126 -16.53 -0.44 -25.69
N ALA G 127 -16.91 0.79 -25.99
CA ALA G 127 -16.85 1.26 -27.37
C ALA G 127 -15.43 1.41 -27.91
N GLY G 128 -14.39 1.29 -27.08
CA GLY G 128 -13.04 1.35 -27.57
C GLY G 128 -12.36 2.72 -27.53
N GLU G 129 -12.82 3.62 -26.66
CA GLU G 129 -12.16 4.91 -26.49
C GLU G 129 -10.77 4.75 -25.88
N ARG G 130 -9.81 5.50 -26.42
CA ARG G 130 -8.39 5.28 -26.14
C ARG G 130 -7.72 6.63 -25.86
N ALA G 131 -6.90 6.67 -24.81
CA ALA G 131 -6.10 7.85 -24.50
C ALA G 131 -4.87 7.96 -25.39
N LYS G 132 -4.51 9.19 -25.74
CA LYS G 132 -3.38 9.49 -26.62
C LYS G 132 -2.19 10.04 -25.83
N GLN G 133 -1.05 10.13 -26.52
CA GLN G 133 0.16 10.73 -25.97
C GLN G 133 0.85 11.56 -27.05
N ALA G 134 1.76 12.43 -26.60
CA ALA G 134 2.59 13.18 -27.52
C ALA G 134 3.52 12.28 -28.33
N LEU G 135 3.81 12.69 -29.56
CA LEU G 135 4.79 12.06 -30.42
C LEU G 135 6.21 12.36 -29.92
N ALA G 136 6.99 11.32 -29.63
CA ALA G 136 8.27 11.52 -28.97
C ALA G 136 9.30 12.15 -29.90
N PHE G 137 10.04 13.13 -29.36
CA PHE G 137 11.19 13.77 -29.99
C PHE G 137 12.47 13.26 -29.34
N GLU G 138 13.10 12.25 -29.95
CA GLU G 138 14.23 11.57 -29.33
C GLU G 138 15.56 12.04 -29.90
N ARG G 139 16.63 11.57 -29.24
CA ARG G 139 18.01 11.98 -29.53
C ARG G 139 18.35 11.97 -31.03
N THR G 140 17.92 10.95 -31.75
CA THR G 140 18.21 10.88 -33.19
C THR G 140 17.62 12.07 -33.93
N ASP G 141 16.42 12.50 -33.56
CA ASP G 141 15.82 13.66 -34.20
C ASP G 141 16.58 14.94 -33.90
N PHE G 142 17.01 15.11 -32.65
CA PHE G 142 17.78 16.29 -32.29
C PHE G 142 19.11 16.34 -33.03
N ASP G 143 19.80 15.21 -33.14
CA ASP G 143 21.03 15.16 -33.92
C ASP G 143 20.79 15.48 -35.40
N GLN G 144 19.71 14.96 -35.99
CA GLN G 144 19.41 15.27 -37.37
C GLN G 144 19.12 16.75 -37.57
N VAL G 145 18.19 17.30 -36.78
CA VAL G 145 17.83 18.70 -36.89
C VAL G 145 19.04 19.61 -36.71
N ARG G 146 19.88 19.32 -35.71
CA ARG G 146 21.12 20.08 -35.54
C ARG G 146 22.01 20.00 -36.77
N SER G 147 22.25 18.79 -37.27
CA SER G 147 23.12 18.65 -38.44
C SER G 147 22.57 19.40 -39.66
N LEU G 148 21.25 19.50 -39.77
CA LEU G 148 20.64 20.24 -40.87
C LEU G 148 20.71 21.75 -40.70
N MET G 149 20.36 22.27 -39.53
CA MET G 149 20.14 23.69 -39.35
C MET G 149 21.39 24.48 -38.98
N GLU G 150 22.35 23.85 -38.29
CA GLU G 150 23.36 24.60 -37.56
C GLU G 150 24.20 25.53 -38.44
N ASN G 151 24.26 25.27 -39.74
CA ASN G 151 25.00 26.13 -40.64
C ASN G 151 24.29 27.46 -40.91
N SER G 152 23.03 27.60 -40.53
CA SER G 152 22.25 28.77 -40.89
C SER G 152 22.73 29.99 -40.11
N ASP G 153 22.49 31.17 -40.68
CA ASP G 153 22.98 32.42 -40.11
C ASP G 153 21.90 33.45 -39.83
N ARG G 154 20.68 33.26 -40.33
CA ARG G 154 19.60 34.19 -40.05
C ARG G 154 19.07 34.01 -38.64
N CYS G 155 18.84 35.14 -37.96
CA CYS G 155 18.60 35.17 -36.52
C CYS G 155 17.45 34.24 -36.11
N GLN G 156 16.36 34.26 -36.87
CA GLN G 156 15.19 33.45 -36.54
C GLN G 156 15.48 31.96 -36.55
N ASP G 157 16.50 31.50 -37.26
CA ASP G 157 16.90 30.09 -37.19
C ASP G 157 17.73 29.79 -35.95
N ILE G 158 18.68 30.67 -35.63
CA ILE G 158 19.48 30.51 -34.41
C ILE G 158 18.59 30.48 -33.18
N ARG G 159 17.59 31.36 -33.13
CA ARG G 159 16.64 31.33 -32.02
C ARG G 159 16.02 29.95 -31.88
N ASN G 160 15.52 29.40 -32.98
CA ASN G 160 14.77 28.15 -32.90
C ASN G 160 15.66 27.01 -32.44
N LEU G 161 16.89 26.95 -32.95
CA LEU G 161 17.77 25.87 -32.52
C LEU G 161 18.17 26.01 -31.05
N ALA G 162 18.38 27.24 -30.58
CA ALA G 162 18.69 27.42 -29.16
C ALA G 162 17.52 26.98 -28.29
N PHE G 163 16.30 27.33 -28.71
CA PHE G 163 15.11 26.92 -27.95
C PHE G 163 15.00 25.41 -27.88
N LEU G 164 15.20 24.72 -29.00
CA LEU G 164 15.12 23.26 -28.97
C LEU G 164 16.18 22.65 -28.06
N GLY G 165 17.38 23.20 -28.08
CA GLY G 165 18.42 22.70 -27.19
C GLY G 165 18.10 22.86 -25.71
N ILE G 166 17.62 24.05 -25.33
CA ILE G 166 17.20 24.27 -23.94
C ILE G 166 16.04 23.34 -23.56
N ALA G 167 15.05 23.22 -24.43
CA ALA G 167 13.88 22.40 -24.11
C ALA G 167 14.26 20.94 -23.92
N TYR G 168 15.13 20.41 -24.77
CA TYR G 168 15.53 19.02 -24.63
C TYR G 168 16.42 18.80 -23.40
N ASN G 169 17.44 19.65 -23.21
CA ASN G 169 18.37 19.40 -22.12
C ASN G 169 17.74 19.59 -20.75
N THR G 170 16.81 20.55 -20.58
CA THR G 170 16.34 20.86 -19.23
C THR G 170 15.05 20.15 -18.83
N LEU G 171 14.27 19.65 -19.77
CA LEU G 171 12.92 19.13 -19.54
C LEU G 171 11.98 20.16 -18.94
N LEU G 172 12.32 21.44 -18.95
CA LEU G 172 11.38 22.47 -18.52
C LEU G 172 10.19 22.51 -19.46
N ARG G 173 9.04 22.92 -18.93
CA ARG G 173 7.87 23.13 -19.76
C ARG G 173 7.99 24.46 -20.49
N ILE G 174 7.24 24.59 -21.59
CA ILE G 174 7.37 25.75 -22.46
C ILE G 174 6.96 27.04 -21.75
N ALA G 175 5.96 26.98 -20.88
CA ALA G 175 5.54 28.20 -20.19
C ALA G 175 6.62 28.71 -19.26
N GLU G 176 7.23 27.82 -18.48
CA GLU G 176 8.31 28.24 -17.59
C GLU G 176 9.60 28.54 -18.33
N ILE G 177 9.74 28.05 -19.57
CA ILE G 177 10.82 28.49 -20.43
C ILE G 177 10.61 29.93 -20.89
N ALA G 178 9.36 30.33 -21.12
CA ALA G 178 9.13 31.71 -21.57
C ALA G 178 9.49 32.74 -20.50
N ARG G 179 9.43 32.37 -19.22
CA ARG G 179 9.66 33.31 -18.13
C ARG G 179 11.12 33.68 -17.88
N ILE G 180 12.08 32.96 -18.46
CA ILE G 180 13.48 33.15 -18.08
C ILE G 180 13.92 34.57 -18.40
N ARG G 181 14.26 35.34 -17.36
CA ARG G 181 14.96 36.60 -17.53
C ARG G 181 16.47 36.38 -17.59
N VAL G 182 17.15 37.22 -18.37
CA VAL G 182 18.56 37.02 -18.65
C VAL G 182 19.45 37.08 -17.41
N LYS G 183 19.00 37.75 -16.34
CA LYS G 183 19.73 37.71 -15.07
C LYS G 183 19.69 36.36 -14.38
N ASP G 184 18.83 35.43 -14.80
CA ASP G 184 18.82 34.09 -14.22
C ASP G 184 19.94 33.21 -14.75
N ILE G 185 20.62 33.62 -15.80
CA ILE G 185 21.72 32.87 -16.37
C ILE G 185 22.99 33.15 -15.59
N SER G 186 23.78 32.11 -15.33
CA SER G 186 25.07 32.28 -14.67
C SER G 186 25.97 31.14 -15.09
N ARG G 187 27.26 31.24 -14.74
CA ARG G 187 28.26 30.35 -15.30
C ARG G 187 29.14 29.75 -14.22
N THR G 188 29.39 28.44 -14.33
CA THR G 188 30.32 27.73 -13.46
C THR G 188 31.74 27.82 -14.01
N ASP G 189 32.72 27.60 -13.14
CA ASP G 189 34.10 27.52 -13.59
C ASP G 189 34.37 26.31 -14.47
N GLY G 190 33.46 25.33 -14.52
CA GLY G 190 33.53 24.28 -15.52
C GLY G 190 33.09 24.68 -16.90
N GLY G 191 32.62 25.90 -17.08
CA GLY G 191 32.16 26.39 -18.36
C GLY G 191 30.75 25.96 -18.73
N ARG G 192 30.06 25.25 -17.84
CA ARG G 192 28.64 24.98 -18.02
C ARG G 192 27.83 26.17 -17.55
N MET G 193 26.64 26.32 -18.12
CA MET G 193 25.74 27.42 -17.77
C MET G 193 24.61 26.92 -16.89
N LEU G 194 24.39 27.61 -15.77
CA LEU G 194 23.31 27.30 -14.85
C LEU G 194 22.16 28.27 -15.05
N ILE G 195 20.95 27.75 -14.89
CA ILE G 195 19.71 28.52 -14.94
C ILE G 195 19.03 28.41 -13.59
N HIS G 196 18.82 29.55 -12.94
CA HIS G 196 18.01 29.63 -11.73
C HIS G 196 16.53 29.62 -12.12
N ILE G 197 15.72 28.85 -11.38
CA ILE G 197 14.34 28.61 -11.79
C ILE G 197 13.47 29.84 -11.62
N GLY G 198 13.75 30.69 -10.64
CA GLY G 198 12.83 31.77 -10.31
C GLY G 198 11.54 31.29 -9.69
N ARG G 199 10.40 31.64 -10.29
CA ARG G 199 9.12 31.12 -9.83
C ARG G 199 9.04 29.61 -10.01
N THR G 200 8.93 28.89 -8.90
CA THR G 200 8.66 27.45 -8.96
C THR G 200 7.19 27.18 -9.22
N ALA G 201 6.92 25.95 -9.68
CA ALA G 201 5.53 25.52 -9.87
C ALA G 201 4.80 25.34 -8.55
N THR G 202 5.52 24.96 -7.49
CA THR G 202 4.90 24.50 -6.25
C THR G 202 5.79 24.91 -5.09
N LEU G 203 5.16 25.02 -3.91
CA LEU G 203 5.89 25.50 -2.74
C LEU G 203 7.04 24.57 -2.37
N VAL G 204 6.82 23.27 -2.41
CA VAL G 204 7.88 22.28 -2.28
C VAL G 204 8.27 21.85 -3.69
N SER G 205 9.36 22.41 -4.20
CA SER G 205 9.76 22.22 -5.60
C SER G 205 10.45 20.86 -5.73
N THR G 206 9.72 19.87 -6.23
CA THR G 206 10.28 18.55 -6.44
C THR G 206 11.44 18.57 -7.45
N ALA G 207 11.38 19.48 -8.42
CA ALA G 207 12.46 19.64 -9.39
C ALA G 207 13.68 20.37 -8.83
N GLY G 208 13.63 20.82 -7.58
CA GLY G 208 14.73 21.59 -7.02
C GLY G 208 14.71 23.06 -7.41
N VAL G 209 15.90 23.64 -7.50
CA VAL G 209 16.04 25.08 -7.64
C VAL G 209 16.93 25.51 -8.80
N GLU G 210 17.83 24.67 -9.32
CA GLU G 210 18.73 25.09 -10.39
C GLU G 210 18.90 23.98 -11.40
N LYS G 211 19.03 24.37 -12.68
CA LYS G 211 19.26 23.44 -13.77
C LYS G 211 20.59 23.75 -14.45
N ALA G 212 21.26 22.72 -14.95
CA ALA G 212 22.56 22.89 -15.61
C ALA G 212 22.48 22.43 -17.06
N LEU G 213 23.04 23.24 -17.95
CA LEU G 213 23.18 22.89 -19.36
C LEU G 213 24.49 22.16 -19.64
N SER G 214 24.46 21.26 -20.62
CA SER G 214 25.67 20.71 -21.20
C SER G 214 26.44 21.77 -21.98
N LEU G 215 27.72 21.47 -22.24
CA LEU G 215 28.58 22.37 -23.00
C LEU G 215 28.05 22.63 -24.41
N GLY G 216 27.60 21.59 -25.10
CA GLY G 216 27.10 21.75 -26.46
C GLY G 216 25.95 22.73 -26.57
N VAL G 217 24.94 22.59 -25.72
CA VAL G 217 23.82 23.53 -25.72
C VAL G 217 24.27 24.93 -25.31
N THR G 218 25.23 25.01 -24.39
CA THR G 218 25.77 26.32 -24.01
C THR G 218 26.41 27.02 -25.20
N LYS G 219 27.08 26.27 -26.08
CA LYS G 219 27.62 26.91 -27.28
C LYS G 219 26.53 27.53 -28.16
N LEU G 220 25.33 26.93 -28.17
CA LEU G 220 24.22 27.51 -28.91
C LEU G 220 23.70 28.78 -28.24
N VAL G 221 23.45 28.68 -26.94
CA VAL G 221 22.86 29.80 -26.22
C VAL G 221 23.77 31.02 -26.23
N GLU G 222 25.09 30.82 -26.08
CA GLU G 222 26.00 31.95 -26.18
C GLU G 222 25.91 32.64 -27.53
N ARG G 223 25.65 31.89 -28.60
CA ARG G 223 25.52 32.51 -29.91
C ARG G 223 24.25 33.33 -29.98
N TRP G 224 23.12 32.76 -29.56
CA TRP G 224 21.89 33.54 -29.57
C TRP G 224 22.03 34.81 -28.72
N ILE G 225 22.54 34.68 -27.51
CA ILE G 225 22.60 35.80 -26.59
C ILE G 225 23.62 36.85 -27.02
N SER G 226 24.54 36.51 -27.93
CA SER G 226 25.47 37.50 -28.45
C SER G 226 25.06 38.11 -29.79
N VAL G 227 24.31 37.39 -30.62
CA VAL G 227 23.82 38.00 -31.86
C VAL G 227 22.68 38.98 -31.59
N SER G 228 21.75 38.63 -30.69
CA SER G 228 20.74 39.58 -30.27
C SER G 228 21.29 40.55 -29.23
N GLY G 229 20.57 41.67 -29.07
CA GLY G 229 20.87 42.68 -28.07
C GLY G 229 20.32 42.42 -26.69
N VAL G 230 19.71 41.26 -26.47
CA VAL G 230 18.92 41.01 -25.26
C VAL G 230 19.74 41.28 -24.00
N ALA G 231 21.03 40.99 -24.04
CA ALA G 231 21.89 41.10 -22.85
C ALA G 231 22.10 42.53 -22.37
N ASP G 232 21.67 43.53 -23.15
CA ASP G 232 21.91 44.92 -22.80
C ASP G 232 21.14 45.38 -21.55
N ASP G 233 20.19 44.60 -21.06
CA ASP G 233 19.54 44.91 -19.79
C ASP G 233 19.22 43.61 -19.05
N PRO G 234 19.66 43.45 -17.81
CA PRO G 234 19.35 42.23 -17.05
C PRO G 234 17.86 41.92 -16.93
N ASN G 235 16.96 42.89 -17.11
CA ASN G 235 15.54 42.62 -17.03
C ASN G 235 14.92 42.08 -18.31
N ASN G 236 15.61 42.14 -19.44
CA ASN G 236 15.04 41.67 -20.69
C ASN G 236 14.77 40.17 -20.63
N TYR G 237 13.69 39.76 -21.28
CA TYR G 237 13.44 38.34 -21.52
C TYR G 237 14.39 37.75 -22.55
N LEU G 238 14.72 36.48 -22.34
CA LEU G 238 15.72 35.80 -23.17
C LEU G 238 15.27 35.56 -24.60
N PHE G 239 13.96 35.46 -24.85
CA PHE G 239 13.44 35.28 -26.20
C PHE G 239 12.45 36.37 -26.54
N CYS G 240 12.39 36.71 -27.83
CA CYS G 240 11.65 37.88 -28.27
C CYS G 240 11.33 37.73 -29.76
N ARG G 241 10.44 38.60 -30.22
CA ARG G 241 10.05 38.64 -31.63
C ARG G 241 11.25 38.91 -32.54
N VAL G 242 11.21 38.29 -33.72
CA VAL G 242 12.07 38.67 -34.83
C VAL G 242 11.17 39.05 -35.98
N ARG G 243 11.37 40.27 -36.51
CA ARG G 243 10.51 40.80 -37.55
C ARG G 243 10.92 40.32 -38.94
N LYS G 244 10.04 40.65 -39.90
CA LYS G 244 10.17 40.23 -41.29
C LYS G 244 11.55 40.48 -41.88
N ASN G 245 12.29 41.47 -41.38
CA ASN G 245 13.61 41.79 -41.90
C ASN G 245 14.75 41.31 -41.02
N GLY G 246 14.48 40.47 -40.01
CA GLY G 246 15.54 39.94 -39.18
C GLY G 246 15.99 40.80 -38.03
N VAL G 247 15.38 41.96 -37.83
CA VAL G 247 15.65 42.78 -36.65
C VAL G 247 14.98 42.15 -35.44
N ALA G 248 15.76 41.91 -34.39
CA ALA G 248 15.22 41.45 -33.12
C ALA G 248 14.69 42.63 -32.30
N ALA G 249 13.66 42.36 -31.50
CA ALA G 249 12.93 43.38 -30.74
C ALA G 249 12.94 43.03 -29.26
N PRO G 250 14.05 43.31 -28.56
CA PRO G 250 14.13 42.95 -27.14
C PRO G 250 13.10 43.71 -26.32
N SER G 251 12.70 43.10 -25.20
CA SER G 251 11.63 43.66 -24.38
C SER G 251 11.82 43.21 -22.93
N ALA G 252 11.25 44.01 -22.02
CA ALA G 252 11.17 43.65 -20.61
C ALA G 252 9.75 43.63 -20.07
N THR G 253 8.80 44.26 -20.75
CA THR G 253 7.39 44.25 -20.31
C THR G 253 6.59 43.08 -20.85
N SER G 254 6.93 42.57 -22.04
CA SER G 254 6.11 41.57 -22.71
C SER G 254 6.95 40.37 -23.11
N GLN G 255 6.33 39.20 -23.09
CA GLN G 255 7.02 37.93 -23.31
C GLN G 255 6.35 37.16 -24.44
N LEU G 256 7.18 36.40 -25.16
CA LEU G 256 6.73 35.66 -26.33
C LEU G 256 5.66 34.63 -26.01
N SER G 257 4.56 34.66 -26.76
CA SER G 257 3.37 33.87 -26.44
C SER G 257 3.62 32.39 -26.66
N THR G 258 3.00 31.57 -25.81
CA THR G 258 3.18 30.12 -25.89
C THR G 258 2.75 29.57 -27.26
N ARG G 259 1.70 30.15 -27.84
CA ARG G 259 1.28 29.77 -29.18
C ARG G 259 2.42 29.91 -30.18
N ALA G 260 3.27 30.92 -30.00
CA ALA G 260 4.38 31.08 -30.92
C ALA G 260 5.46 30.03 -30.68
N LEU G 261 5.56 29.53 -29.45
CA LEU G 261 6.54 28.48 -29.16
C LEU G 261 6.14 27.15 -29.78
N GLU G 262 4.84 26.82 -29.76
CA GLU G 262 4.40 25.60 -30.44
C GLU G 262 4.70 25.64 -31.94
N GLY G 263 4.62 26.83 -32.54
CA GLY G 263 4.97 26.98 -33.94
C GLY G 263 6.38 26.55 -34.29
N ILE G 264 7.31 26.67 -33.35
CA ILE G 264 8.69 26.25 -33.64
C ILE G 264 8.77 24.73 -33.82
N PHE G 265 8.12 23.98 -32.94
CA PHE G 265 8.09 22.53 -33.09
C PHE G 265 7.35 22.13 -34.36
N GLU G 266 6.20 22.73 -34.62
CA GLU G 266 5.45 22.35 -35.82
C GLU G 266 6.20 22.69 -37.10
N ALA G 267 6.79 23.88 -37.19
CA ALA G 267 7.54 24.26 -38.37
C ALA G 267 8.77 23.40 -38.60
N THR G 268 9.52 23.08 -37.53
CA THR G 268 10.67 22.22 -37.73
C THR G 268 10.29 20.80 -38.11
N HIS G 269 9.19 20.27 -37.57
CA HIS G 269 8.69 18.98 -38.05
C HIS G 269 8.34 19.04 -39.53
N ARG G 270 7.55 20.04 -39.91
CA ARG G 270 7.15 20.22 -41.31
C ARG G 270 8.34 20.35 -42.25
N LEU G 271 9.45 20.94 -41.77
CA LEU G 271 10.63 21.07 -42.62
C LEU G 271 11.26 19.74 -43.02
N ILE G 272 11.03 18.67 -42.28
CA ILE G 272 11.60 17.36 -42.60
C ILE G 272 10.58 16.42 -43.24
N TYR G 273 9.38 16.35 -42.67
CA TYR G 273 8.38 15.38 -43.06
C TYR G 273 7.32 15.94 -44.00
N GLY G 274 7.47 17.19 -44.44
CA GLY G 274 6.51 17.76 -45.37
C GLY G 274 5.15 18.09 -44.78
N ALA G 275 4.18 18.27 -45.68
CA ALA G 275 2.85 18.71 -45.30
C ALA G 275 2.16 17.74 -44.35
N LYS G 276 1.47 18.31 -43.37
CA LYS G 276 0.74 17.56 -42.37
C LYS G 276 -0.48 16.89 -42.97
N ASP G 277 -0.81 15.71 -42.46
CA ASP G 277 -1.94 14.95 -42.98
C ASP G 277 -3.26 15.66 -42.65
N ASP G 278 -4.31 15.26 -43.38
CA ASP G 278 -5.62 15.89 -43.29
C ASP G 278 -6.60 15.13 -42.39
N SER G 279 -6.18 14.08 -41.71
CA SER G 279 -7.15 13.25 -40.98
C SER G 279 -7.78 13.97 -39.80
N GLY G 280 -7.18 15.08 -39.34
CA GLY G 280 -7.77 15.84 -38.26
C GLY G 280 -7.55 15.29 -36.87
N GLN G 281 -6.70 14.27 -36.70
CA GLN G 281 -6.35 13.79 -35.39
C GLN G 281 -5.37 14.74 -34.69
N ARG G 282 -5.27 14.60 -33.38
CA ARG G 282 -4.22 15.26 -32.63
C ARG G 282 -2.90 14.49 -32.71
N TYR G 283 -1.81 15.19 -32.36
CA TYR G 283 -0.50 14.61 -32.20
C TYR G 283 0.04 14.00 -33.50
N LEU G 284 -0.36 14.57 -34.64
CA LEU G 284 0.26 14.19 -35.90
C LEU G 284 1.65 14.77 -36.06
N ALA G 285 2.04 15.73 -35.21
CA ALA G 285 3.36 16.33 -35.26
C ALA G 285 3.83 16.62 -33.84
N TRP G 286 5.12 16.92 -33.72
CA TRP G 286 5.69 17.24 -32.41
C TRP G 286 4.99 18.43 -31.78
N SER G 287 4.94 18.41 -30.45
CA SER G 287 4.36 19.48 -29.67
C SER G 287 5.20 19.66 -28.41
N GLY G 288 4.73 20.53 -27.50
CA GLY G 288 5.53 20.91 -26.36
C GLY G 288 5.96 19.77 -25.44
N HIS G 289 5.16 18.71 -25.34
CA HIS G 289 5.55 17.55 -24.53
C HIS G 289 6.50 16.57 -25.20
N SER G 290 6.75 16.70 -26.50
CA SER G 290 7.56 15.71 -27.21
C SER G 290 8.96 15.57 -26.61
N ALA G 291 9.49 16.64 -26.04
CA ALA G 291 10.83 16.58 -25.44
C ALA G 291 10.84 15.81 -24.13
N ARG G 292 9.86 16.03 -23.26
CA ARG G 292 9.85 15.32 -21.99
C ARG G 292 9.72 13.81 -22.19
N VAL G 293 8.81 13.39 -23.08
CA VAL G 293 8.66 11.97 -23.41
C VAL G 293 9.94 11.42 -24.03
N GLY G 294 10.54 12.17 -24.95
CA GLY G 294 11.74 11.67 -25.60
C GLY G 294 12.88 11.47 -24.62
N ALA G 295 13.18 12.50 -23.82
CA ALA G 295 14.27 12.37 -22.86
C ALA G 295 13.99 11.31 -21.81
N ALA G 296 12.73 11.10 -21.44
CA ALA G 296 12.40 10.01 -20.53
C ALA G 296 12.76 8.65 -21.12
N ARG G 297 12.31 8.38 -22.34
CA ARG G 297 12.65 7.10 -22.97
C ARG G 297 14.15 6.94 -23.19
N ASP G 298 14.83 8.01 -23.61
CA ASP G 298 16.29 7.97 -23.75
C ASP G 298 17.01 7.64 -22.45
N MET G 299 16.55 8.17 -21.32
CA MET G 299 17.13 7.76 -20.04
C MET G 299 16.79 6.32 -19.69
N ALA G 300 15.55 5.89 -19.96
CA ALA G 300 15.16 4.52 -19.61
C ALA G 300 15.96 3.49 -20.39
N ARG G 301 16.24 3.75 -21.67
CA ARG G 301 17.12 2.85 -22.42
C ARG G 301 18.49 2.70 -21.77
N ALA G 302 19.01 3.76 -21.14
CA ALA G 302 20.32 3.70 -20.49
C ALA G 302 20.30 3.05 -19.12
N GLY G 303 19.15 2.61 -18.62
CA GLY G 303 19.10 1.90 -17.37
C GLY G 303 19.22 2.76 -16.13
N VAL G 304 18.98 4.05 -16.23
CA VAL G 304 18.91 4.91 -15.05
C VAL G 304 17.73 4.46 -14.20
N SER G 305 17.95 4.39 -12.88
CA SER G 305 16.91 3.88 -12.00
C SER G 305 15.77 4.88 -11.86
N ILE G 306 14.59 4.34 -11.53
CA ILE G 306 13.37 5.15 -11.50
C ILE G 306 13.49 6.37 -10.59
N PRO G 307 14.06 6.29 -9.40
CA PRO G 307 14.17 7.49 -8.56
C PRO G 307 14.94 8.64 -9.20
N GLU G 308 16.01 8.35 -9.93
CA GLU G 308 16.73 9.42 -10.61
C GLU G 308 15.92 10.02 -11.75
N ILE G 309 15.20 9.21 -12.53
CA ILE G 309 14.37 9.76 -13.59
C ILE G 309 13.27 10.63 -13.02
N MET G 310 12.62 10.15 -11.95
CA MET G 310 11.55 10.93 -11.33
C MET G 310 12.05 12.24 -10.77
N GLN G 311 13.20 12.23 -10.08
CA GLN G 311 13.74 13.50 -9.60
C GLN G 311 14.18 14.40 -10.75
N ALA G 312 14.69 13.82 -11.84
CA ALA G 312 15.13 14.64 -12.97
C ALA G 312 13.97 15.41 -13.59
N GLY G 313 12.86 14.73 -13.83
CA GLY G 313 11.75 15.43 -14.47
C GLY G 313 10.75 16.06 -13.52
N GLY G 314 10.79 15.70 -12.25
CA GLY G 314 9.91 16.31 -11.26
C GLY G 314 8.62 15.56 -11.02
N TRP G 315 8.45 14.36 -11.57
CA TRP G 315 7.24 13.59 -11.31
C TRP G 315 7.25 13.08 -9.87
N THR G 316 6.11 13.23 -9.18
CA THR G 316 5.92 12.61 -7.88
C THR G 316 5.18 11.29 -7.97
N ASN G 317 4.44 11.05 -9.05
CA ASN G 317 3.68 9.81 -9.23
C ASN G 317 4.34 8.97 -10.30
N VAL G 318 4.68 7.73 -9.95
CA VAL G 318 5.35 6.80 -10.86
C VAL G 318 4.51 6.41 -12.06
N ASN G 319 3.19 6.50 -11.96
CA ASN G 319 2.32 6.00 -13.04
C ASN G 319 2.59 6.68 -14.38
N ILE G 320 2.94 7.97 -14.38
CA ILE G 320 3.20 8.65 -15.65
C ILE G 320 4.50 8.16 -16.27
N VAL G 321 5.55 8.06 -15.46
CA VAL G 321 6.81 7.54 -15.98
C VAL G 321 6.60 6.13 -16.53
N MET G 322 5.84 5.30 -15.81
CA MET G 322 5.52 3.97 -16.32
C MET G 322 4.80 4.05 -17.67
N ASN G 323 3.79 4.92 -17.77
CA ASN G 323 3.05 5.04 -19.02
C ASN G 323 3.89 5.55 -20.18
N TYR G 324 5.05 6.14 -19.91
CA TYR G 324 5.94 6.52 -21.01
C TYR G 324 6.92 5.44 -21.44
N ILE G 325 7.15 4.41 -20.64
CA ILE G 325 8.22 3.44 -20.90
C ILE G 325 7.73 2.02 -21.12
N ARG G 326 6.43 1.74 -20.91
CA ARG G 326 5.90 0.38 -21.13
C ARG G 326 6.36 -0.23 -22.44
N ASN G 327 6.51 0.58 -23.49
CA ASN G 327 6.81 0.04 -24.80
C ASN G 327 8.23 -0.51 -24.94
N LEU G 328 9.16 -0.11 -24.08
CA LEU G 328 10.50 -0.68 -24.14
C LEU G 328 10.52 -2.12 -23.64
N ASP G 329 11.18 -2.99 -24.39
CA ASP G 329 11.23 -4.41 -24.07
C ASP G 329 12.00 -4.70 -22.78
N SER G 330 12.80 -3.75 -22.31
CA SER G 330 13.38 -3.85 -20.97
C SER G 330 12.32 -4.00 -19.89
N GLU G 331 11.09 -3.57 -20.14
CA GLU G 331 10.01 -3.64 -19.18
C GLU G 331 9.19 -4.92 -19.29
N THR G 332 9.62 -5.88 -20.09
CA THR G 332 8.95 -7.18 -20.15
C THR G 332 9.09 -7.92 -18.82
N GLY G 333 7.99 -8.51 -18.36
CA GLY G 333 7.89 -9.06 -17.02
C GLY G 333 8.58 -10.40 -16.84
N ALA G 334 8.53 -10.87 -15.59
CA ALA G 334 9.24 -12.07 -15.17
C ALA G 334 8.80 -13.32 -15.92
N MET G 335 7.52 -13.38 -16.33
CA MET G 335 7.07 -14.55 -17.09
C MET G 335 7.81 -14.69 -18.42
N VAL G 336 8.22 -13.57 -19.03
CA VAL G 336 9.05 -13.65 -20.22
C VAL G 336 10.43 -14.23 -19.89
N ARG G 337 11.00 -13.84 -18.75
CA ARG G 337 12.29 -14.42 -18.36
C ARG G 337 12.16 -15.92 -18.07
N LEU G 338 11.05 -16.33 -17.47
CA LEU G 338 10.82 -17.75 -17.19
C LEU G 338 10.63 -18.55 -18.47
N LEU G 339 9.84 -18.05 -19.42
CA LEU G 339 9.64 -18.78 -20.66
C LEU G 339 10.90 -18.79 -21.50
N GLU G 340 11.51 -17.62 -21.74
CA GLU G 340 12.65 -17.49 -22.64
C GLU G 340 13.97 -17.73 -21.92
N ASP G 341 14.02 -18.74 -21.06
CA ASP G 341 15.09 -18.87 -20.07
C ASP G 341 16.48 -18.84 -20.71
N SER H 20 -22.33 28.74 26.88
CA SER H 20 -22.99 27.48 27.32
C SER H 20 -22.05 26.64 28.18
N ASP H 21 -22.64 25.87 29.09
CA ASP H 21 -21.84 25.07 30.02
C ASP H 21 -21.07 23.98 29.30
N GLU H 22 -21.64 23.41 28.24
CA GLU H 22 -20.99 22.28 27.56
C GLU H 22 -19.63 22.67 27.00
N VAL H 23 -19.45 23.93 26.61
CA VAL H 23 -18.14 24.38 26.15
C VAL H 23 -17.09 24.26 27.25
N ARG H 24 -17.37 24.84 28.41
CA ARG H 24 -16.44 24.77 29.53
C ARG H 24 -16.27 23.34 30.05
N LYS H 25 -17.32 22.52 29.99
CA LYS H 25 -17.17 21.10 30.31
C LYS H 25 -16.21 20.39 29.36
N ASN H 26 -16.36 20.61 28.05
CA ASN H 26 -15.44 20.01 27.08
C ASN H 26 -14.02 20.51 27.27
N LEU H 27 -13.83 21.80 27.57
CA LEU H 27 -12.50 22.30 27.86
C LEU H 27 -11.90 21.69 29.13
N MET H 28 -12.70 21.53 30.17
CA MET H 28 -12.24 20.84 31.36
C MET H 28 -11.83 19.40 31.07
N ASP H 29 -12.61 18.69 30.27
CA ASP H 29 -12.22 17.34 29.87
C ASP H 29 -10.92 17.33 29.07
N MET H 30 -10.76 18.26 28.11
CA MET H 30 -9.54 18.33 27.34
C MET H 30 -8.32 18.62 28.21
N PHE H 31 -8.48 19.46 29.24
CA PHE H 31 -7.37 19.74 30.14
C PHE H 31 -7.10 18.62 31.13
N ARG H 32 -8.13 17.90 31.56
CA ARG H 32 -7.97 16.83 32.54
C ARG H 32 -7.01 15.74 32.06
N ASP H 33 -7.07 15.39 30.77
CA ASP H 33 -6.10 14.45 30.20
C ASP H 33 -5.08 15.13 29.29
N ARG H 34 -4.52 16.23 29.77
CA ARG H 34 -3.48 16.95 29.06
C ARG H 34 -2.33 16.06 28.60
N GLN H 35 -2.05 14.97 29.32
CA GLN H 35 -1.02 14.04 28.89
C GLN H 35 -1.33 13.33 27.58
N ALA H 36 -2.56 13.38 27.09
CA ALA H 36 -2.89 12.63 25.88
C ALA H 36 -2.27 13.23 24.62
N PHE H 37 -1.96 14.52 24.62
CA PHE H 37 -1.29 15.15 23.50
C PHE H 37 0.21 15.21 23.74
N SER H 38 0.96 15.50 22.68
CA SER H 38 2.39 15.72 22.81
C SER H 38 2.69 16.93 23.69
N GLU H 39 3.85 16.87 24.36
CA GLU H 39 4.39 18.02 25.08
C GLU H 39 4.53 19.25 24.21
N HIS H 40 4.85 19.09 22.93
CA HIS H 40 5.01 20.23 22.02
C HIS H 40 3.70 20.81 21.49
N THR H 41 2.63 20.01 21.43
CA THR H 41 1.36 20.52 20.94
C THR H 41 0.73 21.55 21.87
N TRP H 42 0.90 21.39 23.18
CA TRP H 42 0.34 22.38 24.11
C TRP H 42 1.13 23.70 24.10
N LYS H 43 2.44 23.64 23.98
CA LYS H 43 3.25 24.85 24.01
C LYS H 43 2.79 25.91 23.01
N MET H 44 2.56 25.53 21.77
CA MET H 44 2.20 26.53 20.77
C MET H 44 0.73 26.88 20.71
N LEU H 45 -0.16 26.05 21.25
CA LEU H 45 -1.53 26.52 21.43
C LEU H 45 -1.56 27.76 22.31
N LEU H 46 -0.78 27.74 23.39
CA LEU H 46 -0.71 28.89 24.28
C LEU H 46 0.04 30.05 23.63
N SER H 47 1.12 29.73 22.91
CA SER H 47 1.88 30.80 22.26
C SER H 47 1.03 31.59 21.27
N VAL H 48 0.28 30.89 20.41
CA VAL H 48 -0.57 31.62 19.46
C VAL H 48 -1.77 32.25 20.15
N CYS H 49 -2.27 31.66 21.23
CA CYS H 49 -3.38 32.28 21.94
C CYS H 49 -3.00 33.63 22.55
N ARG H 50 -1.78 33.75 23.09
CA ARG H 50 -1.30 35.07 23.50
C ARG H 50 -1.39 36.10 22.39
N SER H 51 -0.82 35.78 21.22
CA SER H 51 -0.75 36.76 20.14
C SER H 51 -2.13 37.15 19.63
N TRP H 52 -3.01 36.16 19.46
CA TRP H 52 -4.39 36.44 19.05
C TRP H 52 -5.11 37.33 20.06
N ALA H 53 -5.04 37.01 21.34
CA ALA H 53 -5.74 37.84 22.32
C ALA H 53 -5.17 39.25 22.39
N ALA H 54 -3.85 39.39 22.29
CA ALA H 54 -3.24 40.72 22.27
C ALA H 54 -3.69 41.56 21.07
N TRP H 55 -3.69 40.97 19.88
CA TRP H 55 -4.21 41.71 18.73
C TRP H 55 -5.67 42.07 18.89
N CYS H 56 -6.49 41.14 19.38
CA CYS H 56 -7.91 41.45 19.56
C CYS H 56 -8.12 42.59 20.56
N LYS H 57 -7.37 42.59 21.66
CA LYS H 57 -7.48 43.68 22.63
C LYS H 57 -7.07 45.01 22.02
N LEU H 58 -5.95 45.02 21.30
CA LEU H 58 -5.50 46.27 20.68
C LEU H 58 -6.53 46.85 19.71
N ASN H 59 -7.38 46.01 19.11
CA ASN H 59 -8.38 46.47 18.15
C ASN H 59 -9.81 46.43 18.70
N ASN H 60 -9.99 46.22 20.00
CA ASN H 60 -11.30 46.21 20.64
C ASN H 60 -12.28 45.23 19.99
N ARG H 61 -11.86 43.98 19.87
CA ARG H 61 -12.71 42.92 19.35
C ARG H 61 -12.74 41.76 20.35
N LYS H 62 -13.88 41.10 20.45
CA LYS H 62 -14.04 40.01 21.40
C LYS H 62 -13.24 38.79 20.95
N TRP H 63 -12.39 38.27 21.85
CA TRP H 63 -11.28 37.43 21.46
C TRP H 63 -11.63 35.94 21.34
N PHE H 64 -12.44 35.38 22.23
CA PHE H 64 -12.58 33.93 22.19
C PHE H 64 -13.46 33.45 21.04
N PRO H 65 -14.77 33.76 21.00
CA PRO H 65 -15.58 33.23 19.90
C PRO H 65 -15.31 34.02 18.62
N ALA H 66 -14.32 33.57 17.86
CA ALA H 66 -13.79 34.38 16.76
C ALA H 66 -14.84 34.57 15.68
N GLU H 67 -14.91 35.79 15.16
CA GLU H 67 -15.82 36.16 14.09
C GLU H 67 -15.07 36.18 12.77
N PRO H 68 -15.57 35.52 11.72
CA PRO H 68 -14.73 35.29 10.53
C PRO H 68 -14.17 36.56 9.89
N GLU H 69 -14.94 37.64 9.87
CA GLU H 69 -14.46 38.89 9.28
C GLU H 69 -13.36 39.54 10.10
N ASP H 70 -13.23 39.22 11.39
CA ASP H 70 -12.07 39.64 12.16
C ASP H 70 -10.86 38.75 11.86
N VAL H 71 -11.05 37.44 11.76
CA VAL H 71 -9.96 36.54 11.40
C VAL H 71 -9.36 36.91 10.05
N ARG H 72 -10.18 37.32 9.09
CA ARG H 72 -9.67 37.79 7.81
C ARG H 72 -8.69 38.95 7.98
N ASP H 73 -9.07 39.94 8.79
CA ASP H 73 -8.19 41.07 9.04
C ASP H 73 -6.91 40.65 9.75
N TYR H 74 -7.03 39.75 10.73
CA TYR H 74 -5.84 39.26 11.42
C TYR H 74 -4.88 38.58 10.46
N LEU H 75 -5.40 37.73 9.58
CA LEU H 75 -4.54 37.05 8.61
C LEU H 75 -3.86 38.02 7.66
N LEU H 76 -4.58 39.05 7.19
CA LEU H 76 -3.92 40.04 6.33
C LEU H 76 -2.87 40.84 7.10
N TYR H 77 -3.14 41.15 8.37
CA TYR H 77 -2.14 41.81 9.20
C TYR H 77 -0.89 40.94 9.36
N LEU H 78 -1.05 39.64 9.57
CA LEU H 78 0.10 38.75 9.62
C LEU H 78 0.85 38.72 8.29
N GLN H 79 0.15 38.77 7.17
CA GLN H 79 0.85 38.85 5.89
C GLN H 79 1.69 40.12 5.78
N ALA H 80 1.11 41.26 6.17
CA ALA H 80 1.83 42.52 6.04
C ALA H 80 3.07 42.59 6.94
N ARG H 81 3.12 41.80 8.00
CA ARG H 81 4.33 41.68 8.81
C ARG H 81 5.44 40.88 8.12
N GLY H 82 5.11 40.07 7.11
CA GLY H 82 6.13 39.35 6.36
C GLY H 82 6.44 37.95 6.86
N LEU H 83 5.53 37.32 7.61
CA LEU H 83 5.72 35.95 8.05
C LEU H 83 5.59 34.98 6.87
N ALA H 84 6.24 33.82 7.00
CA ALA H 84 6.17 32.79 5.98
C ALA H 84 4.81 32.10 5.98
N VAL H 85 4.50 31.46 4.85
CA VAL H 85 3.20 30.83 4.65
C VAL H 85 2.94 29.72 5.67
N LYS H 86 3.94 28.90 5.97
CA LYS H 86 3.76 27.87 7.00
C LYS H 86 3.57 28.42 8.40
N THR H 87 4.06 29.63 8.68
CA THR H 87 3.73 30.26 9.96
C THR H 87 2.25 30.62 10.02
N ILE H 88 1.71 31.17 8.94
CA ILE H 88 0.30 31.52 8.92
C ILE H 88 -0.56 30.27 8.94
N GLN H 89 -0.10 29.21 8.28
CA GLN H 89 -0.78 27.92 8.39
C GLN H 89 -0.86 27.47 9.84
N GLN H 90 0.22 27.61 10.61
CA GLN H 90 0.18 27.24 12.02
C GLN H 90 -0.81 28.09 12.81
N HIS H 91 -0.76 29.40 12.59
CA HIS H 91 -1.64 30.31 13.30
C HIS H 91 -3.11 30.01 13.05
N LEU H 92 -3.48 29.68 11.82
CA LEU H 92 -4.86 29.25 11.57
C LEU H 92 -5.15 27.88 12.16
N GLY H 93 -4.21 26.94 12.01
CA GLY H 93 -4.44 25.59 12.45
C GLY H 93 -4.76 25.47 13.93
N GLN H 94 -4.07 26.24 14.76
CA GLN H 94 -4.39 26.15 16.19
C GLN H 94 -5.76 26.73 16.53
N LEU H 95 -6.20 27.78 15.86
CA LEU H 95 -7.55 28.29 16.14
C LEU H 95 -8.61 27.28 15.71
N ASN H 96 -8.38 26.60 14.59
CA ASN H 96 -9.25 25.51 14.19
C ASN H 96 -9.29 24.41 15.26
N MET H 97 -8.12 23.95 15.72
CA MET H 97 -8.10 22.94 16.76
C MET H 97 -8.88 23.37 17.99
N LEU H 98 -8.66 24.60 18.46
CA LEU H 98 -9.33 25.08 19.67
C LEU H 98 -10.85 25.09 19.52
N HIS H 99 -11.36 25.59 18.39
CA HIS H 99 -12.81 25.56 18.19
C HIS H 99 -13.34 24.15 18.06
N ARG H 100 -12.69 23.31 17.24
CA ARG H 100 -13.17 21.96 17.04
C ARG H 100 -13.25 21.18 18.35
N ARG H 101 -12.18 21.23 19.15
CA ARG H 101 -12.20 20.57 20.46
C ARG H 101 -13.18 21.21 21.43
N SER H 102 -13.47 22.50 21.28
CA SER H 102 -14.54 23.08 22.09
C SER H 102 -15.92 22.62 21.66
N GLY H 103 -16.05 22.04 20.47
CA GLY H 103 -17.37 21.65 19.96
C GLY H 103 -18.14 22.72 19.22
N LEU H 104 -17.48 23.79 18.82
CA LEU H 104 -18.09 24.85 18.03
C LEU H 104 -17.73 24.67 16.56
N PRO H 105 -18.43 25.34 15.64
CA PRO H 105 -17.99 25.33 14.25
C PRO H 105 -16.62 25.98 14.10
N ARG H 106 -15.82 25.42 13.20
CA ARG H 106 -14.51 26.00 12.91
C ARG H 106 -14.64 27.39 12.30
N PRO H 107 -13.68 28.28 12.56
CA PRO H 107 -13.58 29.52 11.76
C PRO H 107 -13.32 29.27 10.28
N SER H 108 -12.48 28.28 9.97
CA SER H 108 -12.06 27.99 8.61
C SER H 108 -13.17 27.45 7.73
N ASP H 109 -14.39 27.28 8.24
CA ASP H 109 -15.50 26.84 7.40
C ASP H 109 -16.07 27.97 6.55
N SER H 110 -15.88 29.23 6.96
CA SER H 110 -16.43 30.35 6.21
C SER H 110 -15.60 30.62 4.96
N ASN H 111 -16.29 30.97 3.88
CA ASN H 111 -15.63 31.16 2.59
C ASN H 111 -14.59 32.28 2.62
N ALA H 112 -14.82 33.33 3.40
CA ALA H 112 -13.88 34.45 3.43
C ALA H 112 -12.47 34.04 3.84
N VAL H 113 -12.34 33.30 4.93
CA VAL H 113 -11.01 32.86 5.33
C VAL H 113 -10.49 31.73 4.45
N SER H 114 -11.38 30.85 3.99
CA SER H 114 -10.95 29.76 3.11
C SER H 114 -10.29 30.31 1.85
N LEU H 115 -10.89 31.34 1.25
CA LEU H 115 -10.31 31.94 0.05
C LEU H 115 -9.12 32.85 0.33
N VAL H 116 -9.13 33.59 1.44
CA VAL H 116 -7.96 34.41 1.75
C VAL H 116 -6.71 33.59 1.98
N MET H 117 -6.83 32.41 2.58
CA MET H 117 -5.64 31.56 2.74
C MET H 117 -5.05 31.16 1.39
N ARG H 118 -5.90 30.80 0.43
CA ARG H 118 -5.42 30.54 -0.93
C ARG H 118 -4.79 31.78 -1.56
N ARG H 119 -5.42 32.93 -1.38
CA ARG H 119 -4.89 34.16 -1.96
C ARG H 119 -3.47 34.46 -1.47
N ILE H 120 -3.25 34.33 -0.17
CA ILE H 120 -1.91 34.53 0.39
C ILE H 120 -0.92 33.50 -0.15
N ARG H 121 -1.33 32.23 -0.22
CA ARG H 121 -0.43 31.21 -0.75
C ARG H 121 -0.03 31.50 -2.19
N LYS H 122 -1.00 31.84 -3.03
CA LYS H 122 -0.72 32.15 -4.42
C LYS H 122 0.23 33.33 -4.54
N GLU H 123 -0.10 34.45 -3.88
CA GLU H 123 0.70 35.66 -4.09
C GLU H 123 2.11 35.50 -3.55
N ASN H 124 2.29 34.87 -2.39
CA ASN H 124 3.64 34.68 -1.87
C ASN H 124 4.45 33.68 -2.70
N VAL H 125 3.82 32.63 -3.22
CA VAL H 125 4.56 31.70 -4.07
C VAL H 125 4.94 32.35 -5.40
N ASP H 126 4.05 33.15 -5.98
CA ASP H 126 4.38 33.92 -7.16
C ASP H 126 5.49 34.95 -6.91
N ALA H 127 5.54 35.53 -5.71
CA ALA H 127 6.69 36.37 -5.38
C ALA H 127 7.98 35.59 -5.14
N GLY H 128 7.95 34.26 -5.08
CA GLY H 128 9.17 33.47 -5.11
C GLY H 128 9.57 32.77 -3.83
N GLU H 129 8.70 32.70 -2.83
CA GLU H 129 9.03 31.97 -1.61
C GLU H 129 9.03 30.46 -1.83
N ARG H 130 9.87 29.77 -1.05
CA ARG H 130 10.04 28.33 -1.19
C ARG H 130 10.52 27.76 0.13
N ALA H 131 10.34 26.45 0.30
CA ALA H 131 10.78 25.75 1.51
C ALA H 131 12.25 25.33 1.41
N LYS H 132 13.02 25.69 2.43
CA LYS H 132 14.44 25.37 2.50
C LYS H 132 14.64 23.92 2.97
N GLN H 133 15.91 23.49 2.95
CA GLN H 133 16.24 22.14 3.41
C GLN H 133 17.61 22.15 4.06
N ALA H 134 17.79 21.24 5.02
CA ALA H 134 19.03 21.15 5.79
C ALA H 134 20.23 20.80 4.92
N LEU H 135 21.38 21.36 5.29
CA LEU H 135 22.64 21.06 4.64
C LEU H 135 23.04 19.61 4.88
N ALA H 136 23.42 18.92 3.81
CA ALA H 136 23.67 17.49 3.86
C ALA H 136 24.95 17.18 4.62
N PHE H 137 25.02 15.94 5.10
CA PHE H 137 26.20 15.36 5.77
C PHE H 137 26.44 13.97 5.18
N GLU H 138 27.40 13.87 4.27
CA GLU H 138 27.57 12.67 3.45
C GLU H 138 28.81 11.87 3.88
N ARG H 139 28.90 10.67 3.30
CA ARG H 139 29.90 9.70 3.72
C ARG H 139 31.33 10.22 3.71
N THR H 140 31.72 11.00 2.70
CA THR H 140 33.08 11.53 2.69
C THR H 140 33.34 12.51 3.83
N ASP H 141 32.30 13.13 4.36
CA ASP H 141 32.46 13.94 5.56
C ASP H 141 32.63 13.06 6.79
N PHE H 142 31.83 12.02 6.90
CA PHE H 142 31.98 11.09 8.02
C PHE H 142 33.37 10.47 8.02
N ASP H 143 33.85 10.02 6.86
CA ASP H 143 35.22 9.52 6.73
C ASP H 143 36.28 10.55 7.12
N GLN H 144 36.06 11.83 6.81
CA GLN H 144 37.06 12.83 7.20
C GLN H 144 37.04 13.09 8.70
N VAL H 145 35.84 13.26 9.27
CA VAL H 145 35.72 13.43 10.71
C VAL H 145 36.36 12.26 11.45
N ARG H 146 36.00 11.04 11.06
CA ARG H 146 36.58 9.85 11.68
C ARG H 146 38.11 9.82 11.53
N SER H 147 38.62 10.17 10.36
CA SER H 147 40.07 10.20 10.17
C SER H 147 40.76 11.16 11.12
N LEU H 148 40.17 12.34 11.35
CA LEU H 148 40.77 13.27 12.30
C LEU H 148 40.62 12.82 13.76
N MET H 149 39.45 12.29 14.13
CA MET H 149 39.13 12.02 15.52
C MET H 149 39.59 10.65 16.01
N GLU H 150 39.88 9.71 15.11
CA GLU H 150 40.14 8.33 15.51
C GLU H 150 41.21 8.21 16.58
N ASN H 151 42.20 9.10 16.59
CA ASN H 151 43.28 9.01 17.57
C ASN H 151 42.91 9.60 18.93
N SER H 152 41.71 10.15 19.09
CA SER H 152 41.38 10.88 20.31
C SER H 152 41.33 9.94 21.51
N ASP H 153 41.88 10.41 22.63
CA ASP H 153 41.76 9.73 23.92
C ASP H 153 40.91 10.49 24.92
N ARG H 154 40.39 11.66 24.55
CA ARG H 154 39.40 12.35 25.38
C ARG H 154 38.07 11.62 25.39
N CYS H 155 37.48 11.54 26.58
CA CYS H 155 36.14 10.97 26.73
C CYS H 155 35.13 11.71 25.87
N GLN H 156 35.26 13.03 25.77
CA GLN H 156 34.30 13.82 25.00
C GLN H 156 34.35 13.46 23.53
N ASP H 157 35.54 13.30 22.95
CA ASP H 157 35.63 12.92 21.55
C ASP H 157 35.09 11.52 21.31
N ILE H 158 35.32 10.61 22.26
CA ILE H 158 34.75 9.25 22.15
C ILE H 158 33.23 9.31 22.11
N ARG H 159 32.63 10.06 23.02
CA ARG H 159 31.18 10.24 23.03
C ARG H 159 30.70 10.83 21.71
N ASN H 160 31.33 11.91 21.25
CA ASN H 160 30.85 12.60 20.07
C ASN H 160 30.94 11.73 18.83
N LEU H 161 32.06 11.04 18.65
CA LEU H 161 32.23 10.19 17.47
C LEU H 161 31.29 8.99 17.49
N ALA H 162 31.06 8.39 18.67
CA ALA H 162 30.09 7.31 18.76
C ALA H 162 28.68 7.80 18.43
N PHE H 163 28.31 8.98 18.91
CA PHE H 163 27.00 9.53 18.59
C PHE H 163 26.85 9.74 17.09
N LEU H 164 27.82 10.41 16.46
CA LEU H 164 27.72 10.64 15.02
C LEU H 164 27.65 9.32 14.23
N GLY H 165 28.38 8.30 14.67
CA GLY H 165 28.27 7.01 14.03
C GLY H 165 26.88 6.41 14.10
N ILE H 166 26.30 6.38 15.30
CA ILE H 166 24.94 5.85 15.45
C ILE H 166 23.95 6.67 14.62
N ALA H 167 24.11 8.00 14.62
CA ALA H 167 23.17 8.85 13.91
C ALA H 167 23.21 8.58 12.41
N TYR H 168 24.41 8.52 11.84
CA TYR H 168 24.52 8.23 10.40
C TYR H 168 24.03 6.83 10.05
N ASN H 169 24.36 5.84 10.88
CA ASN H 169 23.99 4.46 10.53
C ASN H 169 22.50 4.19 10.66
N THR H 170 21.85 4.68 11.72
CA THR H 170 20.46 4.31 11.95
C THR H 170 19.43 5.21 11.27
N LEU H 171 19.79 6.45 10.93
CA LEU H 171 18.80 7.45 10.49
C LEU H 171 17.72 7.72 11.55
N LEU H 172 18.07 7.56 12.82
CA LEU H 172 17.15 7.92 13.90
C LEU H 172 17.02 9.43 14.05
N ARG H 173 15.90 9.85 14.63
CA ARG H 173 15.76 11.23 15.09
C ARG H 173 16.56 11.46 16.37
N ILE H 174 16.96 12.71 16.58
CA ILE H 174 17.71 13.05 17.80
C ILE H 174 16.91 12.74 19.05
N ALA H 175 15.60 13.01 19.01
CA ALA H 175 14.74 12.73 20.15
C ALA H 175 14.75 11.27 20.54
N GLU H 176 14.99 10.36 19.59
CA GLU H 176 14.99 8.95 19.94
C GLU H 176 16.34 8.52 20.49
N ILE H 177 17.42 9.06 19.92
CA ILE H 177 18.75 8.74 20.40
C ILE H 177 18.95 9.24 21.83
N ALA H 178 18.24 10.29 22.22
CA ALA H 178 18.34 10.77 23.60
C ALA H 178 17.80 9.80 24.66
N ARG H 179 17.00 8.80 24.27
CA ARG H 179 16.30 7.95 25.25
C ARG H 179 16.68 6.47 25.18
N ILE H 180 17.84 6.11 24.64
CA ILE H 180 18.26 4.72 24.57
C ILE H 180 18.78 4.26 25.94
N ARG H 181 18.05 3.33 26.56
CA ARG H 181 18.49 2.65 27.77
C ARG H 181 19.52 1.56 27.47
N VAL H 182 20.43 1.34 28.42
CA VAL H 182 21.46 0.31 28.25
C VAL H 182 20.84 -1.06 28.03
N LYS H 183 19.74 -1.36 28.71
CA LYS H 183 19.08 -2.66 28.57
C LYS H 183 18.62 -2.96 27.14
N ASP H 184 18.50 -1.94 26.28
CA ASP H 184 18.07 -2.19 24.91
C ASP H 184 19.20 -2.64 23.99
N ILE H 185 20.44 -2.47 24.39
CA ILE H 185 21.57 -2.88 23.58
C ILE H 185 21.74 -4.39 23.67
N SER H 186 21.81 -5.05 22.52
CA SER H 186 21.81 -6.51 22.46
C SER H 186 22.66 -6.91 21.27
N ARG H 187 22.97 -8.20 21.16
CA ARG H 187 23.91 -8.65 20.15
C ARG H 187 23.31 -9.79 19.33
N THR H 188 23.68 -9.83 18.06
CA THR H 188 23.29 -10.92 17.17
C THR H 188 24.14 -12.15 17.44
N ASP H 189 24.01 -13.16 16.58
CA ASP H 189 24.82 -14.36 16.72
C ASP H 189 26.29 -14.07 16.48
N GLY H 190 26.58 -13.21 15.51
CA GLY H 190 27.91 -12.65 15.33
C GLY H 190 28.18 -11.46 16.23
N GLY H 191 28.99 -10.54 15.71
CA GLY H 191 29.46 -9.41 16.48
C GLY H 191 28.56 -8.20 16.49
N ARG H 192 27.68 -8.08 15.50
CA ARG H 192 26.96 -6.83 15.29
C ARG H 192 25.98 -6.55 16.43
N MET H 193 25.79 -5.25 16.68
CA MET H 193 24.88 -4.75 17.71
C MET H 193 23.47 -4.58 17.15
N LEU H 194 22.49 -4.71 18.05
CA LEU H 194 21.09 -4.47 17.76
C LEU H 194 20.49 -3.57 18.83
N ILE H 195 19.74 -2.56 18.39
CA ILE H 195 19.08 -1.59 19.26
C ILE H 195 17.57 -1.69 19.03
N HIS H 196 16.82 -1.79 20.11
CA HIS H 196 15.36 -1.83 20.09
C HIS H 196 14.80 -0.47 20.47
N ILE H 197 13.95 0.09 19.62
CA ILE H 197 13.65 1.52 19.66
C ILE H 197 12.29 1.80 20.30
N GLY H 198 11.37 0.86 20.21
CA GLY H 198 10.05 1.10 20.77
C GLY H 198 9.25 2.13 19.97
N ARG H 199 8.65 3.08 20.69
CA ARG H 199 7.85 4.11 20.03
C ARG H 199 8.73 5.09 19.25
N THR H 200 8.10 5.76 18.29
CA THR H 200 8.74 6.77 17.46
C THR H 200 7.79 7.95 17.34
N ALA H 201 8.07 8.85 16.39
CA ALA H 201 7.16 9.95 16.11
C ALA H 201 5.80 9.48 15.61
N THR H 202 5.68 8.23 15.18
CA THR H 202 4.41 7.72 14.65
C THR H 202 4.04 6.37 15.25
N LEU H 203 4.98 5.46 15.38
CA LEU H 203 4.71 4.14 15.93
C LEU H 203 4.58 4.23 17.44
N VAL H 204 3.59 3.53 17.99
CA VAL H 204 3.47 3.35 19.43
C VAL H 204 2.98 1.93 19.72
N SER H 205 3.93 1.06 20.08
CA SER H 205 3.63 -0.32 20.41
C SER H 205 4.82 -0.88 21.20
N THR H 206 4.55 -1.94 21.95
CA THR H 206 5.60 -2.64 22.68
C THR H 206 6.36 -3.65 21.81
N ALA H 207 5.91 -3.90 20.58
CA ALA H 207 6.68 -4.70 19.65
C ALA H 207 7.83 -3.89 19.05
N GLY H 208 7.54 -2.68 18.58
CA GLY H 208 8.57 -1.75 18.16
C GLY H 208 9.40 -2.22 16.97
N VAL H 209 10.47 -1.47 16.75
CA VAL H 209 11.41 -1.69 15.65
C VAL H 209 12.79 -1.97 16.22
N GLU H 210 13.53 -2.82 15.51
CA GLU H 210 14.88 -3.21 15.91
C GLU H 210 15.83 -2.98 14.75
N LYS H 211 16.99 -2.36 15.05
CA LYS H 211 17.91 -1.93 14.02
C LYS H 211 19.32 -2.44 14.33
N ALA H 212 20.08 -2.73 13.28
CA ALA H 212 21.42 -3.30 13.40
C ALA H 212 22.49 -2.24 13.18
N LEU H 213 23.71 -2.58 13.60
CA LEU H 213 24.88 -1.74 13.38
C LEU H 213 25.99 -2.56 12.73
N SER H 214 26.80 -1.88 11.91
CA SER H 214 27.90 -2.54 11.21
C SER H 214 29.05 -2.88 12.15
N LEU H 215 29.89 -3.81 11.70
CA LEU H 215 31.12 -4.17 12.38
C LEU H 215 32.08 -3.00 12.57
N GLY H 216 31.86 -1.88 11.91
CA GLY H 216 32.63 -0.68 12.19
C GLY H 216 32.22 0.09 13.43
N VAL H 217 30.97 0.55 13.50
CA VAL H 217 30.58 1.48 14.54
C VAL H 217 30.39 0.80 15.89
N THR H 218 30.21 -0.51 15.92
CA THR H 218 30.10 -1.18 17.22
C THR H 218 31.39 -1.07 18.02
N LYS H 219 32.56 -1.02 17.38
CA LYS H 219 33.77 -0.76 18.13
C LYS H 219 33.72 0.60 18.83
N LEU H 220 33.12 1.59 18.19
CA LEU H 220 32.98 2.92 18.78
C LEU H 220 32.02 2.89 19.97
N VAL H 221 30.86 2.26 19.79
CA VAL H 221 29.89 2.19 20.88
C VAL H 221 30.44 1.39 22.06
N GLU H 222 31.07 0.25 21.78
CA GLU H 222 31.61 -0.57 22.86
C GLU H 222 32.77 0.11 23.57
N ARG H 223 33.59 0.88 22.85
CA ARG H 223 34.59 1.71 23.50
C ARG H 223 33.95 2.73 24.44
N TRP H 224 32.88 3.40 23.97
CA TRP H 224 32.19 4.35 24.84
C TRP H 224 31.67 3.68 26.10
N ILE H 225 30.95 2.57 25.95
CA ILE H 225 30.40 1.90 27.13
C ILE H 225 31.49 1.44 28.07
N SER H 226 32.58 0.89 27.54
CA SER H 226 33.68 0.43 28.39
C SER H 226 34.36 1.58 29.14
N VAL H 227 34.56 2.72 28.49
CA VAL H 227 35.24 3.83 29.16
C VAL H 227 34.32 4.57 30.12
N SER H 228 33.05 4.80 29.76
CA SER H 228 32.18 5.60 30.58
C SER H 228 31.59 4.86 31.77
N GLY H 229 31.60 3.52 31.77
CA GLY H 229 31.09 2.80 32.90
C GLY H 229 29.59 2.86 33.11
N VAL H 230 28.84 3.26 32.09
CA VAL H 230 27.38 3.32 32.20
C VAL H 230 26.75 1.94 32.38
N ALA H 231 27.50 0.87 32.15
CA ALA H 231 26.98 -0.50 32.21
C ALA H 231 26.67 -0.96 33.64
N ASP H 232 26.96 -0.14 34.65
CA ASP H 232 26.80 -0.59 36.03
C ASP H 232 25.35 -0.88 36.40
N ASP H 233 24.39 -0.18 35.80
CA ASP H 233 22.98 -0.44 36.05
C ASP H 233 22.22 -0.47 34.73
N PRO H 234 21.40 -1.49 34.48
CA PRO H 234 20.64 -1.54 33.21
C PRO H 234 19.73 -0.35 32.98
N ASN H 235 19.39 0.44 34.00
CA ASN H 235 18.54 1.61 33.80
C ASN H 235 19.32 2.88 33.44
N ASN H 236 20.65 2.86 33.49
CA ASN H 236 21.41 4.02 33.02
C ASN H 236 21.12 4.30 31.55
N TYR H 237 21.15 5.58 31.19
CA TYR H 237 21.20 5.97 29.79
C TYR H 237 22.61 5.80 29.22
N LEU H 238 22.68 5.66 27.90
CA LEU H 238 23.99 5.60 27.24
C LEU H 238 24.72 6.94 27.26
N PHE H 239 24.00 8.04 27.12
CA PHE H 239 24.61 9.35 26.93
C PHE H 239 24.43 10.22 28.15
N CYS H 240 25.53 10.82 28.61
CA CYS H 240 25.57 11.50 29.89
C CYS H 240 26.36 12.79 29.76
N ARG H 241 26.21 13.67 30.75
CA ARG H 241 27.05 14.85 30.84
C ARG H 241 28.51 14.45 31.08
N VAL H 242 29.42 15.14 30.39
CA VAL H 242 30.85 15.08 30.70
C VAL H 242 31.27 16.48 31.14
N ARG H 243 31.73 16.59 32.38
CA ARG H 243 31.97 17.88 32.98
C ARG H 243 33.31 18.48 32.56
N LYS H 244 33.49 19.75 32.94
CA LYS H 244 34.72 20.47 32.68
C LYS H 244 35.97 19.67 33.08
N ASN H 245 35.87 18.89 34.16
CA ASN H 245 36.99 18.07 34.60
C ASN H 245 37.29 16.91 33.67
N GLY H 246 36.33 16.46 32.87
CA GLY H 246 36.50 15.29 32.04
C GLY H 246 35.89 14.02 32.60
N VAL H 247 35.40 14.06 33.84
CA VAL H 247 34.67 12.93 34.41
C VAL H 247 33.29 12.85 33.79
N ALA H 248 32.81 11.63 33.57
CA ALA H 248 31.46 11.38 33.12
C ALA H 248 30.56 11.09 34.32
N ALA H 249 29.34 11.64 34.29
CA ALA H 249 28.40 11.56 35.41
C ALA H 249 27.20 10.71 35.02
N PRO H 250 27.25 9.39 35.22
CA PRO H 250 26.15 8.54 34.79
C PRO H 250 24.88 8.87 35.56
N SER H 251 23.74 8.64 34.91
CA SER H 251 22.44 8.98 35.48
C SER H 251 21.41 7.98 34.98
N ALA H 252 20.33 7.87 35.75
CA ALA H 252 19.17 7.07 35.37
C ALA H 252 17.86 7.85 35.37
N THR H 253 17.92 9.19 35.46
CA THR H 253 16.72 9.99 35.65
C THR H 253 16.71 11.30 34.86
N SER H 254 17.78 11.67 34.16
CA SER H 254 17.84 12.91 33.40
C SER H 254 18.43 12.64 32.03
N GLN H 255 17.85 13.27 31.01
CA GLN H 255 18.20 13.04 29.62
C GLN H 255 19.01 14.22 29.09
N LEU H 256 20.09 13.93 28.39
CA LEU H 256 20.85 14.97 27.71
C LEU H 256 20.00 15.69 26.66
N SER H 257 19.89 17.00 26.78
CA SER H 257 18.90 17.76 26.03
C SER H 257 19.24 17.76 24.53
N THR H 258 18.19 17.78 23.71
CA THR H 258 18.36 17.93 22.26
C THR H 258 19.10 19.22 21.91
N ARG H 259 18.82 20.30 22.66
CA ARG H 259 19.55 21.54 22.49
C ARG H 259 21.05 21.37 22.69
N ALA H 260 21.45 20.40 23.51
CA ALA H 260 22.87 20.12 23.66
C ALA H 260 23.40 19.21 22.57
N LEU H 261 22.58 18.27 22.08
CA LEU H 261 23.00 17.41 21.00
C LEU H 261 23.25 18.17 19.69
N GLU H 262 22.43 19.19 19.39
CA GLU H 262 22.74 20.04 18.24
C GLU H 262 24.12 20.67 18.32
N GLY H 263 24.59 20.97 19.53
CA GLY H 263 25.90 21.57 19.66
C GLY H 263 27.04 20.67 19.20
N ILE H 264 26.85 19.36 19.21
CA ILE H 264 27.90 18.48 18.71
C ILE H 264 28.10 18.68 17.21
N PHE H 265 26.99 18.78 16.47
CA PHE H 265 27.08 19.05 15.04
C PHE H 265 27.70 20.41 14.77
N GLU H 266 27.23 21.44 15.50
CA GLU H 266 27.78 22.77 15.26
C GLU H 266 29.27 22.85 15.58
N ALA H 267 29.70 22.31 16.71
CA ALA H 267 31.12 22.31 17.07
C ALA H 267 31.97 21.52 16.07
N THR H 268 31.45 20.42 15.54
CA THR H 268 32.21 19.68 14.53
C THR H 268 32.34 20.45 13.24
N HIS H 269 31.24 21.06 12.77
CA HIS H 269 31.34 21.85 11.55
C HIS H 269 32.31 23.01 11.72
N ARG H 270 32.27 23.69 12.86
CA ARG H 270 33.24 24.75 13.12
C ARG H 270 34.67 24.21 13.14
N LEU H 271 34.87 23.00 13.66
CA LEU H 271 36.20 22.39 13.64
C LEU H 271 36.71 22.17 12.22
N ILE H 272 35.82 21.75 11.31
CA ILE H 272 36.26 21.49 9.94
C ILE H 272 36.44 22.77 9.14
N TYR H 273 35.46 23.67 9.17
CA TYR H 273 35.40 24.80 8.25
C TYR H 273 35.62 26.16 8.90
N GLY H 274 35.81 26.23 10.20
CA GLY H 274 35.93 27.50 10.89
C GLY H 274 34.60 28.20 11.11
N ALA H 275 34.71 29.39 11.71
CA ALA H 275 33.56 30.08 12.28
C ALA H 275 32.51 30.45 11.24
N LYS H 276 31.26 30.41 11.70
CA LYS H 276 30.08 30.81 10.95
C LYS H 276 29.94 32.33 10.95
N ASP H 277 29.40 32.87 9.85
CA ASP H 277 29.17 34.30 9.73
C ASP H 277 27.80 34.69 10.27
N ASP H 278 27.61 36.00 10.45
CA ASP H 278 26.42 36.57 11.09
C ASP H 278 25.29 36.86 10.10
N SER H 279 25.24 36.18 8.96
CA SER H 279 24.27 36.52 7.93
C SER H 279 22.83 36.44 8.42
N GLY H 280 22.56 35.65 9.44
CA GLY H 280 21.21 35.55 9.97
C GLY H 280 20.29 34.67 9.15
N GLN H 281 20.82 33.64 8.52
CA GLN H 281 20.04 32.70 7.72
C GLN H 281 20.22 31.31 8.30
N ARG H 282 19.18 30.49 8.18
CA ARG H 282 19.24 29.12 8.68
C ARG H 282 20.12 28.23 7.80
N TYR H 283 20.52 27.10 8.39
CA TYR H 283 21.16 26.00 7.66
C TYR H 283 22.50 26.39 7.06
N LEU H 284 23.21 27.32 7.70
CA LEU H 284 24.58 27.62 7.31
C LEU H 284 25.58 26.61 7.84
N ALA H 285 25.13 25.68 8.70
CA ALA H 285 25.98 24.62 9.21
C ALA H 285 25.13 23.39 9.45
N TRP H 286 25.79 22.24 9.66
CA TRP H 286 25.08 21.01 9.93
C TRP H 286 24.16 21.15 11.14
N SER H 287 23.03 20.48 11.07
CA SER H 287 22.02 20.47 12.13
C SER H 287 21.46 19.07 12.25
N GLY H 288 20.59 18.86 13.24
CA GLY H 288 20.17 17.53 13.61
C GLY H 288 19.55 16.71 12.50
N HIS H 289 18.98 17.37 11.49
CA HIS H 289 18.40 16.67 10.34
C HIS H 289 19.42 16.31 9.26
N SER H 290 20.64 16.84 9.34
CA SER H 290 21.61 16.68 8.25
C SER H 290 21.91 15.22 7.92
N ALA H 291 22.00 14.36 8.93
CA ALA H 291 22.38 12.98 8.67
C ALA H 291 21.28 12.17 7.97
N ARG H 292 20.01 12.47 8.25
CA ARG H 292 18.93 11.81 7.53
C ARG H 292 19.01 12.11 6.05
N VAL H 293 19.14 13.39 5.70
CA VAL H 293 19.23 13.82 4.31
C VAL H 293 20.44 13.19 3.64
N GLY H 294 21.60 13.30 4.27
CA GLY H 294 22.82 12.79 3.64
C GLY H 294 22.80 11.28 3.42
N ALA H 295 22.31 10.52 4.40
CA ALA H 295 22.19 9.08 4.21
C ALA H 295 21.19 8.73 3.09
N ALA H 296 20.04 9.39 3.08
CA ALA H 296 19.05 9.11 2.03
C ALA H 296 19.58 9.41 0.63
N ARG H 297 20.26 10.56 0.47
CA ARG H 297 20.89 10.87 -0.81
C ARG H 297 21.94 9.83 -1.19
N ASP H 298 22.88 9.53 -0.28
CA ASP H 298 23.91 8.55 -0.61
C ASP H 298 23.32 7.21 -1.02
N MET H 299 22.27 6.75 -0.32
CA MET H 299 21.66 5.46 -0.65
C MET H 299 20.90 5.47 -1.97
N ALA H 300 20.15 6.54 -2.25
CA ALA H 300 19.43 6.61 -3.53
C ALA H 300 20.36 6.80 -4.73
N ARG H 301 21.42 7.59 -4.58
CA ARG H 301 22.39 7.74 -5.65
C ARG H 301 23.10 6.44 -5.99
N ALA H 302 23.32 5.56 -5.00
CA ALA H 302 23.91 4.25 -5.25
C ALA H 302 22.97 3.27 -5.95
N GLY H 303 21.70 3.59 -6.12
CA GLY H 303 20.82 2.77 -6.91
C GLY H 303 20.07 1.69 -6.16
N VAL H 304 19.96 1.80 -4.83
CA VAL H 304 19.12 0.88 -4.08
C VAL H 304 17.67 1.02 -4.53
N SER H 305 16.93 -0.08 -4.44
CA SER H 305 15.55 -0.07 -4.88
C SER H 305 14.65 0.65 -3.88
N ILE H 306 13.49 1.10 -4.38
CA ILE H 306 12.54 1.81 -3.53
C ILE H 306 12.13 1.02 -2.30
N PRO H 307 11.77 -0.27 -2.39
CA PRO H 307 11.38 -1.01 -1.17
C PRO H 307 12.46 -1.10 -0.12
N GLU H 308 13.72 -1.24 -0.52
CA GLU H 308 14.80 -1.28 0.47
C GLU H 308 15.04 0.09 1.10
N ILE H 309 14.95 1.17 0.32
CA ILE H 309 15.02 2.50 0.92
C ILE H 309 13.91 2.69 1.94
N MET H 310 12.69 2.29 1.57
CA MET H 310 11.55 2.42 2.49
C MET H 310 11.77 1.63 3.77
N GLN H 311 12.24 0.39 3.66
CA GLN H 311 12.51 -0.39 4.86
C GLN H 311 13.66 0.18 5.69
N ALA H 312 14.67 0.78 5.04
CA ALA H 312 15.75 1.39 5.80
C ALA H 312 15.25 2.60 6.58
N GLY H 313 14.47 3.46 5.95
CA GLY H 313 14.00 4.65 6.63
C GLY H 313 12.79 4.41 7.51
N GLY H 314 11.93 3.48 7.14
CA GLY H 314 10.76 3.16 7.92
C GLY H 314 9.51 3.92 7.56
N TRP H 315 9.55 4.72 6.49
CA TRP H 315 8.38 5.43 6.02
C TRP H 315 7.36 4.46 5.44
N THR H 316 6.12 4.94 5.33
CA THR H 316 5.01 4.13 4.83
C THR H 316 4.60 4.48 3.41
N ASN H 317 4.82 5.71 2.95
CA ASN H 317 4.41 6.15 1.62
C ASN H 317 5.64 6.50 0.81
N VAL H 318 5.68 5.97 -0.43
CA VAL H 318 6.88 6.07 -1.26
C VAL H 318 7.20 7.50 -1.65
N ASN H 319 6.19 8.35 -1.82
CA ASN H 319 6.42 9.73 -2.23
C ASN H 319 7.23 10.52 -1.21
N ILE H 320 7.30 10.07 0.04
CA ILE H 320 8.15 10.74 1.00
C ILE H 320 9.60 10.74 0.53
N VAL H 321 10.02 9.69 -0.18
CA VAL H 321 11.37 9.65 -0.73
C VAL H 321 11.63 10.85 -1.64
N MET H 322 10.63 11.27 -2.40
CA MET H 322 10.78 12.41 -3.30
C MET H 322 10.90 13.73 -2.55
N ASN H 323 10.47 13.79 -1.30
CA ASN H 323 10.77 14.96 -0.48
C ASN H 323 12.23 15.00 -0.04
N TYR H 324 12.87 13.85 0.10
CA TYR H 324 14.26 13.84 0.56
C TYR H 324 15.27 14.14 -0.55
N ILE H 325 15.15 13.47 -1.70
CA ILE H 325 16.16 13.57 -2.75
C ILE H 325 16.01 14.81 -3.62
N ARG H 326 15.19 15.77 -3.17
CA ARG H 326 14.86 16.92 -4.00
C ARG H 326 16.10 17.59 -4.60
N ASN H 327 17.09 17.90 -3.77
CA ASN H 327 18.19 18.78 -4.16
C ASN H 327 19.44 18.03 -4.60
N LEU H 328 19.30 16.86 -5.22
CA LEU H 328 20.45 16.23 -5.86
C LEU H 328 21.13 17.19 -6.82
N ASP H 329 22.44 17.06 -6.93
CA ASP H 329 23.26 18.02 -7.67
C ASP H 329 23.00 17.89 -9.16
N SER H 330 22.30 18.88 -9.73
CA SER H 330 21.95 18.87 -11.15
C SER H 330 23.19 18.86 -12.04
N GLU H 331 24.31 19.42 -11.57
CA GLU H 331 25.51 19.54 -12.39
C GLU H 331 26.24 18.22 -12.59
N THR H 332 25.76 17.14 -11.98
CA THR H 332 26.33 15.81 -12.17
C THR H 332 25.26 14.76 -12.39
N GLY H 333 24.01 15.18 -12.60
CA GLY H 333 22.91 14.28 -12.78
C GLY H 333 22.90 13.57 -14.13
N ALA H 334 21.89 12.72 -14.28
CA ALA H 334 21.82 11.77 -15.38
C ALA H 334 21.94 12.43 -16.75
N MET H 335 21.14 13.47 -17.02
CA MET H 335 21.11 14.07 -18.35
C MET H 335 22.44 14.71 -18.76
N VAL H 336 23.15 15.32 -17.82
CA VAL H 336 24.45 15.90 -18.17
C VAL H 336 25.43 14.81 -18.59
N ARG H 337 25.50 13.72 -17.83
CA ARG H 337 26.36 12.61 -18.22
C ARG H 337 25.93 11.99 -19.54
N LEU H 338 24.62 11.89 -19.76
CA LEU H 338 24.10 11.29 -20.98
C LEU H 338 24.43 12.11 -22.21
N LEU H 339 24.26 13.44 -22.15
CA LEU H 339 24.60 14.28 -23.29
C LEU H 339 26.11 14.47 -23.46
N GLU H 340 26.86 14.49 -22.37
CA GLU H 340 28.31 14.59 -22.47
C GLU H 340 28.97 13.32 -22.99
N ASP H 341 28.22 12.26 -23.20
CA ASP H 341 28.70 11.09 -23.93
C ASP H 341 30.01 10.58 -23.34
#